data_6NFS
# 
_entry.id   6NFS 
# 
_audit_conform.dict_name       mmcif_pdbx.dic 
_audit_conform.dict_version    5.379 
_audit_conform.dict_location   http://mmcif.pdb.org/dictionaries/ascii/mmcif_pdbx.dic 
# 
loop_
_database_2.database_id 
_database_2.database_code 
_database_2.pdbx_database_accession 
_database_2.pdbx_DOI 
PDB   6NFS         pdb_00006nfs 10.2210/pdb6nfs/pdb 
WWPDB D_1000238735 ?            ?                   
# 
_pdbx_database_status.status_code                     REL 
_pdbx_database_status.status_code_sf                  REL 
_pdbx_database_status.status_code_mr                  ? 
_pdbx_database_status.entry_id                        6NFS 
_pdbx_database_status.recvd_initial_deposition_date   2018-12-20 
_pdbx_database_status.SG_entry                        N 
_pdbx_database_status.deposit_site                    RCSB 
_pdbx_database_status.process_site                    RCSB 
_pdbx_database_status.status_code_cs                  ? 
_pdbx_database_status.methods_development_category    ? 
_pdbx_database_status.pdb_format_compatible           Y 
_pdbx_database_status.status_code_nmr_data            ? 
# 
_audit_author.name               'Maher, M.J.' 
_audit_author.pdbx_ordinal       1 
_audit_author.identifier_ORCID   0000-0003-0848-9640 
# 
_citation.abstract                  ? 
_citation.abstract_id_CAS           ? 
_citation.book_id_ISBN              ? 
_citation.book_publisher            ? 
_citation.book_publisher_city       ? 
_citation.book_title                ? 
_citation.coordinate_linkage        ? 
_citation.country                   US 
_citation.database_id_Medline       ? 
_citation.details                   ? 
_citation.id                        primary 
_citation.journal_abbrev            'J. Inorg. Biochem.' 
_citation.journal_id_ASTM           JIBIDJ 
_citation.journal_id_CSD            0525 
_citation.journal_id_ISSN           1873-3344 
_citation.journal_full              ? 
_citation.journal_issue             ? 
_citation.journal_volume            195 
_citation.language                  ? 
_citation.page_first                194 
_citation.page_last                 200 
_citation.title                     
'The crystal structure of the CopC protein from Pseudomonas fluorescens reveals amended classifications for the CopC protein family.' 
_citation.year                      2019 
_citation.database_id_CSD           ? 
_citation.pdbx_database_id_DOI      10.1016/j.jinorgbio.2019.03.007 
_citation.pdbx_database_id_PubMed   30981030 
_citation.unpublished_flag          ? 
# 
loop_
_citation_author.citation_id 
_citation_author.name 
_citation_author.ordinal 
_citation_author.identifier_ORCID 
primary 'Udagedara, S.R.'  1 ? 
primary 'Wijekoon, C.J.K.' 2 ? 
primary 'Xiao, Z.'         3 ? 
primary 'Wedd, A.G.'       4 ? 
primary 'Maher, M.J.'      5 ? 
# 
_cell.angle_alpha                  90.00 
_cell.angle_alpha_esd              ? 
_cell.angle_beta                   90.00 
_cell.angle_beta_esd               ? 
_cell.angle_gamma                  90.00 
_cell.angle_gamma_esd              ? 
_cell.entry_id                     6NFS 
_cell.details                      ? 
_cell.formula_units_Z              ? 
_cell.length_a                     30.584 
_cell.length_a_esd                 ? 
_cell.length_b                     34.753 
_cell.length_b_esd                 ? 
_cell.length_c                     94.679 
_cell.length_c_esd                 ? 
_cell.volume                       ? 
_cell.volume_esd                   ? 
_cell.Z_PDB                        4 
_cell.reciprocal_angle_alpha       ? 
_cell.reciprocal_angle_beta        ? 
_cell.reciprocal_angle_gamma       ? 
_cell.reciprocal_angle_alpha_esd   ? 
_cell.reciprocal_angle_beta_esd    ? 
_cell.reciprocal_angle_gamma_esd   ? 
_cell.reciprocal_length_a          ? 
_cell.reciprocal_length_b          ? 
_cell.reciprocal_length_c          ? 
_cell.reciprocal_length_a_esd      ? 
_cell.reciprocal_length_b_esd      ? 
_cell.reciprocal_length_c_esd      ? 
_cell.pdbx_unique_axis             ? 
# 
_symmetry.entry_id                         6NFS 
_symmetry.cell_setting                     ? 
_symmetry.Int_Tables_number                19 
_symmetry.space_group_name_Hall            ? 
_symmetry.space_group_name_H-M             'P 21 21 21' 
_symmetry.pdbx_full_space_group_name_H-M   ? 
# 
loop_
_entity.id 
_entity.type 
_entity.src_method 
_entity.pdbx_description 
_entity.formula_weight 
_entity.pdbx_number_of_molecules 
_entity.pdbx_ec 
_entity.pdbx_mutation 
_entity.pdbx_fragment 
_entity.details 
1 polymer man CopC  12659.606 1   ? ? ? ? 
2 water   nat water 18.015    104 ? ? ? ? 
# 
_entity_poly.entity_id                      1 
_entity_poly.type                           'polypeptide(L)' 
_entity_poly.nstd_linkage                   no 
_entity_poly.nstd_monomer                   no 
_entity_poly.pdbx_seq_one_letter_code       
;MLIKKALTAVALLASLLGASAAFAFAHLKSATPAADSTVAAPADLRLTFSEGVEATFTKVSLSKDGTEVAIKGLETPDAD
KKTLVVTPAAPLAAGNYKVVWNAVSVDTFKSNGEYSFKVKKK
;
_entity_poly.pdbx_seq_one_letter_code_can   
;MLIKKALTAVALLASLLGASAAFAFAHLKSATPAADSTVAAPADLRLTFSEGVEATFTKVSLSKDGTEVAIKGLETPDAD
KKTLVVTPAAPLAAGNYKVVWNAVSVDTFKSNGEYSFKVKKK
;
_entity_poly.pdbx_strand_id                 A 
_entity_poly.pdbx_target_identifier         ? 
# 
loop_
_entity_poly_seq.entity_id 
_entity_poly_seq.num 
_entity_poly_seq.mon_id 
_entity_poly_seq.hetero 
1 1   MET n 
1 2   LEU n 
1 3   ILE n 
1 4   LYS n 
1 5   LYS n 
1 6   ALA n 
1 7   LEU n 
1 8   THR n 
1 9   ALA n 
1 10  VAL n 
1 11  ALA n 
1 12  LEU n 
1 13  LEU n 
1 14  ALA n 
1 15  SER n 
1 16  LEU n 
1 17  LEU n 
1 18  GLY n 
1 19  ALA n 
1 20  SER n 
1 21  ALA n 
1 22  ALA n 
1 23  PHE n 
1 24  ALA n 
1 25  PHE n 
1 26  ALA n 
1 27  HIS n 
1 28  LEU n 
1 29  LYS n 
1 30  SER n 
1 31  ALA n 
1 32  THR n 
1 33  PRO n 
1 34  ALA n 
1 35  ALA n 
1 36  ASP n 
1 37  SER n 
1 38  THR n 
1 39  VAL n 
1 40  ALA n 
1 41  ALA n 
1 42  PRO n 
1 43  ALA n 
1 44  ASP n 
1 45  LEU n 
1 46  ARG n 
1 47  LEU n 
1 48  THR n 
1 49  PHE n 
1 50  SER n 
1 51  GLU n 
1 52  GLY n 
1 53  VAL n 
1 54  GLU n 
1 55  ALA n 
1 56  THR n 
1 57  PHE n 
1 58  THR n 
1 59  LYS n 
1 60  VAL n 
1 61  SER n 
1 62  LEU n 
1 63  SER n 
1 64  LYS n 
1 65  ASP n 
1 66  GLY n 
1 67  THR n 
1 68  GLU n 
1 69  VAL n 
1 70  ALA n 
1 71  ILE n 
1 72  LYS n 
1 73  GLY n 
1 74  LEU n 
1 75  GLU n 
1 76  THR n 
1 77  PRO n 
1 78  ASP n 
1 79  ALA n 
1 80  ASP n 
1 81  LYS n 
1 82  LYS n 
1 83  THR n 
1 84  LEU n 
1 85  VAL n 
1 86  VAL n 
1 87  THR n 
1 88  PRO n 
1 89  ALA n 
1 90  ALA n 
1 91  PRO n 
1 92  LEU n 
1 93  ALA n 
1 94  ALA n 
1 95  GLY n 
1 96  ASN n 
1 97  TYR n 
1 98  LYS n 
1 99  VAL n 
1 100 VAL n 
1 101 TRP n 
1 102 ASN n 
1 103 ALA n 
1 104 VAL n 
1 105 SER n 
1 106 VAL n 
1 107 ASP n 
1 108 THR n 
1 109 PHE n 
1 110 LYS n 
1 111 SER n 
1 112 ASN n 
1 113 GLY n 
1 114 GLU n 
1 115 TYR n 
1 116 SER n 
1 117 PHE n 
1 118 LYS n 
1 119 VAL n 
1 120 LYS n 
1 121 LYS n 
1 122 LYS n 
# 
_entity_src_gen.entity_id                          1 
_entity_src_gen.pdbx_src_id                        1 
_entity_src_gen.pdbx_alt_source_flag               sample 
_entity_src_gen.pdbx_seq_type                      'Biological sequence' 
_entity_src_gen.pdbx_beg_seq_num                   1 
_entity_src_gen.pdbx_end_seq_num                   122 
_entity_src_gen.gene_src_common_name               ? 
_entity_src_gen.gene_src_genus                     ? 
_entity_src_gen.pdbx_gene_src_gene                 ? 
_entity_src_gen.gene_src_species                   ? 
_entity_src_gen.gene_src_strain                    ? 
_entity_src_gen.gene_src_tissue                    ? 
_entity_src_gen.gene_src_tissue_fraction           ? 
_entity_src_gen.gene_src_details                   ? 
_entity_src_gen.pdbx_gene_src_fragment             ? 
_entity_src_gen.pdbx_gene_src_scientific_name      'Pseudomonas fluorescens' 
_entity_src_gen.pdbx_gene_src_ncbi_taxonomy_id     294 
_entity_src_gen.pdbx_gene_src_variant              ? 
_entity_src_gen.pdbx_gene_src_cell_line            ? 
_entity_src_gen.pdbx_gene_src_atcc                 ? 
_entity_src_gen.pdbx_gene_src_organ                ? 
_entity_src_gen.pdbx_gene_src_organelle            ? 
_entity_src_gen.pdbx_gene_src_cell                 ? 
_entity_src_gen.pdbx_gene_src_cellular_location    ? 
_entity_src_gen.host_org_common_name               ? 
_entity_src_gen.pdbx_host_org_scientific_name      'Escherichia coli' 
_entity_src_gen.pdbx_host_org_ncbi_taxonomy_id     562 
_entity_src_gen.host_org_genus                     ? 
_entity_src_gen.pdbx_host_org_gene                 ? 
_entity_src_gen.pdbx_host_org_organ                ? 
_entity_src_gen.host_org_species                   ? 
_entity_src_gen.pdbx_host_org_tissue               ? 
_entity_src_gen.pdbx_host_org_tissue_fraction      ? 
_entity_src_gen.pdbx_host_org_strain               ? 
_entity_src_gen.pdbx_host_org_variant              ? 
_entity_src_gen.pdbx_host_org_cell_line            ? 
_entity_src_gen.pdbx_host_org_atcc                 ? 
_entity_src_gen.pdbx_host_org_culture_collection   ? 
_entity_src_gen.pdbx_host_org_cell                 ? 
_entity_src_gen.pdbx_host_org_organelle            ? 
_entity_src_gen.pdbx_host_org_cellular_location    ? 
_entity_src_gen.pdbx_host_org_vector_type          ? 
_entity_src_gen.pdbx_host_org_vector               ? 
_entity_src_gen.host_org_details                   ? 
_entity_src_gen.expression_system_id               ? 
_entity_src_gen.plasmid_name                       ? 
_entity_src_gen.plasmid_details                    ? 
_entity_src_gen.pdbx_description                   ? 
# 
_struct_ref.id                         1 
_struct_ref.db_name                    PDB 
_struct_ref.db_code                    6NFS 
_struct_ref.pdbx_db_accession          6NFS 
_struct_ref.pdbx_db_isoform            ? 
_struct_ref.entity_id                  1 
_struct_ref.pdbx_seq_one_letter_code   ? 
_struct_ref.pdbx_align_begin           1 
# 
_struct_ref_seq.align_id                      1 
_struct_ref_seq.ref_id                        1 
_struct_ref_seq.pdbx_PDB_id_code              6NFS 
_struct_ref_seq.pdbx_strand_id                A 
_struct_ref_seq.seq_align_beg                 1 
_struct_ref_seq.pdbx_seq_align_beg_ins_code   ? 
_struct_ref_seq.seq_align_end                 122 
_struct_ref_seq.pdbx_seq_align_end_ins_code   ? 
_struct_ref_seq.pdbx_db_accession             6NFS 
_struct_ref_seq.db_align_beg                  1 
_struct_ref_seq.pdbx_db_align_beg_ins_code    ? 
_struct_ref_seq.db_align_end                  122 
_struct_ref_seq.pdbx_db_align_end_ins_code    ? 
_struct_ref_seq.pdbx_auth_seq_align_beg       1 
_struct_ref_seq.pdbx_auth_seq_align_end       122 
# 
loop_
_chem_comp.id 
_chem_comp.type 
_chem_comp.mon_nstd_flag 
_chem_comp.name 
_chem_comp.pdbx_synonyms 
_chem_comp.formula 
_chem_comp.formula_weight 
ALA 'L-peptide linking' y ALANINE         ? 'C3 H7 N O2'     89.093  
ARG 'L-peptide linking' y ARGININE        ? 'C6 H15 N4 O2 1' 175.209 
ASN 'L-peptide linking' y ASPARAGINE      ? 'C4 H8 N2 O3'    132.118 
ASP 'L-peptide linking' y 'ASPARTIC ACID' ? 'C4 H7 N O4'     133.103 
GLU 'L-peptide linking' y 'GLUTAMIC ACID' ? 'C5 H9 N O4'     147.129 
GLY 'peptide linking'   y GLYCINE         ? 'C2 H5 N O2'     75.067  
HIS 'L-peptide linking' y HISTIDINE       ? 'C6 H10 N3 O2 1' 156.162 
HOH non-polymer         . WATER           ? 'H2 O'           18.015  
ILE 'L-peptide linking' y ISOLEUCINE      ? 'C6 H13 N O2'    131.173 
LEU 'L-peptide linking' y LEUCINE         ? 'C6 H13 N O2'    131.173 
LYS 'L-peptide linking' y LYSINE          ? 'C6 H15 N2 O2 1' 147.195 
MET 'L-peptide linking' y METHIONINE      ? 'C5 H11 N O2 S'  149.211 
PHE 'L-peptide linking' y PHENYLALANINE   ? 'C9 H11 N O2'    165.189 
PRO 'L-peptide linking' y PROLINE         ? 'C5 H9 N O2'     115.130 
SER 'L-peptide linking' y SERINE          ? 'C3 H7 N O3'     105.093 
THR 'L-peptide linking' y THREONINE       ? 'C4 H9 N O3'     119.119 
TRP 'L-peptide linking' y TRYPTOPHAN      ? 'C11 H12 N2 O2'  204.225 
TYR 'L-peptide linking' y TYROSINE        ? 'C9 H11 N O3'    181.189 
VAL 'L-peptide linking' y VALINE          ? 'C5 H11 N O2'    117.146 
# 
_exptl.absorpt_coefficient_mu     ? 
_exptl.absorpt_correction_T_max   ? 
_exptl.absorpt_correction_T_min   ? 
_exptl.absorpt_correction_type    ? 
_exptl.absorpt_process_details    ? 
_exptl.entry_id                   6NFS 
_exptl.crystals_number            1 
_exptl.details                    ? 
_exptl.method                     'X-RAY DIFFRACTION' 
_exptl.method_details             ? 
# 
_exptl_crystal.colour                      ? 
_exptl_crystal.density_diffrn              ? 
_exptl_crystal.density_Matthews            1.99 
_exptl_crystal.density_method              ? 
_exptl_crystal.density_percent_sol         38.11 
_exptl_crystal.description                 ? 
_exptl_crystal.F_000                       ? 
_exptl_crystal.id                          1 
_exptl_crystal.preparation                 ? 
_exptl_crystal.size_max                    ? 
_exptl_crystal.size_mid                    ? 
_exptl_crystal.size_min                    ? 
_exptl_crystal.size_rad                    ? 
_exptl_crystal.colour_lustre               ? 
_exptl_crystal.colour_modifier             ? 
_exptl_crystal.colour_primary              ? 
_exptl_crystal.density_meas                ? 
_exptl_crystal.density_meas_esd            ? 
_exptl_crystal.density_meas_gt             ? 
_exptl_crystal.density_meas_lt             ? 
_exptl_crystal.density_meas_temp           ? 
_exptl_crystal.density_meas_temp_esd       ? 
_exptl_crystal.density_meas_temp_gt        ? 
_exptl_crystal.density_meas_temp_lt        ? 
_exptl_crystal.pdbx_crystal_image_url      ? 
_exptl_crystal.pdbx_crystal_image_format   ? 
_exptl_crystal.pdbx_mosaicity              ? 
_exptl_crystal.pdbx_mosaicity_esd          ? 
# 
_exptl_crystal_grow.apparatus       ? 
_exptl_crystal_grow.atmosphere      ? 
_exptl_crystal_grow.crystal_id      1 
_exptl_crystal_grow.details         ? 
_exptl_crystal_grow.method          'VAPOR DIFFUSION, HANGING DROP' 
_exptl_crystal_grow.method_ref      ? 
_exptl_crystal_grow.pH              7.0 
_exptl_crystal_grow.pressure        ? 
_exptl_crystal_grow.pressure_esd    ? 
_exptl_crystal_grow.seeding         ? 
_exptl_crystal_grow.seeding_ref     ? 
_exptl_crystal_grow.temp            298 
_exptl_crystal_grow.temp_details    ? 
_exptl_crystal_grow.temp_esd        ? 
_exptl_crystal_grow.time            ? 
_exptl_crystal_grow.pdbx_details    '2.7 M ammonium sulfate, 0.1 M Bis-Tris propane, pH 7.0' 
_exptl_crystal_grow.pdbx_pH_range   ? 
# 
_diffrn.ambient_environment              ? 
_diffrn.ambient_temp                     100 
_diffrn.ambient_temp_details             ? 
_diffrn.ambient_temp_esd                 ? 
_diffrn.crystal_id                       1 
_diffrn.crystal_support                  ? 
_diffrn.crystal_treatment                ? 
_diffrn.details                          ? 
_diffrn.id                               1 
_diffrn.ambient_pressure                 ? 
_diffrn.ambient_pressure_esd             ? 
_diffrn.ambient_pressure_gt              ? 
_diffrn.ambient_pressure_lt              ? 
_diffrn.ambient_temp_gt                  ? 
_diffrn.ambient_temp_lt                  ? 
_diffrn.pdbx_serial_crystal_experiment   N 
# 
_diffrn_detector.details                      ? 
_diffrn_detector.detector                     CCD 
_diffrn_detector.diffrn_id                    1 
_diffrn_detector.type                         'ADSC QUANTUM 315r' 
_diffrn_detector.area_resol_mean              ? 
_diffrn_detector.dtime                        ? 
_diffrn_detector.pdbx_frames_total            ? 
_diffrn_detector.pdbx_collection_time_total   ? 
_diffrn_detector.pdbx_collection_date         2015-04-01 
_diffrn_detector.pdbx_frequency               ? 
# 
_diffrn_radiation.collimation                      ? 
_diffrn_radiation.diffrn_id                        1 
_diffrn_radiation.filter_edge                      ? 
_diffrn_radiation.inhomogeneity                    ? 
_diffrn_radiation.monochromator                    ? 
_diffrn_radiation.polarisn_norm                    ? 
_diffrn_radiation.polarisn_ratio                   ? 
_diffrn_radiation.probe                            ? 
_diffrn_radiation.type                             ? 
_diffrn_radiation.xray_symbol                      ? 
_diffrn_radiation.wavelength_id                    1 
_diffrn_radiation.pdbx_monochromatic_or_laue_m_l   M 
_diffrn_radiation.pdbx_wavelength_list             ? 
_diffrn_radiation.pdbx_wavelength                  ? 
_diffrn_radiation.pdbx_diffrn_protocol             'SINGLE WAVELENGTH' 
_diffrn_radiation.pdbx_analyzer                    ? 
_diffrn_radiation.pdbx_scattering_type             x-ray 
# 
_diffrn_radiation_wavelength.id           1 
_diffrn_radiation_wavelength.wavelength   0.9537 
_diffrn_radiation_wavelength.wt           1.0 
# 
_diffrn_source.current                     ? 
_diffrn_source.details                     ? 
_diffrn_source.diffrn_id                   1 
_diffrn_source.power                       ? 
_diffrn_source.size                        ? 
_diffrn_source.source                      SYNCHROTRON 
_diffrn_source.target                      ? 
_diffrn_source.type                        'AUSTRALIAN SYNCHROTRON BEAMLINE MX2' 
_diffrn_source.voltage                     ? 
_diffrn_source.take-off_angle              ? 
_diffrn_source.pdbx_wavelength_list        0.9537 
_diffrn_source.pdbx_wavelength             ? 
_diffrn_source.pdbx_synchrotron_beamline   MX2 
_diffrn_source.pdbx_synchrotron_site       'Australian Synchrotron' 
# 
_reflns.B_iso_Wilson_estimate            ? 
_reflns.entry_id                         6NFS 
_reflns.data_reduction_details           ? 
_reflns.data_reduction_method            ? 
_reflns.d_resolution_high                1.50 
_reflns.d_resolution_low                 32.65 
_reflns.details                          ? 
_reflns.limit_h_max                      ? 
_reflns.limit_h_min                      ? 
_reflns.limit_k_max                      ? 
_reflns.limit_k_min                      ? 
_reflns.limit_l_max                      ? 
_reflns.limit_l_min                      ? 
_reflns.number_all                       ? 
_reflns.number_obs                       16697 
_reflns.observed_criterion               ? 
_reflns.observed_criterion_F_max         ? 
_reflns.observed_criterion_F_min         ? 
_reflns.observed_criterion_I_max         ? 
_reflns.observed_criterion_I_min         ? 
_reflns.observed_criterion_sigma_F       ? 
_reflns.observed_criterion_sigma_I       ? 
_reflns.percent_possible_obs             99.77 
_reflns.R_free_details                   ? 
_reflns.Rmerge_F_all                     ? 
_reflns.Rmerge_F_obs                     ? 
_reflns.Friedel_coverage                 ? 
_reflns.number_gt                        ? 
_reflns.threshold_expression             ? 
_reflns.pdbx_redundancy                  6.8 
_reflns.pdbx_Rmerge_I_obs                ? 
_reflns.pdbx_Rmerge_I_all                ? 
_reflns.pdbx_Rsym_value                  ? 
_reflns.pdbx_netI_over_av_sigmaI         ? 
_reflns.pdbx_netI_over_sigmaI            20.7 
_reflns.pdbx_res_netI_over_av_sigmaI_2   ? 
_reflns.pdbx_res_netI_over_sigmaI_2      ? 
_reflns.pdbx_chi_squared                 ? 
_reflns.pdbx_scaling_rejects             ? 
_reflns.pdbx_d_res_high_opt              ? 
_reflns.pdbx_d_res_low_opt               ? 
_reflns.pdbx_d_res_opt_method            ? 
_reflns.phase_calculation_details        ? 
_reflns.pdbx_Rrim_I_all                  ? 
_reflns.pdbx_Rpim_I_all                  ? 
_reflns.pdbx_d_opt                       ? 
_reflns.pdbx_number_measured_all         ? 
_reflns.pdbx_diffrn_id                   1 
_reflns.pdbx_ordinal                     1 
_reflns.pdbx_CC_half                     ? 
_reflns.pdbx_R_split                     ? 
# 
_reflns_shell.d_res_high                  1.50 
_reflns_shell.d_res_low                   1.54 
_reflns_shell.meanI_over_sigI_all         ? 
_reflns_shell.meanI_over_sigI_obs         ? 
_reflns_shell.number_measured_all         ? 
_reflns_shell.number_measured_obs         ? 
_reflns_shell.number_possible             ? 
_reflns_shell.number_unique_all           ? 
_reflns_shell.number_unique_obs           ? 
_reflns_shell.percent_possible_all        ? 
_reflns_shell.percent_possible_obs        ? 
_reflns_shell.Rmerge_F_all                ? 
_reflns_shell.Rmerge_F_obs                ? 
_reflns_shell.Rmerge_I_all                ? 
_reflns_shell.Rmerge_I_obs                ? 
_reflns_shell.meanI_over_sigI_gt          ? 
_reflns_shell.meanI_over_uI_all           ? 
_reflns_shell.meanI_over_uI_gt            ? 
_reflns_shell.number_measured_gt          ? 
_reflns_shell.number_unique_gt            ? 
_reflns_shell.percent_possible_gt         ? 
_reflns_shell.Rmerge_F_gt                 ? 
_reflns_shell.Rmerge_I_gt                 ? 
_reflns_shell.pdbx_redundancy             ? 
_reflns_shell.pdbx_Rsym_value             ? 
_reflns_shell.pdbx_chi_squared            ? 
_reflns_shell.pdbx_netI_over_sigmaI_all   ? 
_reflns_shell.pdbx_netI_over_sigmaI_obs   ? 
_reflns_shell.pdbx_Rrim_I_all             ? 
_reflns_shell.pdbx_Rpim_I_all             ? 
_reflns_shell.pdbx_rejects                ? 
_reflns_shell.pdbx_ordinal                1 
_reflns_shell.pdbx_diffrn_id              1 
_reflns_shell.pdbx_CC_half                ? 
_reflns_shell.pdbx_R_split                ? 
# 
_refine.aniso_B[1][1]                            -0.50 
_refine.aniso_B[1][2]                            0.00 
_refine.aniso_B[1][3]                            0.00 
_refine.aniso_B[2][2]                            1.99 
_refine.aniso_B[2][3]                            0.00 
_refine.aniso_B[3][3]                            -1.48 
_refine.B_iso_max                                ? 
_refine.B_iso_mean                               18.312 
_refine.B_iso_min                                ? 
_refine.correlation_coeff_Fo_to_Fc               0.965 
_refine.correlation_coeff_Fo_to_Fc_free          0.957 
_refine.details                                  'HYDROGENS HAVE BEEN ADDED IN THE RIDING POSITIONS' 
_refine.diff_density_max                         ? 
_refine.diff_density_max_esd                     ? 
_refine.diff_density_min                         ? 
_refine.diff_density_min_esd                     ? 
_refine.diff_density_rms                         ? 
_refine.diff_density_rms_esd                     ? 
_refine.entry_id                                 6NFS 
_refine.pdbx_refine_id                           'X-RAY DIFFRACTION' 
_refine.ls_abs_structure_details                 ? 
_refine.ls_abs_structure_Flack                   ? 
_refine.ls_abs_structure_Flack_esd               ? 
_refine.ls_abs_structure_Rogers                  ? 
_refine.ls_abs_structure_Rogers_esd              ? 
_refine.ls_d_res_high                            1.50 
_refine.ls_d_res_low                             32.65 
_refine.ls_extinction_coef                       ? 
_refine.ls_extinction_coef_esd                   ? 
_refine.ls_extinction_expression                 ? 
_refine.ls_extinction_method                     ? 
_refine.ls_goodness_of_fit_all                   ? 
_refine.ls_goodness_of_fit_all_esd               ? 
_refine.ls_goodness_of_fit_obs                   ? 
_refine.ls_goodness_of_fit_obs_esd               ? 
_refine.ls_hydrogen_treatment                    ? 
_refine.ls_matrix_type                           ? 
_refine.ls_number_constraints                    ? 
_refine.ls_number_parameters                     ? 
_refine.ls_number_reflns_all                     ? 
_refine.ls_number_reflns_obs                     15981 
_refine.ls_number_reflns_R_free                  837 
_refine.ls_number_reflns_R_work                  ? 
_refine.ls_number_restraints                     ? 
_refine.ls_percent_reflns_obs                    99.77 
_refine.ls_percent_reflns_R_free                 5.0 
_refine.ls_R_factor_all                          ? 
_refine.ls_R_factor_obs                          0.18429 
_refine.ls_R_factor_R_free                       0.21105 
_refine.ls_R_factor_R_free_error                 ? 
_refine.ls_R_factor_R_free_error_details         ? 
_refine.ls_R_factor_R_work                       0.18279 
_refine.ls_R_Fsqd_factor_obs                     ? 
_refine.ls_R_I_factor_obs                        ? 
_refine.ls_redundancy_reflns_all                 ? 
_refine.ls_redundancy_reflns_obs                 ? 
_refine.ls_restrained_S_all                      ? 
_refine.ls_restrained_S_obs                      ? 
_refine.ls_shift_over_esd_max                    ? 
_refine.ls_shift_over_esd_mean                   ? 
_refine.ls_structure_factor_coef                 ? 
_refine.ls_weighting_details                     ? 
_refine.ls_weighting_scheme                      ? 
_refine.ls_wR_factor_all                         ? 
_refine.ls_wR_factor_obs                         ? 
_refine.ls_wR_factor_R_free                      ? 
_refine.ls_wR_factor_R_work                      ? 
_refine.occupancy_max                            ? 
_refine.occupancy_min                            ? 
_refine.solvent_model_details                    ? 
_refine.solvent_model_param_bsol                 ? 
_refine.solvent_model_param_ksol                 ? 
_refine.ls_R_factor_gt                           ? 
_refine.ls_goodness_of_fit_gt                    ? 
_refine.ls_goodness_of_fit_ref                   ? 
_refine.ls_shift_over_su_max                     ? 
_refine.ls_shift_over_su_max_lt                  ? 
_refine.ls_shift_over_su_mean                    ? 
_refine.ls_shift_over_su_mean_lt                 ? 
_refine.pdbx_ls_sigma_I                          ? 
_refine.pdbx_ls_sigma_F                          ? 
_refine.pdbx_ls_sigma_Fsqd                       ? 
_refine.pdbx_data_cutoff_high_absF               ? 
_refine.pdbx_data_cutoff_high_rms_absF           ? 
_refine.pdbx_data_cutoff_low_absF                ? 
_refine.pdbx_isotropic_thermal_model             ? 
_refine.pdbx_ls_cross_valid_method               THROUGHOUT 
_refine.pdbx_method_to_determine_struct          'MOLECULAR REPLACEMENT' 
_refine.pdbx_starting_model                      'PDB entry 6NFR' 
_refine.pdbx_stereochemistry_target_values       ? 
_refine.pdbx_R_Free_selection_details            RANDOM 
_refine.pdbx_stereochem_target_val_spec_case     ? 
_refine.pdbx_overall_ESU_R                       0.071 
_refine.pdbx_overall_ESU_R_Free                  0.073 
_refine.pdbx_solvent_vdw_probe_radii             1.20 
_refine.pdbx_solvent_ion_probe_radii             0.80 
_refine.pdbx_solvent_shrinkage_radii             0.80 
_refine.pdbx_real_space_R                        ? 
_refine.pdbx_density_correlation                 ? 
_refine.pdbx_pd_number_of_powder_patterns        ? 
_refine.pdbx_pd_number_of_points                 ? 
_refine.pdbx_pd_meas_number_of_points            ? 
_refine.pdbx_pd_proc_ls_prof_R_factor            ? 
_refine.pdbx_pd_proc_ls_prof_wR_factor           ? 
_refine.pdbx_pd_Marquardt_correlation_coeff      ? 
_refine.pdbx_pd_Fsqrd_R_factor                   ? 
_refine.pdbx_pd_ls_matrix_band_width             ? 
_refine.pdbx_overall_phase_error                 ? 
_refine.pdbx_overall_SU_R_free_Cruickshank_DPI   ? 
_refine.pdbx_overall_SU_R_free_Blow_DPI          ? 
_refine.pdbx_overall_SU_R_Blow_DPI               ? 
_refine.pdbx_TLS_residual_ADP_flag               ? 
_refine.pdbx_diffrn_id                           1 
_refine.overall_SU_B                             1.530 
_refine.overall_SU_ML                            0.055 
_refine.overall_SU_R_Cruickshank_DPI             ? 
_refine.overall_SU_R_free                        ? 
_refine.overall_FOM_free_R_set                   ? 
_refine.overall_FOM_work_R_set                   ? 
_refine.pdbx_average_fsc_overall                 ? 
_refine.pdbx_average_fsc_work                    ? 
_refine.pdbx_average_fsc_free                    ? 
# 
_refine_hist.pdbx_refine_id                   'X-RAY DIFFRACTION' 
_refine_hist.cycle_id                         1 
_refine_hist.pdbx_number_atoms_protein        720 
_refine_hist.pdbx_number_atoms_nucleic_acid   0 
_refine_hist.pdbx_number_atoms_ligand         0 
_refine_hist.number_atoms_solvent             104 
_refine_hist.number_atoms_total               824 
_refine_hist.d_res_high                       1.50 
_refine_hist.d_res_low                        32.65 
# 
loop_
_refine_ls_restr.pdbx_refine_id 
_refine_ls_restr.criterion 
_refine_ls_restr.dev_ideal 
_refine_ls_restr.dev_ideal_target 
_refine_ls_restr.number 
_refine_ls_restr.rejects 
_refine_ls_restr.type 
_refine_ls_restr.weight 
_refine_ls_restr.pdbx_restraint_function 
'X-RAY DIFFRACTION' ? 0.012  0.014  734  ? r_bond_refined_d             ? ? 
'X-RAY DIFFRACTION' ? 0.001  0.017  701  ? r_bond_other_d               ? ? 
'X-RAY DIFFRACTION' ? 1.545  1.663  998  ? r_angle_refined_deg          ? ? 
'X-RAY DIFFRACTION' ? 0.952  1.654  1634 ? r_angle_other_deg            ? ? 
'X-RAY DIFFRACTION' ? 6.008  5.000  96   ? r_dihedral_angle_1_deg       ? ? 
'X-RAY DIFFRACTION' ? 39.970 24.800 25   ? r_dihedral_angle_2_deg       ? ? 
'X-RAY DIFFRACTION' ? 12.397 15.000 120  ? r_dihedral_angle_3_deg       ? ? 
'X-RAY DIFFRACTION' ? 10.748 15.000 1    ? r_dihedral_angle_4_deg       ? ? 
'X-RAY DIFFRACTION' ? 0.070  0.200  103  ? r_chiral_restr               ? ? 
'X-RAY DIFFRACTION' ? 0.009  0.020  807  ? r_gen_planes_refined         ? ? 
'X-RAY DIFFRACTION' ? 0.001  0.020  133  ? r_gen_planes_other           ? ? 
'X-RAY DIFFRACTION' ? ?      ?      ?    ? r_nbd_refined                ? ? 
'X-RAY DIFFRACTION' ? ?      ?      ?    ? r_nbd_other                  ? ? 
'X-RAY DIFFRACTION' ? ?      ?      ?    ? r_nbtor_refined              ? ? 
'X-RAY DIFFRACTION' ? ?      ?      ?    ? r_nbtor_other                ? ? 
'X-RAY DIFFRACTION' ? ?      ?      ?    ? r_xyhbond_nbd_refined        ? ? 
'X-RAY DIFFRACTION' ? ?      ?      ?    ? r_xyhbond_nbd_other          ? ? 
'X-RAY DIFFRACTION' ? ?      ?      ?    ? r_metal_ion_refined          ? ? 
'X-RAY DIFFRACTION' ? ?      ?      ?    ? r_metal_ion_other            ? ? 
'X-RAY DIFFRACTION' ? ?      ?      ?    ? r_symmetry_vdw_refined       ? ? 
'X-RAY DIFFRACTION' ? ?      ?      ?    ? r_symmetry_vdw_other         ? ? 
'X-RAY DIFFRACTION' ? ?      ?      ?    ? r_symmetry_hbond_refined     ? ? 
'X-RAY DIFFRACTION' ? ?      ?      ?    ? r_symmetry_hbond_other       ? ? 
'X-RAY DIFFRACTION' ? ?      ?      ?    ? r_symmetry_metal_ion_refined ? ? 
'X-RAY DIFFRACTION' ? ?      ?      ?    ? r_symmetry_metal_ion_other   ? ? 
'X-RAY DIFFRACTION' ? 1.551  1.546  387  ? r_mcbond_it                  ? ? 
'X-RAY DIFFRACTION' ? 1.524  1.542  386  ? r_mcbond_other               ? ? 
'X-RAY DIFFRACTION' ? 2.282  2.318  482  ? r_mcangle_it                 ? ? 
'X-RAY DIFFRACTION' ? 2.286  2.320  483  ? r_mcangle_other              ? ? 
'X-RAY DIFFRACTION' ? 2.867  1.916  347  ? r_scbond_it                  ? ? 
'X-RAY DIFFRACTION' ? 2.866  1.918  347  ? r_scbond_other               ? ? 
'X-RAY DIFFRACTION' ? ?      ?      ?    ? r_scangle_it                 ? ? 
'X-RAY DIFFRACTION' ? 4.332  2.708  516  ? r_scangle_other              ? ? 
'X-RAY DIFFRACTION' ? 5.522  20.383 790  ? r_long_range_B_refined       ? ? 
'X-RAY DIFFRACTION' ? 5.454  19.800 765  ? r_long_range_B_other         ? ? 
'X-RAY DIFFRACTION' ? ?      ?      ?    ? r_rigid_bond_restr           ? ? 
'X-RAY DIFFRACTION' ? ?      ?      ?    ? r_sphericity_free            ? ? 
'X-RAY DIFFRACTION' ? ?      ?      ?    ? r_sphericity_bonded          ? ? 
# 
_refine_ls_shell.pdbx_refine_id                   'X-RAY DIFFRACTION' 
_refine_ls_shell.d_res_high                       1.500 
_refine_ls_shell.d_res_low                        1.539 
_refine_ls_shell.number_reflns_all                ? 
_refine_ls_shell.number_reflns_obs                ? 
_refine_ls_shell.number_reflns_R_free             66 
_refine_ls_shell.number_reflns_R_work             1140 
_refine_ls_shell.percent_reflns_obs               99.26 
_refine_ls_shell.percent_reflns_R_free            ? 
_refine_ls_shell.R_factor_all                     ? 
_refine_ls_shell.R_factor_obs                     ? 
_refine_ls_shell.R_factor_R_free                  0.309 
_refine_ls_shell.R_factor_R_free_error            ? 
_refine_ls_shell.R_factor_R_work                  0.257 
_refine_ls_shell.redundancy_reflns_all            ? 
_refine_ls_shell.redundancy_reflns_obs            ? 
_refine_ls_shell.wR_factor_all                    ? 
_refine_ls_shell.wR_factor_obs                    ? 
_refine_ls_shell.wR_factor_R_free                 ? 
_refine_ls_shell.wR_factor_R_work                 ? 
_refine_ls_shell.pdbx_total_number_of_bins_used   20 
_refine_ls_shell.pdbx_phase_error                 ? 
_refine_ls_shell.pdbx_fsc_work                    ? 
_refine_ls_shell.pdbx_fsc_free                    ? 
# 
_struct.entry_id                     6NFS 
_struct.title                        'CopC from Pseudomonas fluorescens' 
_struct.pdbx_model_details           ? 
_struct.pdbx_formula_weight          ? 
_struct.pdbx_formula_weight_method   ? 
_struct.pdbx_model_type_details      ? 
_struct.pdbx_CASP_flag               N 
# 
_struct_keywords.entry_id        6NFS 
_struct_keywords.text            'CopC, metallochaperone, copper binding, METAL BINDING PROTEIN' 
_struct_keywords.pdbx_keywords   'METAL BINDING PROTEIN' 
# 
loop_
_struct_asym.id 
_struct_asym.pdbx_blank_PDB_chainid_flag 
_struct_asym.pdbx_modified 
_struct_asym.entity_id 
_struct_asym.details 
A N N 1 ? 
B N N 2 ? 
# 
_struct_mon_prot_cis.pdbx_id                1 
_struct_mon_prot_cis.label_comp_id          THR 
_struct_mon_prot_cis.label_seq_id           32 
_struct_mon_prot_cis.label_asym_id          A 
_struct_mon_prot_cis.label_alt_id           . 
_struct_mon_prot_cis.pdbx_PDB_ins_code      ? 
_struct_mon_prot_cis.auth_comp_id           THR 
_struct_mon_prot_cis.auth_seq_id            32 
_struct_mon_prot_cis.auth_asym_id           A 
_struct_mon_prot_cis.pdbx_label_comp_id_2   PRO 
_struct_mon_prot_cis.pdbx_label_seq_id_2    33 
_struct_mon_prot_cis.pdbx_label_asym_id_2   A 
_struct_mon_prot_cis.pdbx_PDB_ins_code_2    ? 
_struct_mon_prot_cis.pdbx_auth_comp_id_2    PRO 
_struct_mon_prot_cis.pdbx_auth_seq_id_2     33 
_struct_mon_prot_cis.pdbx_auth_asym_id_2    A 
_struct_mon_prot_cis.pdbx_PDB_model_num     1 
_struct_mon_prot_cis.pdbx_omega_angle       -2.16 
# 
loop_
_struct_sheet.id 
_struct_sheet.type 
_struct_sheet.number_strands 
_struct_sheet.details 
AA1 ? 4 ? 
AA2 ? 5 ? 
# 
loop_
_struct_sheet_order.sheet_id 
_struct_sheet_order.range_id_1 
_struct_sheet_order.range_id_2 
_struct_sheet_order.offset 
_struct_sheet_order.sense 
AA1 1 2 ? anti-parallel 
AA1 2 3 ? anti-parallel 
AA1 3 4 ? anti-parallel 
AA2 1 2 ? parallel      
AA2 2 3 ? anti-parallel 
AA2 3 4 ? anti-parallel 
AA2 4 5 ? anti-parallel 
# 
loop_
_struct_sheet_range.sheet_id 
_struct_sheet_range.id 
_struct_sheet_range.beg_label_comp_id 
_struct_sheet_range.beg_label_asym_id 
_struct_sheet_range.beg_label_seq_id 
_struct_sheet_range.pdbx_beg_PDB_ins_code 
_struct_sheet_range.end_label_comp_id 
_struct_sheet_range.end_label_asym_id 
_struct_sheet_range.end_label_seq_id 
_struct_sheet_range.pdbx_end_PDB_ins_code 
_struct_sheet_range.beg_auth_comp_id 
_struct_sheet_range.beg_auth_asym_id 
_struct_sheet_range.beg_auth_seq_id 
_struct_sheet_range.end_auth_comp_id 
_struct_sheet_range.end_auth_asym_id 
_struct_sheet_range.end_auth_seq_id 
AA1 1 LEU A 28  ? THR A 32  ? LEU A 28  THR A 32  
AA1 2 LEU A 45  ? PHE A 49  ? LEU A 45  PHE A 49  
AA1 3 THR A 83  ? PRO A 88  ? THR A 83  PRO A 88  
AA1 4 ILE A 71  ? GLU A 75  ? ILE A 71  GLU A 75  
AA2 1 THR A 38  ? VAL A 39  ? THR A 38  VAL A 39  
AA2 2 LYS A 110 ? VAL A 119 ? LYS A 110 VAL A 119 
AA2 3 GLY A 95  ? VAL A 104 ? GLY A 95  VAL A 104 
AA2 4 LYS A 59  ? LYS A 64  ? LYS A 59  LYS A 64  
AA2 5 THR A 67  ? VAL A 69  ? THR A 67  VAL A 69  
# 
loop_
_pdbx_struct_sheet_hbond.sheet_id 
_pdbx_struct_sheet_hbond.range_id_1 
_pdbx_struct_sheet_hbond.range_id_2 
_pdbx_struct_sheet_hbond.range_1_label_atom_id 
_pdbx_struct_sheet_hbond.range_1_label_comp_id 
_pdbx_struct_sheet_hbond.range_1_label_asym_id 
_pdbx_struct_sheet_hbond.range_1_label_seq_id 
_pdbx_struct_sheet_hbond.range_1_PDB_ins_code 
_pdbx_struct_sheet_hbond.range_1_auth_atom_id 
_pdbx_struct_sheet_hbond.range_1_auth_comp_id 
_pdbx_struct_sheet_hbond.range_1_auth_asym_id 
_pdbx_struct_sheet_hbond.range_1_auth_seq_id 
_pdbx_struct_sheet_hbond.range_2_label_atom_id 
_pdbx_struct_sheet_hbond.range_2_label_comp_id 
_pdbx_struct_sheet_hbond.range_2_label_asym_id 
_pdbx_struct_sheet_hbond.range_2_label_seq_id 
_pdbx_struct_sheet_hbond.range_2_PDB_ins_code 
_pdbx_struct_sheet_hbond.range_2_auth_atom_id 
_pdbx_struct_sheet_hbond.range_2_auth_comp_id 
_pdbx_struct_sheet_hbond.range_2_auth_asym_id 
_pdbx_struct_sheet_hbond.range_2_auth_seq_id 
AA1 1 2 N SER A 30  ? N SER A 30  O THR A 48  ? O THR A 48  
AA1 2 3 N LEU A 47  ? N LEU A 47  O LEU A 84  ? O LEU A 84  
AA1 3 4 O VAL A 85  ? O VAL A 85  N GLU A 75  ? N GLU A 75  
AA2 1 2 N VAL A 39  ? N VAL A 39  O LYS A 118 ? O LYS A 118 
AA2 2 3 O TYR A 115 ? O TYR A 115 N VAL A 99  ? N VAL A 99  
AA2 3 4 O ASN A 102 ? O ASN A 102 N LYS A 59  ? N LYS A 59  
AA2 4 5 N LEU A 62  ? N LEU A 62  O VAL A 69  ? O VAL A 69  
# 
_atom_sites.entry_id                    6NFS 
_atom_sites.fract_transf_matrix[1][1]   0.01463305 
_atom_sites.fract_transf_matrix[1][2]   0.01955917 
_atom_sites.fract_transf_matrix[1][3]   -0.02173492 
_atom_sites.fract_transf_matrix[2][1]   0.01962349 
_atom_sites.fract_transf_matrix[2][2]   -0.02040433 
_atom_sites.fract_transf_matrix[2][3]   -0.00515025 
_atom_sites.fract_transf_matrix[3][1]   -0.00610961 
_atom_sites.fract_transf_matrix[3][2]   -0.00394214 
_atom_sites.fract_transf_matrix[3][3]   -0.00766081 
_atom_sites.fract_transf_vector[1]      -0.064787 
_atom_sites.fract_transf_vector[2]      0.285901 
_atom_sites.fract_transf_vector[3]      -0.135559 
# 
loop_
_atom_type.symbol 
C 
N 
O 
# 
loop_
_atom_site.group_PDB 
_atom_site.id 
_atom_site.type_symbol 
_atom_site.label_atom_id 
_atom_site.label_alt_id 
_atom_site.label_comp_id 
_atom_site.label_asym_id 
_atom_site.label_entity_id 
_atom_site.label_seq_id 
_atom_site.pdbx_PDB_ins_code 
_atom_site.Cartn_x 
_atom_site.Cartn_y 
_atom_site.Cartn_z 
_atom_site.occupancy 
_atom_site.B_iso_or_equiv 
_atom_site.pdbx_formal_charge 
_atom_site.auth_seq_id 
_atom_site.auth_comp_id 
_atom_site.auth_asym_id 
_atom_site.auth_atom_id 
_atom_site.pdbx_PDB_model_num 
ATOM   1   N N   . PHE A 1 25  ? -15.157 -5.013  -8.303  1.00 34.15 ? 25  PHE A N   1 
ATOM   2   C CA  . PHE A 1 25  ? -14.149 -5.270  -7.247  1.00 27.57 ? 25  PHE A CA  1 
ATOM   3   C C   . PHE A 1 25  ? -13.102 -4.151  -7.248  1.00 23.00 ? 25  PHE A C   1 
ATOM   4   O O   . PHE A 1 25  ? -13.069 -3.346  -8.158  1.00 25.89 ? 25  PHE A O   1 
ATOM   5   C CB  . PHE A 1 25  ? -13.549 -6.657  -7.426  1.00 30.43 ? 25  PHE A CB  1 
ATOM   6   C CG  . PHE A 1 25  ? -12.897 -6.958  -8.744  1.00 29.62 ? 25  PHE A CG  1 
ATOM   7   C CD1 . PHE A 1 25  ? -13.484 -7.870  -9.610  1.00 30.59 ? 25  PHE A CD1 1 
ATOM   8   C CD2 . PHE A 1 25  ? -11.646 -6.455  -9.063  1.00 31.78 ? 25  PHE A CD2 1 
ATOM   9   C CE1 . PHE A 1 25  ? -12.864 -8.200  -10.806 1.00 34.56 ? 25  PHE A CE1 1 
ATOM   10  C CE2 . PHE A 1 25  ? -11.019 -6.801  -10.251 1.00 33.06 ? 25  PHE A CE2 1 
ATOM   11  C CZ  . PHE A 1 25  ? -11.627 -7.674  -11.123 1.00 35.36 ? 25  PHE A CZ  1 
ATOM   12  N N   . ALA A 1 26  ? -12.205 -4.143  -6.250  1.00 16.91 ? 26  ALA A N   1 
ATOM   13  C CA  . ALA A 1 26  ? -11.301 -2.996  -6.055  1.00 17.63 ? 26  ALA A CA  1 
ATOM   14  C C   . ALA A 1 26  ? -10.074 -3.101  -6.974  1.00 16.93 ? 26  ALA A C   1 
ATOM   15  O O   . ALA A 1 26  ? -9.313  -4.092  -6.953  1.00 21.27 ? 26  ALA A O   1 
ATOM   16  C CB  . ALA A 1 26  ? -10.894 -2.914  -4.602  1.00 17.74 ? 26  ALA A CB  1 
ATOM   17  N N   . HIS A 1 27  ? -9.870  -2.062  -7.789  1.00 15.69 ? 27  HIS A N   1 
ATOM   18  C CA  . HIS A 1 27  ? -8.668  -1.900  -8.565  1.00 17.76 ? 27  HIS A CA  1 
ATOM   19  C C   . HIS A 1 27  ? -7.885  -0.722  -7.990  1.00 15.10 ? 27  HIS A C   1 
ATOM   20  O O   . HIS A 1 27  ? -8.454  0.258   -7.534  1.00 14.63 ? 27  HIS A O   1 
ATOM   21  C CB  . HIS A 1 27  ? -8.974  -1.581  -10.022 1.00 20.43 ? 27  HIS A CB  1 
ATOM   22  C CG  . HIS A 1 27  ? -10.015 -2.428  -10.674 1.00 27.77 ? 27  HIS A CG  1 
ATOM   23  N ND1 . HIS A 1 27  ? -9.846  -3.772  -10.849 1.00 31.60 ? 27  HIS A ND1 1 
ATOM   24  C CD2 . HIS A 1 27  ? -11.182 -2.099  -11.267 1.00 32.19 ? 27  HIS A CD2 1 
ATOM   25  C CE1 . HIS A 1 27  ? -10.873 -4.245  -11.525 1.00 29.20 ? 27  HIS A CE1 1 
ATOM   26  N NE2 . HIS A 1 27  ? -11.715 -3.257  -11.746 1.00 31.80 ? 27  HIS A NE2 1 
ATOM   27  N N   . LEU A 1 28  ? -6.568  -0.800  -8.037  1.00 14.27 ? 28  LEU A N   1 
ATOM   28  C CA  . LEU A 1 28  ? -5.734  0.309   -7.583  1.00 14.04 ? 28  LEU A CA  1 
ATOM   29  C C   . LEU A 1 28  ? -5.762  1.395   -8.647  1.00 13.86 ? 28  LEU A C   1 
ATOM   30  O O   . LEU A 1 28  ? -5.402  1.165   -9.798  1.00 17.47 ? 28  LEU A O   1 
ATOM   31  C CB  . LEU A 1 28  ? -4.304  -0.159  -7.330  1.00 12.66 ? 28  LEU A CB  1 
ATOM   32  C CG  . LEU A 1 28  ? -3.384  0.868   -6.682  1.00 13.53 ? 28  LEU A CG  1 
ATOM   33  C CD1 . LEU A 1 28  ? -3.956  1.372   -5.339  1.00 12.22 ? 28  LEU A CD1 1 
ATOM   34  C CD2 . LEU A 1 28  ? -2.019  0.268   -6.525  1.00 15.03 ? 28  LEU A CD2 1 
ATOM   35  N N   . LYS A 1 29  ? -6.101  2.598   -8.228  1.00 13.18 ? 29  LYS A N   1 
ATOM   36  C CA  . LYS A 1 29  ? -6.232  3.748   -9.122  1.00 16.37 ? 29  LYS A CA  1 
ATOM   37  C C   . LYS A 1 29  ? -5.060  4.705   -8.990  1.00 15.65 ? 29  LYS A C   1 
ATOM   38  O O   . LYS A 1 29  ? -4.650  5.335   -9.957  1.00 17.43 ? 29  LYS A O   1 
ATOM   39  C CB  . LYS A 1 29  ? -7.479  4.548   -8.780  1.00 19.84 ? 29  LYS A CB  1 
ATOM   40  C CG  . LYS A 1 29  ? -8.755  3.865   -9.211  1.00 24.27 ? 29  LYS A CG  1 
ATOM   41  C CD  . LYS A 1 29  ? -9.938  4.779   -9.212  1.00 30.47 ? 29  LYS A CD  1 
ATOM   42  C CE  . LYS A 1 29  ? -9.696  6.041   -10.007 1.00 33.03 ? 29  LYS A CE  1 
ATOM   43  N NZ  . LYS A 1 29  ? -10.904 6.890   -9.991  1.00 39.57 ? 29  LYS A NZ  1 
ATOM   44  N N   . SER A 1 30  ? -4.545  4.842   -7.773  1.00 16.22 ? 30  SER A N   1 
ATOM   45  C CA  . SER A 1 30  ? -3.376  5.712   -7.551  1.00 14.45 ? 30  SER A CA  1 
ATOM   46  C C   . SER A 1 30  ? -2.707  5.351   -6.219  1.00 13.64 ? 30  SER A C   1 
ATOM   47  O O   . SER A 1 30  ? -3.337  4.724   -5.384  1.00 12.82 ? 30  SER A O   1 
ATOM   48  C CB  . SER A 1 30  ? -3.741  7.152   -7.563  1.00 16.32 ? 30  SER A CB  1 
ATOM   49  O OG  . SER A 1 30  ? -4.575  7.517   -6.481  1.00 18.06 ? 30  SER A OG  1 
ATOM   50  N N   . ALA A 1 31  ? -1.460  5.789   -6.055  1.00 12.99 ? 31  ALA A N   1 
ATOM   51  C CA  . ALA A 1 31  ? -0.771  5.608   -4.792  1.00 12.37 ? 31  ALA A CA  1 
ATOM   52  C C   . ALA A 1 31  ? 0.130   6.801   -4.498  1.00 13.02 ? 31  ALA A C   1 
ATOM   53  O O   . ALA A 1 31  ? 0.516   7.554   -5.400  1.00 12.49 ? 31  ALA A O   1 
ATOM   54  C CB  . ALA A 1 31  ? 0.026   4.318   -4.878  1.00 13.34 ? 31  ALA A CB  1 
ATOM   55  N N   . THR A 1 32  ? 0.442   7.009   -3.222  1.00 13.42 ? 32  THR A N   1 
ATOM   56  C CA  . THR A 1 32  ? 1.428   7.962   -2.767  1.00 15.09 ? 32  THR A CA  1 
ATOM   57  C C   . THR A 1 32  ? 2.333   7.202   -1.804  1.00 16.19 ? 32  THR A C   1 
ATOM   58  O O   . THR A 1 32  ? 1.839   6.762   -0.756  1.00 16.96 ? 32  THR A O   1 
ATOM   59  C CB  . THR A 1 32  ? 0.747   9.171   -2.100  1.00 16.76 ? 32  THR A CB  1 
ATOM   60  O OG1 . THR A 1 32  ? -0.200  9.744   -3.012  1.00 19.03 ? 32  THR A OG1 1 
ATOM   61  C CG2 . THR A 1 32  ? 1.763   10.199  -1.669  1.00 18.80 ? 32  THR A CG2 1 
ATOM   62  N N   . PRO A 1 33  ? 3.619   7.022   -2.114  1.00 15.06 ? 33  PRO A N   1 
ATOM   63  C CA  . PRO A 1 33  ? 4.301   7.439   -3.331  1.00 15.27 ? 33  PRO A CA  1 
ATOM   64  C C   . PRO A 1 33  ? 3.702   6.815   -4.592  1.00 13.89 ? 33  PRO A C   1 
ATOM   65  O O   . PRO A 1 33  ? 3.219   5.668   -4.564  1.00 13.74 ? 33  PRO A O   1 
ATOM   66  C CB  . PRO A 1 33  ? 5.735   6.931   -3.190  1.00 16.73 ? 33  PRO A CB  1 
ATOM   67  C CG  . PRO A 1 33  ? 5.927   6.837   -1.704  1.00 16.13 ? 33  PRO A CG  1 
ATOM   68  C CD  . PRO A 1 33  ? 4.573   6.409   -1.191  1.00 15.49 ? 33  PRO A CD  1 
ATOM   69  N N   . ALA A 1 34  ? 3.767   7.570   -5.688  1.00 13.76 ? 34  ALA A N   1 
ATOM   70  C CA  . ALA A 1 34  ? 3.182   7.088   -6.921  1.00 14.72 ? 34  ALA A CA  1 
ATOM   71  C C   . ALA A 1 34  ? 3.976   5.906   -7.487  1.00 14.44 ? 34  ALA A C   1 
ATOM   72  O O   . ALA A 1 34  ? 5.189   5.706   -7.251  1.00 15.29 ? 34  ALA A O   1 
ATOM   73  C CB  . ALA A 1 34  ? 3.101   8.243   -7.889  1.00 15.21 ? 34  ALA A CB  1 
ATOM   74  N N   . ALA A 1 35  ? 3.290   5.092   -8.311  1.00 15.92 ? 35  ALA A N   1 
ATOM   75  C CA  . ALA A 1 35  ? 3.926   4.017   -9.000  1.00 16.27 ? 35  ALA A CA  1 
ATOM   76  C C   . ALA A 1 35  ? 5.075   4.554   -9.861  1.00 15.64 ? 35  ALA A C   1 
ATOM   77  O O   . ALA A 1 35  ? 4.895   5.584   -10.551 1.00 17.81 ? 35  ALA A O   1 
ATOM   78  C CB  . ALA A 1 35  ? 2.877   3.318   -9.826  1.00 18.92 ? 35  ALA A CB  1 
ATOM   79  N N   . ASP A 1 36  ? 6.236   3.908   -9.748  1.00 15.06 ? 36  ASP A N   1 
ATOM   80  C CA  . ASP A 1 36  ? 7.470   4.165   -10.496 1.00 15.88 ? 36  ASP A CA  1 
ATOM   81  C C   . ASP A 1 36  ? 8.093   5.523   -10.126 1.00 16.30 ? 36  ASP A C   1 
ATOM   82  O O   . ASP A 1 36  ? 8.980   5.995   -10.851 1.00 16.39 ? 36  ASP A O   1 
ATOM   83  C CB  . ASP A 1 36  ? 7.224   4.037   -12.002 1.00 17.73 ? 36  ASP A CB  1 
ATOM   84  C CG  . ASP A 1 36  ? 6.806   2.647   -12.429 1.00 21.54 ? 36  ASP A CG  1 
ATOM   85  O OD1 . ASP A 1 36  ? 7.154   1.687   -11.722 1.00 22.17 ? 36  ASP A OD1 1 
ATOM   86  O OD2 . ASP A 1 36  ? 6.186   2.533   -13.495 1.00 25.77 ? 36  ASP A OD2 1 
ATOM   87  N N   . SER A 1 37  ? 7.665   6.131   -9.016  1.00 14.26 ? 37  SER A N   1 
ATOM   88  C CA  . SER A 1 37  ? 8.234   7.374   -8.544  1.00 14.21 ? 37  SER A CA  1 
ATOM   89  C C   . SER A 1 37  ? 9.549   7.103   -7.817  1.00 15.77 ? 37  SER A C   1 
ATOM   90  O O   . SER A 1 37  ? 9.849   5.962   -7.401  1.00 14.15 ? 37  SER A O   1 
ATOM   91  C CB  . SER A 1 37  ? 7.292   8.133   -7.645  1.00 15.17 ? 37  SER A CB  1 
ATOM   92  O OG  . SER A 1 37  ? 7.064   7.425   -6.419  1.00 15.05 ? 37  SER A OG  1 
ATOM   93  N N   . THR A 1 38  ? 10.324  8.179   -7.644  1.00 14.03 ? 38  THR A N   1 
ATOM   94  C CA  . THR A 1 38  ? 11.513  8.208   -6.820  1.00 14.48 ? 38  THR A CA  1 
ATOM   95  C C   . THR A 1 38  ? 11.325  9.344   -5.824  1.00 15.46 ? 38  THR A C   1 
ATOM   96  O O   . THR A 1 38  ? 11.288  10.500  -6.258  1.00 17.05 ? 38  THR A O   1 
ATOM   97  C CB  . THR A 1 38  ? 12.789  8.397   -7.655  1.00 16.12 ? 38  THR A CB  1 
ATOM   98  O OG1 . THR A 1 38  ? 12.874  7.318   -8.567  1.00 18.42 ? 38  THR A OG1 1 
ATOM   99  C CG2 . THR A 1 38  ? 14.044  8.428   -6.805  1.00 19.51 ? 38  THR A CG2 1 
ATOM   100 N N   . VAL A 1 39  ? 11.218  9.037   -4.531  1.00 14.83 ? 39  VAL A N   1 
ATOM   101 C CA  . VAL A 1 39  ? 10.804  10.038  -3.562  1.00 15.60 ? 39  VAL A CA  1 
ATOM   102 C C   . VAL A 1 39  ? 11.688  9.998   -2.316  1.00 14.79 ? 39  VAL A C   1 
ATOM   103 O O   . VAL A 1 39  ? 12.314  8.993   -2.012  1.00 15.10 ? 39  VAL A O   1 
ATOM   104 C CB  . VAL A 1 39  ? 9.339   9.831   -3.170  1.00 16.72 ? 39  VAL A CB  1 
ATOM   105 C CG1 . VAL A 1 39  ? 8.411   10.011  -4.355  1.00 19.00 ? 39  VAL A CG1 1 
ATOM   106 C CG2 . VAL A 1 39  ? 9.147   8.489   -2.485  1.00 15.70 ? 39  VAL A CG2 1 
ATOM   107 N N   . ALA A 1 40  ? 11.660  11.070  -1.536  1.00 15.38 ? 40  ALA A N   1 
ATOM   108 C CA  . ALA A 1 40  ? 12.156  11.025  -0.160  1.00 15.93 ? 40  ALA A CA  1 
ATOM   109 C C   . ALA A 1 40  ? 11.272  10.080  0.659   1.00 15.47 ? 40  ALA A C   1 
ATOM   110 O O   . ALA A 1 40  ? 10.085  9.900   0.346   1.00 16.64 ? 40  ALA A O   1 
ATOM   111 C CB  . ALA A 1 40  ? 12.140  12.400  0.440   1.00 18.81 ? 40  ALA A CB  1 
ATOM   112 N N   . ALA A 1 41  ? 11.838  9.497   1.714   1.00 14.23 ? 41  ALA A N   1 
ATOM   113 C CA  . ALA A 1 41  ? 11.108  8.533   2.514   1.00 15.49 ? 41  ALA A CA  1 
ATOM   114 C C   . ALA A 1 41  ? 9.774   9.100   2.978   1.00 15.94 ? 41  ALA A C   1 
ATOM   115 O O   . ALA A 1 41  ? 9.772   10.123  3.652   1.00 16.43 ? 41  ALA A O   1 
ATOM   116 C CB  . ALA A 1 41  ? 11.903  8.121   3.728   1.00 16.27 ? 41  ALA A CB  1 
ATOM   117 N N   . PRO A 1 42  ? 8.662   8.377   2.721   1.00 15.18 ? 42  PRO A N   1 
ATOM   118 C CA  . PRO A 1 42  ? 7.351   8.711   3.264   1.00 15.70 ? 42  PRO A CA  1 
ATOM   119 C C   . PRO A 1 42  ? 7.130   8.058   4.629   1.00 15.50 ? 42  PRO A C   1 
ATOM   120 O O   . PRO A 1 42  ? 7.690   7.001   4.922   1.00 15.79 ? 42  PRO A O   1 
ATOM   121 C CB  . PRO A 1 42  ? 6.416   8.104   2.220   1.00 16.52 ? 42  PRO A CB  1 
ATOM   122 C CG  . PRO A 1 42  ? 7.111   6.837   1.828   1.00 16.47 ? 42  PRO A CG  1 
ATOM   123 C CD  . PRO A 1 42  ? 8.584   7.200   1.826   1.00 17.16 ? 42  PRO A CD  1 
ATOM   124 N N   . ALA A 1 43  ? 6.274   8.651   5.451   1.00 15.04 ? 43  ALA A N   1 
ATOM   125 C CA  . ALA A 1 43  ? 5.951   8.075   6.740   1.00 14.66 ? 43  ALA A CA  1 
ATOM   126 C C   . ALA A 1 43  ? 4.978   6.887   6.645   1.00 13.83 ? 43  ALA A C   1 
ATOM   127 O O   . ALA A 1 43  ? 4.842   6.116   7.567   1.00 14.05 ? 43  ALA A O   1 
ATOM   128 C CB  . ALA A 1 43  ? 5.392   9.133   7.654   1.00 15.82 ? 43  ALA A CB  1 
ATOM   129 N N   . ASP A 1 44  ? 4.215   6.827   5.544   1.00 13.36 ? 44  ASP A N   1 
ATOM   130 C CA  . ASP A 1 44  ? 3.257   5.787   5.259   1.00 13.00 ? 44  ASP A CA  1 
ATOM   131 C C   . ASP A 1 44  ? 3.027   5.757   3.748   1.00 13.13 ? 44  ASP A C   1 
ATOM   132 O O   . ASP A 1 44  ? 3.491   6.614   3.042   1.00 14.40 ? 44  ASP A O   1 
ATOM   133 C CB  . ASP A 1 44  ? 1.972   5.910   6.095   1.00 14.09 ? 44  ASP A CB  1 
ATOM   134 C CG  . ASP A 1 44  ? 1.270   7.247   5.916   1.00 15.98 ? 44  ASP A CG  1 
ATOM   135 O OD1 . ASP A 1 44  ? 1.167   7.705   4.777   1.00 17.20 ? 44  ASP A OD1 1 
ATOM   136 O OD2 . ASP A 1 44  ? 0.824   7.802   6.939   1.00 18.85 ? 44  ASP A OD2 1 
ATOM   137 N N   . LEU A 1 45  ? 2.437   4.652   3.269   1.00 12.37 ? 45  LEU A N   1 
ATOM   138 C CA  . LEU A 1 45  ? 2.027   4.517   1.883   1.00 11.63 ? 45  LEU A CA  1 
ATOM   139 C C   . LEU A 1 45  ? 0.510   4.662   1.851   1.00 11.74 ? 45  LEU A C   1 
ATOM   140 O O   . LEU A 1 45  ? -0.166  4.150   2.724   1.00 13.10 ? 45  LEU A O   1 
ATOM   141 C CB  . LEU A 1 45  ? 2.387   3.142   1.317   1.00 13.18 ? 45  LEU A CB  1 
ATOM   142 C CG  . LEU A 1 45  ? 3.754   2.616   1.669   1.00 16.81 ? 45  LEU A CG  1 
ATOM   143 C CD1 . LEU A 1 45  ? 3.964   1.290   0.936   1.00 19.04 ? 45  LEU A CD1 1 
ATOM   144 C CD2 . LEU A 1 45  ? 4.816   3.599   1.304   1.00 17.17 ? 45  LEU A CD2 1 
ATOM   145 N N   . ARG A 1 46  ? -0.013  5.319   0.812   1.00 11.50 ? 46  ARG A N   1 
ATOM   146 C CA  . ARG A 1 46  ? -1.439  5.509   0.686   1.00 12.51 ? 46  ARG A CA  1 
ATOM   147 C C   . ARG A 1 46  ? -1.883  4.994   -0.680  1.00 11.42 ? 46  ARG A C   1 
ATOM   148 O O   . ARG A 1 46  ? -1.390  5.453   -1.691  1.00 13.59 ? 46  ARG A O   1 
ATOM   149 C CB  . ARG A 1 46  ? -1.810  6.966   0.911   1.00 13.49 ? 46  ARG A CB  1 
ATOM   150 C CG  . ARG A 1 46  ? -1.314  7.418   2.271   1.00 13.84 ? 46  ARG A CG  1 
ATOM   151 C CD  . ARG A 1 46  ? -1.749  8.811   2.639   1.00 14.16 ? 46  ARG A CD  1 
ATOM   152 N NE  . ARG A 1 46  ? -1.232  9.045   3.981   1.00 14.93 ? 46  ARG A NE  1 
ATOM   153 C CZ  . ARG A 1 46  ? -1.588  10.084  4.713   1.00 16.05 ? 46  ARG A CZ  1 
ATOM   154 N NH1 . ARG A 1 46  ? -2.471  10.929  4.208   1.00 16.63 ? 46  ARG A NH1 1 
ATOM   155 N NH2 . ARG A 1 46  ? -1.010  10.298  5.886   1.00 14.56 ? 46  ARG A NH2 1 
ATOM   156 N N   . LEU A 1 47  ? -2.761  4.009   -0.660  1.00 10.94 ? 47  LEU A N   1 
ATOM   157 C CA  . LEU A 1 47  ? -3.238  3.333   -1.888  1.00 11.18 ? 47  LEU A CA  1 
ATOM   158 C C   . LEU A 1 47  ? -4.703  3.731   -2.058  1.00 11.35 ? 47  LEU A C   1 
ATOM   159 O O   . LEU A 1 47  ? -5.475  3.504   -1.116  1.00 12.81 ? 47  LEU A O   1 
ATOM   160 C CB  . LEU A 1 47  ? -3.109  1.811   -1.747  1.00 11.97 ? 47  LEU A CB  1 
ATOM   161 C CG  . LEU A 1 47  ? -1.708  1.222   -1.925  1.00 12.35 ? 47  LEU A CG  1 
ATOM   162 C CD1 . LEU A 1 47  ? -0.775  1.657   -0.808  1.00 12.42 ? 47  LEU A CD1 1 
ATOM   163 C CD2 . LEU A 1 47  ? -1.813  -0.282  -1.969  1.00 13.00 ? 47  LEU A CD2 1 
ATOM   164 N N   . THR A 1 48  ? -5.067  4.240   -3.237  1.00 11.99 ? 48  THR A N   1 
ATOM   165 C CA  . THR A 1 48  ? -6.469  4.655   -3.487  1.00 12.61 ? 48  THR A CA  1 
ATOM   166 C C   . THR A 1 48  ? -7.053  3.637   -4.473  1.00 12.03 ? 48  THR A C   1 
ATOM   167 O O   . THR A 1 48  ? -6.546  3.535   -5.633  1.00 12.33 ? 48  THR A O   1 
ATOM   168 C CB  . THR A 1 48  ? -6.551  6.082   -4.008  1.00 14.56 ? 48  THR A CB  1 
ATOM   169 O OG1 . THR A 1 48  ? -6.097  6.929   -2.937  1.00 16.21 ? 48  THR A OG1 1 
ATOM   170 C CG2 . THR A 1 48  ? -7.967  6.474   -4.382  1.00 16.09 ? 48  THR A CG2 1 
ATOM   171 N N   . PHE A 1 49  ? -8.154  3.011   -4.057  1.00 11.69 ? 49  PHE A N   1 
ATOM   172 C CA  . PHE A 1 49  ? -8.840  1.988   -4.841  1.00 12.25 ? 49  PHE A CA  1 
ATOM   173 C C   . PHE A 1 49  ? -10.103 2.560   -5.494  1.00 13.71 ? 49  PHE A C   1 
ATOM   174 O O   . PHE A 1 49  ? -10.642 3.585   -5.101  1.00 14.86 ? 49  PHE A O   1 
ATOM   175 C CB  . PHE A 1 49  ? -9.165  0.794   -3.952  1.00 11.65 ? 49  PHE A CB  1 
ATOM   176 C CG  . PHE A 1 49  ? -7.955  0.043   -3.503  1.00 11.56 ? 49  PHE A CG  1 
ATOM   177 C CD1 . PHE A 1 49  ? -7.297  0.361   -2.338  1.00 11.61 ? 49  PHE A CD1 1 
ATOM   178 C CD2 . PHE A 1 49  ? -7.420  -0.911  -4.334  1.00 12.15 ? 49  PHE A CD2 1 
ATOM   179 C CE1 . PHE A 1 49  ? -6.155  -0.347  -1.983  1.00 11.71 ? 49  PHE A CE1 1 
ATOM   180 C CE2 . PHE A 1 49  ? -6.303  -1.623  -3.965  1.00 11.76 ? 49  PHE A CE2 1 
ATOM   181 C CZ  . PHE A 1 49  ? -5.663  -1.345  -2.785  1.00 12.78 ? 49  PHE A CZ  1 
ATOM   182 N N   . SER A 1 50  ? -10.581 1.800   -6.482  1.00 14.23 ? 50  SER A N   1 
ATOM   183 C CA  . SER A 1 50  ? -11.794 2.142   -7.231  1.00 13.98 ? 50  SER A CA  1 
ATOM   184 C C   . SER A 1 50  ? -13.077 1.848   -6.445  1.00 15.84 ? 50  SER A C   1 
ATOM   185 O O   . SER A 1 50  ? -14.166 2.310   -6.809  1.00 17.68 ? 50  SER A O   1 
ATOM   186 C CB  . SER A 1 50  ? -11.781 1.375   -8.522  1.00 15.97 ? 50  SER A CB  1 
ATOM   187 O OG  . SER A 1 50  ? -11.822 -0.036  -8.296  1.00 16.21 ? 50  SER A OG  1 
ATOM   188 N N   . GLU A 1 51  ? -12.975 1.070   -5.384  1.00 14.96 ? 51  GLU A N   1 
ATOM   189 C CA  . GLU A 1 51  ? -14.067 0.709   -4.490  1.00 17.08 ? 51  GLU A CA  1 
ATOM   190 C C   . GLU A 1 51  ? -13.533 0.709   -3.062  1.00 14.21 ? 51  GLU A C   1 
ATOM   191 O O   . GLU A 1 51  ? -12.311 0.555   -2.866  1.00 15.27 ? 51  GLU A O   1 
ATOM   192 C CB  . GLU A 1 51  ? -14.619 -0.687  -4.817  1.00 20.07 ? 51  GLU A CB  1 
ATOM   193 C CG  . GLU A 1 51  ? -15.392 -0.702  -6.120  1.00 26.61 ? 51  GLU A CG  1 
ATOM   194 C CD  . GLU A 1 51  ? -15.797 -2.077  -6.588  1.00 33.54 ? 51  GLU A CD  1 
ATOM   195 O OE1 . GLU A 1 51  ? -16.016 -2.965  -5.709  1.00 38.91 ? 51  GLU A OE1 1 
ATOM   196 O OE2 . GLU A 1 51  ? -15.904 -2.259  -7.824  1.00 42.80 ? 51  GLU A OE2 1 
ATOM   197 N N   . GLY A 1 52  ? -14.433 0.791   -2.092  1.00 14.85 ? 52  GLY A N   1 
ATOM   198 C CA  . GLY A 1 52  ? -14.022 0.704   -0.709  1.00 13.26 ? 52  GLY A CA  1 
ATOM   199 C C   . GLY A 1 52  ? -13.368 -0.636  -0.418  1.00 13.62 ? 52  GLY A C   1 
ATOM   200 O O   . GLY A 1 52  ? -13.779 -1.702  -0.955  1.00 14.15 ? 52  GLY A O   1 
ATOM   201 N N   . VAL A 1 53  ? -12.370 -0.617  0.449   1.00 12.60 ? 53  VAL A N   1 
ATOM   202 C CA  . VAL A 1 53  ? -11.724 -1.863  0.903   1.00 13.56 ? 53  VAL A CA  1 
ATOM   203 C C   . VAL A 1 53  ? -11.841 -2.009  2.420   1.00 13.23 ? 53  VAL A C   1 
ATOM   204 O O   . VAL A 1 53  ? -12.000 -1.035  3.162   1.00 14.82 ? 53  VAL A O   1 
ATOM   205 C CB  . VAL A 1 53  ? -10.251 -1.964  0.473   1.00 13.87 ? 53  VAL A CB  1 
ATOM   206 C CG1 . VAL A 1 53  ? -10.124 -2.015  -1.036  1.00 15.18 ? 53  VAL A CG1 1 
ATOM   207 C CG2 . VAL A 1 53  ? -9.397  -0.851  1.072   1.00 14.42 ? 53  VAL A CG2 1 
ATOM   208 N N   . GLU A 1 54  ? -11.800 -3.263  2.879   1.00 14.02 ? 54  GLU A N   1 
ATOM   209 C CA  . GLU A 1 54  ? -11.883 -3.629  4.287   1.00 14.32 ? 54  GLU A CA  1 
ATOM   210 C C   . GLU A 1 54  ? -10.467 -3.747  4.859   1.00 14.68 ? 54  GLU A C   1 
ATOM   211 O O   . GLU A 1 54  ? -9.728  -4.672  4.500   1.00 15.98 ? 54  GLU A O   1 
ATOM   212 C CB  . GLU A 1 54  ? -12.612 -4.972  4.428   1.00 16.25 ? 54  GLU A CB  1 
ATOM   213 C CG  . GLU A 1 54  ? -14.075 -4.863  4.097   1.00 20.35 ? 54  GLU A CG  1 
ATOM   214 C CD  . GLU A 1 54  ? -14.949 -4.124  5.090   1.00 24.48 ? 54  GLU A CD  1 
ATOM   215 O OE1 . GLU A 1 54  ? -14.422 -3.586  6.125   1.00 29.08 ? 54  GLU A OE1 1 
ATOM   216 O OE2 . GLU A 1 54  ? -16.157 -4.060  4.816   1.00 31.31 ? 54  GLU A OE2 1 
ATOM   217 N N   . ALA A 1 55  ? -10.078 -2.806  5.732   1.00 15.23 ? 55  ALA A N   1 
ATOM   218 C CA  . ALA A 1 55  ? -8.757  -2.801  6.323   1.00 15.98 ? 55  ALA A CA  1 
ATOM   219 C C   . ALA A 1 55  ? -8.486  -4.043  7.166   1.00 17.48 ? 55  ALA A C   1 
ATOM   220 O O   . ALA A 1 55  ? -7.319  -4.449  7.250   1.00 18.04 ? 55  ALA A O   1 
ATOM   221 C CB  . ALA A 1 55  ? -8.551  -1.547  7.127   1.00 17.82 ? 55  ALA A CB  1 
ATOM   222 N N   . THR A 1 56  ? -9.531  -4.644  7.751   1.00 16.24 ? 56  THR A N   1 
ATOM   223 C CA  . THR A 1 56  ? -9.372  -5.786  8.611   1.00 17.97 ? 56  THR A CA  1 
ATOM   224 C C   . THR A 1 56  ? -8.892  -7.000  7.807   1.00 15.93 ? 56  THR A C   1 
ATOM   225 O O   . THR A 1 56  ? -8.157  -7.819  8.328   1.00 17.67 ? 56  THR A O   1 
ATOM   226 C CB  . THR A 1 56  ? -10.678 -6.153  9.323   1.00 18.55 ? 56  THR A CB  1 
ATOM   227 O OG1 . THR A 1 56  ? -11.007 -5.012  10.105  1.00 23.42 ? 56  THR A OG1 1 
ATOM   228 C CG2 . THR A 1 56  ? -10.580 -7.377  10.201  1.00 17.89 ? 56  THR A CG2 1 
ATOM   229 N N   . PHE A 1 57  ? -9.310  -7.111  6.533   1.00 14.26 ? 57  PHE A N   1 
ATOM   230 C CA  . PHE A 1 57  ? -9.084  -8.353  5.771   1.00 15.15 ? 57  PHE A CA  1 
ATOM   231 C C   . PHE A 1 57  ? -8.131  -8.138  4.591   1.00 15.04 ? 57  PHE A C   1 
ATOM   232 O O   . PHE A 1 57  ? -7.619  -9.118  4.043   1.00 15.06 ? 57  PHE A O   1 
ATOM   233 C CB  . PHE A 1 57  ? -10.410 -8.927  5.281   1.00 17.16 ? 57  PHE A CB  1 
ATOM   234 C CG  . PHE A 1 57  ? -11.288 -9.250  6.447   1.00 18.41 ? 57  PHE A CG  1 
ATOM   235 C CD1 . PHE A 1 57  ? -10.884 -10.249 7.318   1.00 20.29 ? 57  PHE A CD1 1 
ATOM   236 C CD2 . PHE A 1 57  ? -12.404 -8.497  6.734   1.00 20.91 ? 57  PHE A CD2 1 
ATOM   237 C CE1 . PHE A 1 57  ? -11.629 -10.530 8.445   1.00 23.49 ? 57  PHE A CE1 1 
ATOM   238 C CE2 . PHE A 1 57  ? -13.153 -8.785  7.864   1.00 22.27 ? 57  PHE A CE2 1 
ATOM   239 C CZ  . PHE A 1 57  ? -12.759 -9.790  8.710   1.00 21.56 ? 57  PHE A CZ  1 
ATOM   240 N N   . THR A 1 58  ? -7.932  -6.883  4.188   1.00 13.28 ? 58  THR A N   1 
ATOM   241 C CA  . THR A 1 58  ? -6.942  -6.563  3.171   1.00 12.21 ? 58  THR A CA  1 
ATOM   242 C C   . THR A 1 58  ? -5.549  -6.874  3.729   1.00 13.00 ? 58  THR A C   1 
ATOM   243 O O   . THR A 1 58  ? -5.291  -6.720  4.957   1.00 13.27 ? 58  THR A O   1 
ATOM   244 C CB  . THR A 1 58  ? -7.097  -5.102  2.733   1.00 12.04 ? 58  THR A CB  1 
ATOM   245 O OG1 . THR A 1 58  ? -8.381  -5.026  2.087   1.00 11.61 ? 58  THR A OG1 1 
ATOM   246 C CG2 . THR A 1 58  ? -6.014  -4.611  1.809   1.00 13.10 ? 58  THR A CG2 1 
ATOM   247 N N   . LYS A 1 59  ? -4.625  -7.296  2.855   1.00 13.75 ? 59  LYS A N   1 
ATOM   248 C CA  . LYS A 1 59  ? -3.270  -7.563  3.286   1.00 14.03 ? 59  LYS A CA  1 
ATOM   249 C C   . LYS A 1 59  ? -2.301  -6.922  2.300   1.00 13.67 ? 59  LYS A C   1 
ATOM   250 O O   . LYS A 1 59  ? -2.569  -6.909  1.091   1.00 13.48 ? 59  LYS A O   1 
ATOM   251 C CB  . LYS A 1 59  ? -2.986  -9.062  3.333   1.00 16.98 ? 59  LYS A CB  1 
ATOM   252 C CG  . LYS A 1 59  ? -3.920  -9.893  4.204   1.00 17.30 ? 59  LYS A CG  1 
ATOM   253 C CD  . LYS A 1 59  ? -3.818  -9.573  5.661   1.00 21.42 ? 59  LYS A CD  1 
ATOM   254 C CE  . LYS A 1 59  ? -4.870  -10.259 6.519   1.00 23.74 ? 59  LYS A CE  1 
ATOM   255 N NZ  . LYS A 1 59  ? -4.831  -9.723  7.901   1.00 26.51 ? 59  LYS A NZ  1 
ATOM   256 N N   . VAL A 1 60  ? -1.233  -6.335  2.824   1.00 13.18 ? 60  VAL A N   1 
ATOM   257 C CA  . VAL A 1 60  ? -0.202  -5.696  1.987   1.00 13.97 ? 60  VAL A CA  1 
ATOM   258 C C   . VAL A 1 60  ? 1.155   -6.226  2.418   1.00 15.60 ? 60  VAL A C   1 
ATOM   259 O O   . VAL A 1 60  ? 1.412   -6.314  3.635   1.00 19.35 ? 60  VAL A O   1 
ATOM   260 C CB  . VAL A 1 60  ? -0.247  -4.161  2.076   1.00 15.64 ? 60  VAL A CB  1 
ATOM   261 C CG1 . VAL A 1 60  ? 0.895   -3.517  1.303   1.00 17.08 ? 60  VAL A CG1 1 
ATOM   262 C CG2 . VAL A 1 60  ? -1.606  -3.640  1.650   1.00 15.14 ? 60  VAL A CG2 1 
ATOM   263 N N   . SER A 1 61  ? 1.982   -6.589  1.452   1.00 13.27 ? 61  SER A N   1 
ATOM   264 C CA  . SER A 1 61  ? 3.347   -7.007  1.673   1.00 15.62 ? 61  SER A CA  1 
ATOM   265 C C   . SER A 1 61  ? 4.255   -5.946  1.053   1.00 14.39 ? 61  SER A C   1 
ATOM   266 O O   . SER A 1 61  ? 4.051   -5.555  -0.085  1.00 19.33 ? 61  SER A O   1 
ATOM   267 C CB  . SER A 1 61  ? 3.605   -8.319  1.031   1.00 19.26 ? 61  SER A CB  1 
ATOM   268 O OG  . SER A 1 61  ? 2.879   -9.330  1.718   1.00 29.86 ? 61  SER A OG  1 
ATOM   269 N N   . LEU A 1 62  ? 5.239   -5.493  1.795   1.00 13.19 ? 62  LEU A N   1 
ATOM   270 C CA  . LEU A 1 62  ? 6.173   -4.496  1.330   1.00 13.37 ? 62  LEU A CA  1 
ATOM   271 C C   . LEU A 1 62  ? 7.554   -5.118  1.380   1.00 14.64 ? 62  LEU A C   1 
ATOM   272 O O   . LEU A 1 62  ? 7.890   -5.748  2.406   1.00 16.65 ? 62  LEU A O   1 
ATOM   273 C CB  . LEU A 1 62  ? 6.090   -3.279  2.266   1.00 13.29 ? 62  LEU A CB  1 
ATOM   274 C CG  . LEU A 1 62  ? 7.038   -2.119  1.948   1.00 14.86 ? 62  LEU A CG  1 
ATOM   275 C CD1 . LEU A 1 62  ? 6.769   -1.549  0.572   1.00 15.18 ? 62  LEU A CD1 1 
ATOM   276 C CD2 . LEU A 1 62  ? 6.957   -1.038  3.009   1.00 16.14 ? 62  LEU A CD2 1 
ATOM   277 N N   . SER A 1 63  ? 8.316   -4.956  0.313   1.00 13.97 ? 63  SER A N   1 
ATOM   278 C CA  . SER A 1 63  ? 9.687   -5.491  0.279   1.00 14.58 ? 63  SER A CA  1 
ATOM   279 C C   . SER A 1 63  ? 10.641  -4.407  -0.212  1.00 14.70 ? 63  SER A C   1 
ATOM   280 O O   . SER A 1 63  ? 10.280  -3.593  -1.068  1.00 15.27 ? 63  SER A O   1 
ATOM   281 C CB  . SER A 1 63  ? 9.816   -6.758  -0.533  1.00 16.50 ? 63  SER A CB  1 
ATOM   282 O OG  . SER A 1 63  ? 9.504   -6.554  -1.897  1.00 19.56 ? 63  SER A OG  1 
ATOM   283 N N   . LYS A 1 64  ? 11.836  -4.395  0.372   1.00 15.11 ? 64  LYS A N   1 
ATOM   284 C CA  . LYS A 1 64  ? 12.891  -3.543  -0.072  1.00 17.35 ? 64  LYS A CA  1 
ATOM   285 C C   . LYS A 1 64  ? 13.988  -4.415  -0.662  1.00 20.18 ? 64  LYS A C   1 
ATOM   286 O O   . LYS A 1 64  ? 14.483  -5.271  0.022   1.00 20.77 ? 64  LYS A O   1 
ATOM   287 C CB  . LYS A 1 64  ? 13.490  -2.762  1.093   1.00 18.58 ? 64  LYS A CB  1 
ATOM   288 C CG  . LYS A 1 64  ? 14.528  -1.751  0.652   1.00 23.14 ? 64  LYS A CG  1 
ATOM   289 C CD  . LYS A 1 64  ? 15.046  -0.919  1.764   1.00 25.02 ? 64  LYS A CD  1 
ATOM   290 C CE  . LYS A 1 64  ? 16.285  -1.566  2.267   1.00 29.73 ? 64  LYS A CE  1 
ATOM   291 N NZ  . LYS A 1 64  ? 17.413  -1.115  1.439   1.00 27.51 ? 64  LYS A NZ  1 
ATOM   292 N N   . ASP A 1 65  ? 14.342  -4.161  -1.918  1.00 21.94 ? 65  ASP A N   1 
ATOM   293 C CA  . ASP A 1 65  ? 15.506  -4.849  -2.530  1.00 25.09 ? 65  ASP A CA  1 
ATOM   294 C C   . ASP A 1 65  ? 15.361  -6.373  -2.326  1.00 27.75 ? 65  ASP A C   1 
ATOM   295 O O   . ASP A 1 65  ? 16.351  -7.061  -2.019  1.00 34.20 ? 65  ASP A O   1 
ATOM   296 C CB  . ASP A 1 65  ? 16.778  -4.187  -1.979  1.00 28.37 ? 65  ASP A CB  1 
ATOM   297 C CG  . ASP A 1 65  ? 17.053  -2.787  -2.548  1.00 33.45 ? 65  ASP A CG  1 
ATOM   298 O OD1 . ASP A 1 65  ? 17.404  -2.716  -3.716  1.00 40.05 ? 65  ASP A OD1 1 
ATOM   299 O OD2 . ASP A 1 65  ? 16.902  -1.772  -1.822  1.00 35.19 ? 65  ASP A OD2 1 
ATOM   300 N N   . GLY A 1 66  ? 14.132  -6.876  -2.483  1.00 27.32 ? 66  GLY A N   1 
ATOM   301 C CA  . GLY A 1 66  ? 13.774  -8.301  -2.480  1.00 25.12 ? 66  GLY A CA  1 
ATOM   302 C C   . GLY A 1 66  ? 13.596  -8.946  -1.095  1.00 24.13 ? 66  GLY A C   1 
ATOM   303 O O   . GLY A 1 66  ? 13.561  -10.166 -0.977  1.00 25.85 ? 66  GLY A O   1 
ATOM   304 N N   . THR A 1 67  ? 13.511  -8.168  -0.024  1.00 19.11 ? 67  THR A N   1 
ATOM   305 C CA  . THR A 1 67  ? 13.287  -8.766  1.313   1.00 17.07 ? 67  THR A CA  1 
ATOM   306 C C   . THR A 1 67  ? 12.117  -8.035  1.987   1.00 16.83 ? 67  THR A C   1 
ATOM   307 O O   . THR A 1 67  ? 12.058  -6.833  1.967   1.00 16.87 ? 67  THR A O   1 
ATOM   308 C CB  . THR A 1 67  ? 14.556  -8.696  2.166   1.00 18.02 ? 67  THR A CB  1 
ATOM   309 O OG1 . THR A 1 67  ? 15.579  -9.504  1.555   1.00 17.92 ? 67  THR A OG1 1 
ATOM   310 C CG2 . THR A 1 67  ? 14.314  -9.112  3.593   1.00 15.93 ? 67  THR A CG2 1 
ATOM   311 N N   . GLU A 1 68  ? 11.207  -8.796  2.585   1.00 18.02 ? 68  GLU A N   1 
ATOM   312 C CA  . GLU A 1 68  ? 10.049  -8.246  3.232   1.00 20.08 ? 68  GLU A CA  1 
ATOM   313 C C   . GLU A 1 68  ? 10.460  -7.353  4.395   1.00 18.74 ? 68  GLU A C   1 
ATOM   314 O O   . GLU A 1 68  ? 11.403  -7.622  5.139   1.00 19.71 ? 68  GLU A O   1 
ATOM   315 C CB  . GLU A 1 68  ? 9.128   -9.356  3.743   1.00 27.66 ? 68  GLU A CB  1 
ATOM   316 C CG  . GLU A 1 68  ? 7.708   -8.876  3.969   1.00 32.68 ? 68  GLU A CG  1 
ATOM   317 C CD  . GLU A 1 68  ? 6.647   -9.917  3.645   1.00 38.72 ? 68  GLU A CD  1 
ATOM   318 O OE1 . GLU A 1 68  ? 5.715   -9.580  2.911   1.00 47.30 ? 68  GLU A OE1 1 
ATOM   319 O OE2 . GLU A 1 68  ? 6.765   -11.061 4.125   1.00 44.06 ? 68  GLU A OE2 1 
ATOM   320 N N   . VAL A 1 69  ? 9.722   -6.253  4.523   1.00 15.73 ? 69  VAL A N   1 
ATOM   321 C CA  . VAL A 1 69  ? 9.818   -5.351  5.583   1.00 19.39 ? 69  VAL A CA  1 
ATOM   322 C C   . VAL A 1 69  ? 8.500   -5.391  6.376   1.00 18.69 ? 69  VAL A C   1 
ATOM   323 O O   . VAL A 1 69  ? 7.425   -5.500  5.774   1.00 19.54 ? 69  VAL A O   1 
ATOM   324 C CB  . VAL A 1 69  ? 10.153  -4.029  4.884   1.00 22.77 ? 69  VAL A CB  1 
ATOM   325 C CG1 . VAL A 1 69  ? 9.429   -2.820  5.371   1.00 22.79 ? 69  VAL A CG1 1 
ATOM   326 C CG2 . VAL A 1 69  ? 11.654  -3.846  4.918   1.00 26.31 ? 69  VAL A CG2 1 
ATOM   327 N N   . ALA A 1 70  ? 8.558   -5.306  7.716   1.00 17.80 ? 70  ALA A N   1 
ATOM   328 C CA  . ALA A 1 70  ? 7.366   -5.460  8.550   1.00 18.75 ? 70  ALA A CA  1 
ATOM   329 C C   . ALA A 1 70  ? 6.428   -4.259  8.386   1.00 17.03 ? 70  ALA A C   1 
ATOM   330 O O   . ALA A 1 70  ? 6.871   -3.140  8.264   1.00 15.30 ? 70  ALA A O   1 
ATOM   331 C CB  . ALA A 1 70  ? 7.743   -5.625  10.001  1.00 21.65 ? 70  ALA A CB  1 
ATOM   332 N N   . ILE A 1 71  ? 5.139   -4.564  8.453   1.00 18.88 ? 71  ILE A N   1 
ATOM   333 C CA  . ILE A 1 71  ? 4.061   -3.599  8.414   1.00 18.68 ? 71  ILE A CA  1 
ATOM   334 C C   . ILE A 1 71  ? 3.418   -3.547  9.804   1.00 17.51 ? 71  ILE A C   1 
ATOM   335 O O   . ILE A 1 71  ? 3.085   -4.573  10.391  1.00 19.71 ? 71  ILE A O   1 
ATOM   336 C CB  . ILE A 1 71  ? 3.059   -4.017  7.313   1.00 21.00 ? 71  ILE A CB  1 
ATOM   337 C CG1 . ILE A 1 71  ? 3.691   -3.984  5.920   1.00 23.44 ? 71  ILE A CG1 1 
ATOM   338 C CG2 . ILE A 1 71  ? 1.781   -3.199  7.388   1.00 23.86 ? 71  ILE A CG2 1 
ATOM   339 C CD1 . ILE A 1 71  ? 4.413   -2.719  5.626   1.00 24.59 ? 71  ILE A CD1 1 
ATOM   340 N N   . LYS A 1 72  ? 3.160   -2.342  10.283  1.00 17.66 ? 72  LYS A N   1 
ATOM   341 C CA  . LYS A 1 72  ? 2.575   -2.144  11.595  1.00 19.97 ? 72  LYS A CA  1 
ATOM   342 C C   . LYS A 1 72  ? 1.070   -2.316  11.510  1.00 21.02 ? 72  LYS A C   1 
ATOM   343 O O   . LYS A 1 72  ? 0.442   -2.940  12.374  1.00 23.73 ? 72  LYS A O   1 
ATOM   344 C CB  . LYS A 1 72  ? 2.952   -0.767  12.152  1.00 25.18 ? 72  LYS A CB  1 
ATOM   345 C CG  . LYS A 1 72  ? 2.202   -0.343  13.413  1.00 29.94 ? 72  LYS A CG  1 
ATOM   346 C CD  . LYS A 1 72  ? 2.597   1.027   13.902  1.00 37.52 ? 72  LYS A CD  1 
ATOM   347 C CE  . LYS A 1 72  ? 4.095   1.242   13.895  1.00 41.09 ? 72  LYS A CE  1 
ATOM   348 N NZ  . LYS A 1 72  ? 4.483   2.342   14.804  1.00 46.76 ? 72  LYS A NZ  1 
ATOM   349 N N   . GLY A 1 73  ? 0.476   -1.820  10.442  1.00 18.62 ? 73  GLY A N   1 
ATOM   350 C CA  . GLY A 1 73  ? -0.915  -1.901  10.330  1.00 20.33 ? 73  GLY A CA  1 
ATOM   351 C C   . GLY A 1 73  ? -1.450  -1.141  9.139   1.00 17.85 ? 73  GLY A C   1 
ATOM   352 O O   . GLY A 1 73  ? -0.660  -0.483  8.331   1.00 15.97 ? 73  GLY A O   1 
ATOM   353 N N   . LEU A 1 74  ? -2.768  -1.319  8.993   1.00 16.23 ? 74  LEU A N   1 
ATOM   354 C CA  . LEU A 1 74  ? -3.549  -0.775  7.903   1.00 14.53 ? 74  LEU A CA  1 
ATOM   355 C C   . LEU A 1 74  ? -4.712  0.047   8.447   1.00 14.41 ? 74  LEU A C   1 
ATOM   356 O O   . LEU A 1 74  ? -5.362  -0.321  9.426   1.00 15.83 ? 74  LEU A O   1 
ATOM   357 C CB  . LEU A 1 74  ? -4.134  -1.888  7.022   1.00 14.48 ? 74  LEU A CB  1 
ATOM   358 C CG  . LEU A 1 74  ? -3.175  -2.884  6.384   1.00 15.29 ? 74  LEU A CG  1 
ATOM   359 C CD1 . LEU A 1 74  ? -3.976  -3.871  5.518   1.00 17.10 ? 74  LEU A CD1 1 
ATOM   360 C CD2 . LEU A 1 74  ? -2.136  -2.215  5.520   1.00 15.84 ? 74  LEU A CD2 1 
ATOM   361 N N   . GLU A 1 75  ? -5.044  1.124   7.742   1.00 12.19 ? 75  GLU A N   1 
ATOM   362 C CA  . GLU A 1 75  ? -6.158  2.023   8.129   1.00 13.29 ? 75  GLU A CA  1 
ATOM   363 C C   . GLU A 1 75  ? -6.890  2.467   6.870   1.00 12.79 ? 75  GLU A C   1 
ATOM   364 O O   . GLU A 1 75  ? -6.226  2.784   5.862   1.00 13.56 ? 75  GLU A O   1 
ATOM   365 C CB  . GLU A 1 75  ? -5.595  3.250   8.858   1.00 14.06 ? 75  GLU A CB  1 
ATOM   366 C CG  . GLU A 1 75  ? -6.664  4.262   9.290   1.00 16.33 ? 75  GLU A CG  1 
ATOM   367 C CD  . GLU A 1 75  ? -6.105  5.563   9.846   1.00 17.98 ? 75  GLU A CD  1 
ATOM   368 O OE1 . GLU A 1 75  ? -4.878  5.850   9.652   1.00 17.77 ? 75  GLU A OE1 1 
ATOM   369 O OE2 . GLU A 1 75  ? -6.924  6.325   10.431  1.00 20.16 ? 75  GLU A OE2 1 
ATOM   370 N N   . THR A 1 76  ? -8.225  2.564   6.949   1.00 11.97 ? 76  THR A N   1 
ATOM   371 C CA  . THR A 1 76  ? -9.004  3.305   5.942   1.00 13.14 ? 76  THR A CA  1 
ATOM   372 C C   . THR A 1 76  ? -9.585  4.544   6.626   1.00 13.99 ? 76  THR A C   1 
ATOM   373 O O   . THR A 1 76  ? -10.553 4.431   7.361   1.00 17.79 ? 76  THR A O   1 
ATOM   374 C CB  . THR A 1 76  ? -10.096 2.445   5.305   1.00 13.08 ? 76  THR A CB  1 
ATOM   375 O OG1 . THR A 1 76  ? -10.843 1.866   6.367   1.00 13.77 ? 76  THR A OG1 1 
ATOM   376 C CG2 . THR A 1 76  ? -9.544  1.355   4.414   1.00 13.16 ? 76  THR A CG2 1 
ATOM   377 N N   . PRO A 1 77  ? -8.959  5.723   6.513   1.00 15.76 ? 77  PRO A N   1 
ATOM   378 C CA  . PRO A 1 77  ? -9.396  6.895   7.288   1.00 17.11 ? 77  PRO A CA  1 
ATOM   379 C C   . PRO A 1 77  ? -10.712 7.563   6.869   1.00 20.91 ? 77  PRO A C   1 
ATOM   380 O O   . PRO A 1 77  ? -11.222 8.414   7.610   1.00 25.61 ? 77  PRO A O   1 
ATOM   381 C CB  . PRO A 1 77  ? -8.228  7.886   7.141   1.00 19.03 ? 77  PRO A CB  1 
ATOM   382 C CG  . PRO A 1 77  ? -7.483  7.442   5.925   1.00 18.74 ? 77  PRO A CG  1 
ATOM   383 C CD  . PRO A 1 77  ? -7.717  5.961   5.783   1.00 16.46 ? 77  PRO A CD  1 
ATOM   384 N N   . ASP A 1 78  ? -11.271 7.192   5.731   1.00 18.79 ? 78  ASP A N   1 
ATOM   385 C CA  . ASP A 1 78  ? -12.430 7.874   5.178   1.00 18.56 ? 78  ASP A CA  1 
ATOM   386 C C   . ASP A 1 78  ? -13.634 6.950   5.253   1.00 19.68 ? 78  ASP A C   1 
ATOM   387 O O   . ASP A 1 78  ? -13.501 5.707   5.180   1.00 18.14 ? 78  ASP A O   1 
ATOM   388 C CB  . ASP A 1 78  ? -12.228 8.243   3.723   1.00 18.47 ? 78  ASP A CB  1 
ATOM   389 C CG  . ASP A 1 78  ? -10.900 8.940   3.477   1.00 22.58 ? 78  ASP A CG  1 
ATOM   390 O OD1 . ASP A 1 78  ? -10.734 10.042  4.048   1.00 24.56 ? 78  ASP A OD1 1 
ATOM   391 O OD2 . ASP A 1 78  ? -10.007 8.352   2.777   1.00 26.47 ? 78  ASP A OD2 1 
ATOM   392 N N   . ALA A 1 79  ? -14.830 7.556   5.257   1.00 18.85 ? 79  ALA A N   1 
ATOM   393 C CA  . ALA A 1 79  ? -16.060 6.798   5.313   1.00 20.75 ? 79  ALA A CA  1 
ATOM   394 C C   . ALA A 1 79  ? -16.212 5.896   4.093   1.00 18.32 ? 79  ALA A C   1 
ATOM   395 O O   . ALA A 1 79  ? -16.741 4.801   4.233   1.00 20.84 ? 79  ALA A O   1 
ATOM   396 C CB  . ALA A 1 79  ? -17.247 7.724   5.413   1.00 24.27 ? 79  ALA A CB  1 
ATOM   397 N N   . ASP A 1 80  ? -15.735 6.347   2.929   1.00 18.12 ? 80  ASP A N   1 
ATOM   398 C CA  . ASP A 1 80  ? -15.882 5.619   1.696   1.00 19.86 ? 80  ASP A CA  1 
ATOM   399 C C   . ASP A 1 80  ? -14.867 4.473   1.587   1.00 17.48 ? 80  ASP A C   1 
ATOM   400 O O   . ASP A 1 80  ? -15.018 3.656   0.696   1.00 16.86 ? 80  ASP A O   1 
ATOM   401 C CB  . ASP A 1 80  ? -15.823 6.517   0.464   1.00 20.84 ? 80  ASP A CB  1 
ATOM   402 C CG  . ASP A 1 80  ? -14.509 7.207   0.154   1.00 23.75 ? 80  ASP A CG  1 
ATOM   403 O OD1 . ASP A 1 80  ? -13.461 6.782   0.671   1.00 21.41 ? 80  ASP A OD1 1 
ATOM   404 O OD2 . ASP A 1 80  ? -14.527 8.112   -0.707  1.00 25.89 ? 80  ASP A OD2 1 
ATOM   405 N N   . LYS A 1 81  ? -13.839 4.475   2.458   1.00 15.31 ? 81  LYS A N   1 
ATOM   406 C CA  . LYS A 1 81  ? -12.891 3.357   2.611   1.00 14.08 ? 81  LYS A CA  1 
ATOM   407 C C   . LYS A 1 81  ? -12.072 3.133   1.331   1.00 14.61 ? 81  LYS A C   1 
ATOM   408 O O   . LYS A 1 81  ? -11.480 2.061   1.157   1.00 13.42 ? 81  LYS A O   1 
ATOM   409 C CB  . LYS A 1 81  ? -13.643 2.098   3.052   1.00 15.78 ? 81  LYS A CB  1 
ATOM   410 C CG  . LYS A 1 81  ? -14.205 2.165   4.465   1.00 17.15 ? 81  LYS A CG  1 
ATOM   411 C CD  . LYS A 1 81  ? -14.971 0.924   4.838   1.00 21.83 ? 81  LYS A CD  1 
ATOM   412 C CE  . LYS A 1 81  ? -15.355 0.861   6.300   1.00 26.73 ? 81  LYS A CE  1 
ATOM   413 N NZ  . LYS A 1 81  ? -15.302 -0.550  6.761   1.00 32.42 ? 81  LYS A NZ  1 
ATOM   414 N N   . LYS A 1 82  ? -11.978 4.125   0.443   1.00 14.19 ? 82  LYS A N   1 
ATOM   415 C CA  . LYS A 1 82  ? -11.251 3.959   -0.804  1.00 14.70 ? 82  LYS A CA  1 
ATOM   416 C C   . LYS A 1 82  ? -9.744  4.151   -0.649  1.00 14.83 ? 82  LYS A C   1 
ATOM   417 O O   . LYS A 1 82  ? -9.013  3.690   -1.507  1.00 16.06 ? 82  LYS A O   1 
ATOM   418 C CB  . LYS A 1 82  ? -11.806 4.898   -1.880  1.00 16.08 ? 82  LYS A CB  1 
ATOM   419 C CG  . LYS A 1 82  ? -13.182 4.443   -2.311  1.00 18.90 ? 82  LYS A CG  1 
ATOM   420 C CD  . LYS A 1 82  ? -13.760 5.187   -3.482  1.00 23.71 ? 82  LYS A CD  1 
ATOM   421 C CE  . LYS A 1 82  ? -15.193 4.751   -3.708  1.00 26.63 ? 82  LYS A CE  1 
ATOM   422 N NZ  . LYS A 1 82  ? -15.904 5.660   -4.628  1.00 32.76 ? 82  LYS A NZ  1 
ATOM   423 N N   . THR A 1 83  ? -9.286  4.865   0.379   1.00 13.07 ? 83  THR A N   1 
ATOM   424 C CA  . THR A 1 83  ? -7.852  5.040   0.560   1.00 13.23 ? 83  THR A CA  1 
ATOM   425 C C   . THR A 1 83  ? -7.400  4.173   1.727   1.00 12.80 ? 83  THR A C   1 
ATOM   426 O O   . THR A 1 83  ? -7.937  4.261   2.853   1.00 13.34 ? 83  THR A O   1 
ATOM   427 C CB  . THR A 1 83  ? -7.441  6.505   0.797   1.00 15.44 ? 83  THR A CB  1 
ATOM   428 O OG1 . THR A 1 83  ? -7.778  7.212   -0.405  1.00 17.73 ? 83  THR A OG1 1 
ATOM   429 C CG2 . THR A 1 83  ? -5.979  6.700   1.123   1.00 16.86 ? 83  THR A CG2 1 
ATOM   430 N N   . LEU A 1 84  ? -6.341  3.394   1.465   1.00 10.99 ? 84  LEU A N   1 
ATOM   431 C CA  . LEU A 1 84  ? -5.768  2.512   2.443   1.00 12.43 ? 84  LEU A CA  1 
ATOM   432 C C   . LEU A 1 84  ? -4.386  3.039   2.834   1.00 11.60 ? 84  LEU A C   1 
ATOM   433 O O   . LEU A 1 84  ? -3.557  3.234   1.951   1.00 11.45 ? 84  LEU A O   1 
ATOM   434 C CB  . LEU A 1 84  ? -5.659  1.113   1.824   1.00 12.25 ? 84  LEU A CB  1 
ATOM   435 C CG  . LEU A 1 84  ? -5.105  0.023   2.733   1.00 13.10 ? 84  LEU A CG  1 
ATOM   436 C CD1 . LEU A 1 84  ? -6.151  -0.476  3.719   1.00 14.34 ? 84  LEU A CD1 1 
ATOM   437 C CD2 . LEU A 1 84  ? -4.536  -1.127  1.916   1.00 13.89 ? 84  LEU A CD2 1 
ATOM   438 N N   . VAL A 1 85  ? -4.120  3.221   4.131   1.00 10.96 ? 85  VAL A N   1 
ATOM   439 C CA  . VAL A 1 85  ? -2.877  3.716   4.624   1.00 11.73 ? 85  VAL A CA  1 
ATOM   440 C C   . VAL A 1 85  ? -2.097  2.537   5.230   1.00 11.32 ? 85  VAL A C   1 
ATOM   441 O O   . VAL A 1 85  ? -2.614  1.871   6.139   1.00 12.31 ? 85  VAL A O   1 
ATOM   442 C CB  . VAL A 1 85  ? -3.050  4.849   5.647   1.00 12.74 ? 85  VAL A CB  1 
ATOM   443 C CG1 . VAL A 1 85  ? -1.687  5.363   6.118   1.00 13.14 ? 85  VAL A CG1 1 
ATOM   444 C CG2 . VAL A 1 85  ? -3.965  5.978   5.122   1.00 13.60 ? 85  VAL A CG2 1 
ATOM   445 N N   . VAL A 1 86  ? -0.876  2.362   4.739   1.00 11.52 ? 86  VAL A N   1 
ATOM   446 C CA  . VAL A 1 86  ? -0.011  1.272   5.119   1.00 12.22 ? 86  VAL A CA  1 
ATOM   447 C C   . VAL A 1 86  ? 1.155   1.870   5.903   1.00 11.82 ? 86  VAL A C   1 
ATOM   448 O O   . VAL A 1 86  ? 1.930   2.634   5.334   1.00 12.54 ? 86  VAL A O   1 
ATOM   449 C CB  . VAL A 1 86  ? 0.503   0.548   3.866   1.00 13.29 ? 86  VAL A CB  1 
ATOM   450 C CG1 . VAL A 1 86  ? 1.446   -0.577  4.267   1.00 14.70 ? 86  VAL A CG1 1 
ATOM   451 C CG2 . VAL A 1 86  ? -0.650  0.036   3.022   1.00 14.45 ? 86  VAL A CG2 1 
ATOM   452 N N   . THR A 1 87  ? 1.286   1.561   7.208   1.00 12.01 ? 87  THR A N   1 
ATOM   453 C CA  . THR A 1 87  ? 2.381   2.124   8.004   1.00 12.90 ? 87  THR A CA  1 
ATOM   454 C C   . THR A 1 87  ? 3.424   1.034   8.224   1.00 14.00 ? 87  THR A C   1 
ATOM   455 O O   . THR A 1 87  ? 3.069   -0.009  8.802   1.00 14.35 ? 87  THR A O   1 
ATOM   456 C CB  . THR A 1 87  ? 1.864   2.682   9.330   1.00 15.13 ? 87  THR A CB  1 
ATOM   457 O OG1 . THR A 1 87  ? 0.848   3.647   9.024   1.00 15.37 ? 87  THR A OG1 1 
ATOM   458 C CG2 . THR A 1 87  ? 2.933   3.358   10.145  1.00 15.40 ? 87  THR A CG2 1 
ATOM   459 N N   . PRO A 1 88  ? 4.690   1.270   7.851   1.00 15.23 ? 88  PRO A N   1 
ATOM   460 C CA  . PRO A 1 88  ? 5.760   0.291   8.126   1.00 16.63 ? 88  PRO A CA  1 
ATOM   461 C C   . PRO A 1 88  ? 6.047   0.277   9.635   1.00 15.54 ? 88  PRO A C   1 
ATOM   462 O O   . PRO A 1 88  ? 5.842   1.277   10.352  1.00 16.86 ? 88  PRO A O   1 
ATOM   463 C CB  . PRO A 1 88  ? 6.929   0.865   7.325   1.00 16.94 ? 88  PRO A CB  1 
ATOM   464 C CG  . PRO A 1 88  ? 6.707   2.343   7.415   1.00 17.38 ? 88  PRO A CG  1 
ATOM   465 C CD  . PRO A 1 88  ? 5.212   2.488   7.227   1.00 16.42 ? 88  PRO A CD  1 
ATOM   466 N N   . ALA A 1 89  ? 6.592   -0.840  10.108  1.00 15.86 ? 89  ALA A N   1 
ATOM   467 C CA  . ALA A 1 89  ? 6.976   -0.975  11.488  1.00 16.13 ? 89  ALA A CA  1 
ATOM   468 C C   . ALA A 1 89  ? 8.224   -0.151  11.805  1.00 16.36 ? 89  ALA A C   1 
ATOM   469 O O   . ALA A 1 89  ? 8.451   0.208   12.993  1.00 18.82 ? 89  ALA A O   1 
ATOM   470 C CB  . ALA A 1 89  ? 7.188   -2.431  11.769  1.00 16.91 ? 89  ALA A CB  1 
ATOM   471 N N   . ALA A 1 90  ? 9.082   0.111   10.812  1.00 15.27 ? 90  ALA A N   1 
ATOM   472 C CA  . ALA A 1 90  ? 10.232  0.954   11.002  1.00 16.54 ? 90  ALA A CA  1 
ATOM   473 C C   . ALA A 1 90  ? 10.396  1.923   9.855   1.00 15.26 ? 90  ALA A C   1 
ATOM   474 O O   . ALA A 1 90  ? 9.895   1.674   8.759   1.00 15.07 ? 90  ALA A O   1 
ATOM   475 C CB  . ALA A 1 90  ? 11.465  0.088   11.127  1.00 19.56 ? 90  ALA A CB  1 
ATOM   476 N N   . PRO A 1 91  ? 11.067  3.087   10.057  1.00 15.90 ? 91  PRO A N   1 
ATOM   477 C CA  . PRO A 1 91  ? 11.148  4.068   8.987   1.00 16.75 ? 91  PRO A CA  1 
ATOM   478 C C   . PRO A 1 91  ? 11.742  3.496   7.702   1.00 17.51 ? 91  PRO A C   1 
ATOM   479 O O   . PRO A 1 91  ? 12.635  2.623   7.719   1.00 16.16 ? 91  PRO A O   1 
ATOM   480 C CB  . PRO A 1 91  ? 12.045  5.195   9.520   1.00 17.97 ? 91  PRO A CB  1 
ATOM   481 C CG  . PRO A 1 91  ? 12.030  5.000   10.999  1.00 18.74 ? 91  PRO A CG  1 
ATOM   482 C CD  . PRO A 1 91  ? 11.750  3.548   11.278  1.00 18.46 ? 91  PRO A CD  1 
ATOM   483 N N   . LEU A 1 92  ? 11.191  3.935   6.577   1.00 15.54 ? 92  LEU A N   1 
ATOM   484 C CA  . LEU A 1 92  ? 11.626  3.450   5.275   1.00 15.11 ? 92  LEU A CA  1 
ATOM   485 C C   . LEU A 1 92  ? 12.955  4.093   4.907   1.00 15.54 ? 92  LEU A C   1 
ATOM   486 O O   . LEU A 1 92  ? 13.064  5.285   4.704   1.00 18.63 ? 92  LEU A O   1 
ATOM   487 C CB  . LEU A 1 92  ? 10.584  3.837   4.227   1.00 17.51 ? 92  LEU A CB  1 
ATOM   488 C CG  . LEU A 1 92  ? 9.247   3.146   4.404   1.00 18.62 ? 92  LEU A CG  1 
ATOM   489 C CD1 . LEU A 1 92  ? 8.294   3.570   3.290   1.00 23.85 ? 92  LEU A CD1 1 
ATOM   490 C CD2 . LEU A 1 92  ? 9.425   1.634   4.485   1.00 19.41 ? 92  LEU A CD2 1 
ATOM   491 N N   . ALA A 1 93  ? 13.964  3.249   4.718   1.00 13.87 ? 93  ALA A N   1 
ATOM   492 C CA  . ALA A 1 93  ? 15.264  3.704   4.237   1.00 15.42 ? 93  ALA A CA  1 
ATOM   493 C C   . ALA A 1 93  ? 15.279  3.759   2.703   1.00 13.76 ? 93  ALA A C   1 
ATOM   494 O O   . ALA A 1 93  ? 14.428  3.204   2.023   1.00 15.86 ? 93  ALA A O   1 
ATOM   495 C CB  . ALA A 1 93  ? 16.288  2.710   4.721   1.00 15.74 ? 93  ALA A CB  1 
ATOM   496 N N   . ALA A 1 94  ? 16.278  4.417   2.146   1.00 13.30 ? 94  ALA A N   1 
ATOM   497 C CA  . ALA A 1 94  ? 16.462  4.425   0.704   1.00 14.06 ? 94  ALA A CA  1 
ATOM   498 C C   . ALA A 1 94  ? 16.596  3.010   0.161   1.00 15.29 ? 94  ALA A C   1 
ATOM   499 O O   . ALA A 1 94  ? 17.238  2.174   0.794   1.00 17.15 ? 94  ALA A O   1 
ATOM   500 C CB  . ALA A 1 94  ? 17.688  5.208   0.343   1.00 15.85 ? 94  ALA A CB  1 
ATOM   501 N N   . GLY A 1 95  ? 15.984  2.791   -1.001  1.00 15.86 ? 95  GLY A N   1 
ATOM   502 C CA  . GLY A 1 95  ? 16.024  1.535   -1.654  1.00 15.41 ? 95  GLY A CA  1 
ATOM   503 C C   . GLY A 1 95  ? 14.906  1.363   -2.647  1.00 14.82 ? 95  GLY A C   1 
ATOM   504 O O   . GLY A 1 95  ? 14.105  2.282   -2.894  1.00 14.45 ? 95  GLY A O   1 
ATOM   505 N N   . ASN A 1 96  ? 14.870  0.169   -3.231  1.00 14.51 ? 96  ASN A N   1 
ATOM   506 C CA  . ASN A 1 96  ? 13.887  -0.178  -4.230  1.00 16.67 ? 96  ASN A CA  1 
ATOM   507 C C   . ASN A 1 96  ? 12.749  -0.982  -3.597  1.00 15.75 ? 96  ASN A C   1 
ATOM   508 O O   . ASN A 1 96  ? 13.002  -2.093  -3.093  1.00 17.00 ? 96  ASN A O   1 
ATOM   509 C CB  . ASN A 1 96  ? 14.534  -1.011  -5.329  1.00 19.55 ? 96  ASN A CB  1 
ATOM   510 C CG  . ASN A 1 96  ? 15.651  -0.249  -5.990  1.00 25.37 ? 96  ASN A CG  1 
ATOM   511 O OD1 . ASN A 1 96  ? 15.437  0.879   -6.419  1.00 29.02 ? 96  ASN A OD1 1 
ATOM   512 N ND2 . ASN A 1 96  ? 16.829  -0.846  -6.046  1.00 29.28 ? 96  ASN A ND2 1 
ATOM   513 N N   . TYR A 1 97  ? 11.513  -0.448  -3.615  1.00 13.05 ? 97  TYR A N   1 
ATOM   514 C CA  . TYR A 1 97  ? 10.378  -1.063  -2.942  1.00 12.87 ? 97  TYR A CA  1 
ATOM   515 C C   . TYR A 1 97  ? 9.397   -1.702  -3.911  1.00 13.28 ? 97  TYR A C   1 
ATOM   516 O O   . TYR A 1 97  ? 9.127   -1.162  -4.973  1.00 14.29 ? 97  TYR A O   1 
ATOM   517 C CB  . TYR A 1 97  ? 9.640   -0.025  -2.102  1.00 11.65 ? 97  TYR A CB  1 
ATOM   518 C CG  . TYR A 1 97  ? 10.404  0.372   -0.881  1.00 11.89 ? 97  TYR A CG  1 
ATOM   519 C CD1 . TYR A 1 97  ? 11.380  1.346   -0.908  1.00 13.05 ? 97  TYR A CD1 1 
ATOM   520 C CD2 . TYR A 1 97  ? 10.263  -0.348  0.284   1.00 11.77 ? 97  TYR A CD2 1 
ATOM   521 C CE1 . TYR A 1 97  ? 12.092  1.682   0.230   1.00 12.53 ? 97  TYR A CE1 1 
ATOM   522 C CE2 . TYR A 1 97  ? 10.974  -0.055  1.430   1.00 11.55 ? 97  TYR A CE2 1 
ATOM   523 C CZ  . TYR A 1 97  ? 11.905  0.973   1.409   1.00 11.97 ? 97  TYR A CZ  1 
ATOM   524 O OH  . TYR A 1 97  ? 12.594  1.280   2.555   1.00 13.11 ? 97  TYR A OH  1 
ATOM   525 N N   . LYS A 1 98  ? 8.799   -2.827  -3.485  1.00 12.99 ? 98  LYS A N   1 
ATOM   526 C CA  . LYS A 1 98  ? 7.705   -3.466  -4.180  1.00 13.82 ? 98  LYS A CA  1 
ATOM   527 C C   . LYS A 1 98  ? 6.566   -3.650  -3.190  1.00 13.44 ? 98  LYS A C   1 
ATOM   528 O O   . LYS A 1 98  ? 6.826   -4.076  -2.036  1.00 14.41 ? 98  LYS A O   1 
ATOM   529 C CB  . LYS A 1 98  ? 8.090   -4.828  -4.762  1.00 16.77 ? 98  LYS A CB  1 
ATOM   530 C CG  . LYS A 1 98  ? 6.975   -5.497  -5.536  1.00 18.94 ? 98  LYS A CG  1 
ATOM   531 C CD  . LYS A 1 98  ? 7.398   -6.797  -6.205  1.00 23.14 ? 98  LYS A CD  1 
ATOM   532 C CE  . LYS A 1 98  ? 7.753   -7.849  -5.189  1.00 28.68 ? 98  LYS A CE  1 
ATOM   533 N NZ  . LYS A 1 98  ? 7.846   -9.184  -5.831  1.00 35.37 ? 98  LYS A NZ  1 
ATOM   534 N N   . VAL A 1 99  ? 5.365   -3.239  -3.593  1.00 12.99 ? 99  VAL A N   1 
ATOM   535 C CA  . VAL A 1 99  ? 4.145   -3.348  -2.839  1.00 12.69 ? 99  VAL A CA  1 
ATOM   536 C C   . VAL A 1 99  ? 3.282   -4.419  -3.480  1.00 13.76 ? 99  VAL A C   1 
ATOM   537 O O   . VAL A 1 99  ? 2.926   -4.280  -4.634  1.00 15.90 ? 99  VAL A O   1 
ATOM   538 C CB  . VAL A 1 99  ? 3.377   -2.016  -2.810  1.00 13.02 ? 99  VAL A CB  1 
ATOM   539 C CG1 . VAL A 1 99  ? 2.107   -2.089  -2.001  1.00 13.10 ? 99  VAL A CG1 1 
ATOM   540 C CG2 . VAL A 1 99  ? 4.275   -0.902  -2.353  1.00 13.58 ? 99  VAL A CG2 1 
ATOM   541 N N   . VAL A 1 100 ? 2.959   -5.465  -2.728  1.00 12.89 ? 100 VAL A N   1 
ATOM   542 C CA  . VAL A 1 100 ? 2.089   -6.479  -3.183  1.00 12.49 ? 100 VAL A CA  1 
ATOM   543 C C   . VAL A 1 100 ? 0.826   -6.366  -2.351  1.00 12.52 ? 100 VAL A C   1 
ATOM   544 O O   . VAL A 1 100 ? 0.897   -6.498  -1.130  1.00 13.62 ? 100 VAL A O   1 
ATOM   545 C CB  . VAL A 1 100 ? 2.735   -7.863  -3.081  1.00 13.85 ? 100 VAL A CB  1 
ATOM   546 C CG1 . VAL A 1 100 ? 1.710   -8.935  -3.358  1.00 14.44 ? 100 VAL A CG1 1 
ATOM   547 C CG2 . VAL A 1 100 ? 3.923   -7.943  -4.006  1.00 13.75 ? 100 VAL A CG2 1 
ATOM   548 N N   . TRP A 1 101 ? -0.320  -6.129  -2.990  1.00 12.09 ? 101 TRP A N   1 
ATOM   549 C CA  . TRP A 1 101 ? -1.539  -5.944  -2.252  1.00 12.44 ? 101 TRP A CA  1 
ATOM   550 C C   . TRP A 1 101 ? -2.578  -7.033  -2.568  1.00 12.20 ? 101 TRP A C   1 
ATOM   551 O O   . TRP A 1 101 ? -2.715  -7.511  -3.729  1.00 12.01 ? 101 TRP A O   1 
ATOM   552 C CB  . TRP A 1 101 ? -2.047  -4.512  -2.504  1.00 11.96 ? 101 TRP A CB  1 
ATOM   553 C CG  . TRP A 1 101 ? -2.332  -4.155  -3.938  1.00 12.60 ? 101 TRP A CG  1 
ATOM   554 C CD1 . TRP A 1 101 ? -1.503  -3.548  -4.815  1.00 12.79 ? 101 TRP A CD1 1 
ATOM   555 C CD2 . TRP A 1 101 ? -3.555  -4.397  -4.656  1.00 11.94 ? 101 TRP A CD2 1 
ATOM   556 N NE1 . TRP A 1 101 ? -2.127  -3.388  -6.022  1.00 13.44 ? 101 TRP A NE1 1 
ATOM   557 C CE2 . TRP A 1 101 ? -3.370  -3.920  -5.964  1.00 12.56 ? 101 TRP A CE2 1 
ATOM   558 C CE3 . TRP A 1 101 ? -4.753  -5.022  -4.319  1.00 13.24 ? 101 TRP A CE3 1 
ATOM   559 C CZ2 . TRP A 1 101 ? -4.391  -3.963  -6.931  1.00 13.23 ? 101 TRP A CZ2 1 
ATOM   560 C CZ3 . TRP A 1 101 ? -5.757  -5.090  -5.265  1.00 14.05 ? 101 TRP A CZ3 1 
ATOM   561 C CH2 . TRP A 1 101 ? -5.569  -4.563  -6.543  1.00 13.84 ? 101 TRP A CH2 1 
ATOM   562 N N   . ASN A 1 102 ? -3.375  -7.357  -1.534  1.00 12.38 ? 102 ASN A N   1 
ATOM   563 C CA  . ASN A 1 102 ? -4.443  -8.319  -1.628  1.00 14.21 ? 102 ASN A CA  1 
ATOM   564 C C   . ASN A 1 102 ? -5.689  -7.707  -0.990  1.00 13.33 ? 102 ASN A C   1 
ATOM   565 O O   . ASN A 1 102 ? -5.828  -7.689  0.235   1.00 15.44 ? 102 ASN A O   1 
ATOM   566 C CB  . ASN A 1 102 ? -4.058  -9.643  -0.964  1.00 15.36 ? 102 ASN A CB  1 
ATOM   567 C CG  . ASN A 1 102 ? -3.032  -10.392 -1.775  1.00 18.42 ? 102 ASN A CG  1 
ATOM   568 O OD1 . ASN A 1 102 ? -3.411  -11.165 -2.653  1.00 25.19 ? 102 ASN A OD1 1 
ATOM   569 N ND2 . ASN A 1 102 ? -1.780  -10.156 -1.462  1.00 24.89 ? 102 ASN A ND2 1 
ATOM   570 N N   . ALA A 1 103 ? -6.541  -7.084  -1.796  1.00 13.17 ? 103 ALA A N   1 
ATOM   571 C CA  . ALA A 1 103 ? -7.639  -6.272  -1.290  1.00 13.00 ? 103 ALA A CA  1 
ATOM   572 C C   . ALA A 1 103 ? -8.866  -7.142  -1.094  1.00 15.77 ? 103 ALA A C   1 
ATOM   573 O O   . ALA A 1 103 ? -9.157  -8.007  -1.954  1.00 16.65 ? 103 ALA A O   1 
ATOM   574 C CB  . ALA A 1 103 ? -7.982  -5.156  -2.228  1.00 14.39 ? 103 ALA A CB  1 
ATOM   575 N N   . VAL A 1 104 ? -9.614  -6.866  -0.027  1.00 14.29 ? 104 VAL A N   1 
ATOM   576 C CA  . VAL A 1 104 ? -10.970 -7.382  0.091   1.00 14.30 ? 104 VAL A CA  1 
ATOM   577 C C   . VAL A 1 104 ? -11.894 -6.179  0.076   1.00 14.50 ? 104 VAL A C   1 
ATOM   578 O O   . VAL A 1 104 ? -11.735 -5.269  0.906   1.00 15.26 ? 104 VAL A O   1 
ATOM   579 C CB  . VAL A 1 104 ? -11.138 -8.188  1.383   1.00 14.72 ? 104 VAL A CB  1 
ATOM   580 C CG1 . VAL A 1 104 ? -12.581 -8.620  1.584   1.00 15.53 ? 104 VAL A CG1 1 
ATOM   581 C CG2 . VAL A 1 104 ? -10.163 -9.354  1.407   1.00 14.67 ? 104 VAL A CG2 1 
ATOM   582 N N   . SER A 1 105 ? -12.779 -6.073  -0.912  1.00 13.54 ? 105 SER A N   1 
ATOM   583 C CA  . SER A 1 105 ? -13.616 -4.922  -1.076  1.00 13.85 ? 105 SER A CA  1 
ATOM   584 C C   . SER A 1 105 ? -14.721 -4.926  -0.023  1.00 14.00 ? 105 SER A C   1 
ATOM   585 O O   . SER A 1 105 ? -14.966 -5.946  0.645   1.00 13.98 ? 105 SER A O   1 
ATOM   586 C CB  . SER A 1 105 ? -14.220 -4.848  -2.460  1.00 14.24 ? 105 SER A CB  1 
ATOM   587 O OG  . SER A 1 105 ? -15.294 -5.793  -2.578  1.00 15.80 ? 105 SER A OG  1 
ATOM   588 N N   . VAL A 1 106 ? -15.455 -3.807  0.079   1.00 14.84 ? 106 VAL A N   1 
ATOM   589 C CA  . VAL A 1 106 ? -16.599 -3.734  0.981   1.00 16.22 ? 106 VAL A CA  1 
ATOM   590 C C   . VAL A 1 106 ? -17.776 -4.622  0.535   1.00 15.08 ? 106 VAL A C   1 
ATOM   591 O O   . VAL A 1 106 ? -18.675 -4.871  1.324   1.00 17.08 ? 106 VAL A O   1 
ATOM   592 C CB  . VAL A 1 106 ? -17.043 -2.272  1.152   1.00 17.01 ? 106 VAL A CB  1 
ATOM   593 C CG1 . VAL A 1 106 ? -15.973 -1.487  1.908   1.00 17.81 ? 106 VAL A CG1 1 
ATOM   594 C CG2 . VAL A 1 106 ? -17.401 -1.606  -0.169  1.00 19.08 ? 106 VAL A CG2 1 
ATOM   595 N N   . ASP A 1 107 ? -17.696 -5.170  -0.666  1.00 15.85 ? 107 ASP A N   1 
ATOM   596 C CA  . ASP A 1 107 ? -18.684 -6.209  -1.142  1.00 18.02 ? 107 ASP A CA  1 
ATOM   597 C C   . ASP A 1 107 ? -18.045 -7.607  -1.173  1.00 16.01 ? 107 ASP A C   1 
ATOM   598 O O   . ASP A 1 107 ? -18.587 -8.526  -1.779  1.00 16.21 ? 107 ASP A O   1 
ATOM   599 C CB  . ASP A 1 107 ? -19.216 -5.786  -2.499  1.00 18.31 ? 107 ASP A CB  1 
ATOM   600 C CG  . ASP A 1 107 ? -20.134 -4.577  -2.466  1.00 21.99 ? 107 ASP A CG  1 
ATOM   601 O OD1 . ASP A 1 107 ? -21.020 -4.490  -1.578  1.00 21.99 ? 107 ASP A OD1 1 
ATOM   602 O OD2 . ASP A 1 107 ? -19.964 -3.712  -3.346  1.00 29.55 ? 107 ASP A OD2 1 
ATOM   603 N N   . THR A 1 108 ? -16.908 -7.773  -0.501  1.00 15.21 ? 108 THR A N   1 
ATOM   604 C CA  . THR A 1 108 ? -16.284 -9.032  -0.160  1.00 15.60 ? 108 THR A CA  1 
ATOM   605 C C   . THR A 1 108 ? -15.786 -9.739  -1.430  1.00 16.38 ? 108 THR A C   1 
ATOM   606 O O   . THR A 1 108 ? -15.767 -10.985 -1.509  1.00 15.98 ? 108 THR A O   1 
ATOM   607 C CB  . THR A 1 108 ? -17.171 -9.938  0.699   1.00 16.98 ? 108 THR A CB  1 
ATOM   608 O OG1 . THR A 1 108 ? -17.875 -9.108  1.629   1.00 19.36 ? 108 THR A OG1 1 
ATOM   609 C CG2 . THR A 1 108 ? -16.339 -10.942 1.459   1.00 17.89 ? 108 THR A CG2 1 
ATOM   610 N N   . PHE A 1 109 ? -15.285 -8.941  -2.378  1.00 14.37 ? 109 PHE A N   1 
ATOM   611 C CA  . PHE A 1 109 ? -14.648 -9.403  -3.564  1.00 15.50 ? 109 PHE A CA  1 
ATOM   612 C C   . PHE A 1 109 ? -13.143 -9.229  -3.346  1.00 16.26 ? 109 PHE A C   1 
ATOM   613 O O   . PHE A 1 109 ? -12.716 -8.142  -2.880  1.00 17.38 ? 109 PHE A O   1 
ATOM   614 C CB  . PHE A 1 109 ? -15.152 -8.626  -4.790  1.00 17.40 ? 109 PHE A CB  1 
ATOM   615 C CG  . PHE A 1 109 ? -15.236 -9.402  -6.083  1.00 19.55 ? 109 PHE A CG  1 
ATOM   616 C CD1 . PHE A 1 109 ? -16.454 -9.590  -6.718  1.00 20.48 ? 109 PHE A CD1 1 
ATOM   617 C CD2 . PHE A 1 109 ? -14.109 -9.981  -6.644  1.00 24.82 ? 109 PHE A CD2 1 
ATOM   618 C CE1 . PHE A 1 109 ? -16.544 -10.301 -7.906  1.00 23.44 ? 109 PHE A CE1 1 
ATOM   619 C CE2 . PHE A 1 109 ? -14.193 -10.681 -7.840  1.00 25.03 ? 109 PHE A CE2 1 
ATOM   620 C CZ  . PHE A 1 109 ? -15.414 -10.857 -8.460  1.00 24.52 ? 109 PHE A CZ  1 
ATOM   621 N N   . LYS A 1 110 ? -12.362 -10.283 -3.595  1.00 15.74 ? 110 LYS A N   1 
ATOM   622 C CA  . LYS A 1 110 ? -10.936 -10.284 -3.431  1.00 18.42 ? 110 LYS A CA  1 
ATOM   623 C C   . LYS A 1 110 ? -10.258 -9.951  -4.770  1.00 19.14 ? 110 LYS A C   1 
ATOM   624 O O   . LYS A 1 110 ? -10.588 -10.552 -5.822  1.00 21.81 ? 110 LYS A O   1 
ATOM   625 C CB  . LYS A 1 110 ? -10.469 -11.658 -2.937  1.00 22.47 ? 110 LYS A CB  1 
ATOM   626 C CG  . LYS A 1 110 ? -8.963  -11.806 -2.904  1.00 28.00 ? 110 LYS A CG  1 
ATOM   627 C CD  . LYS A 1 110 ? -8.477  -13.232 -2.698  1.00 32.36 ? 110 LYS A CD  1 
ATOM   628 C CE  . LYS A 1 110 ? -8.576  -13.676 -1.265  1.00 35.66 ? 110 LYS A CE  1 
ATOM   629 N NZ  . LYS A 1 110 ? -7.822  -12.767 -0.379  1.00 33.81 ? 110 LYS A NZ  1 
ATOM   630 N N   . SER A 1 111 ? -9.279  -9.037  -4.744  1.00 15.19 ? 111 SER A N   1 
ATOM   631 C CA  . SER A 1 111 ? -8.436  -8.744  -5.872  1.00 14.28 ? 111 SER A CA  1 
ATOM   632 C C   . SER A 1 111 ? -6.987  -8.599  -5.413  1.00 13.84 ? 111 SER A C   1 
ATOM   633 O O   . SER A 1 111 ? -6.701  -8.484  -4.234  1.00 14.60 ? 111 SER A O   1 
ATOM   634 C CB  . SER A 1 111 ? -8.911  -7.523  -6.590  1.00 14.65 ? 111 SER A CB  1 
ATOM   635 O OG  . SER A 1 111 ? -8.965  -6.404  -5.714  1.00 15.84 ? 111 SER A OG  1 
ATOM   636 N N   . ASN A 1 112 ? -6.059  -8.643  -6.359  1.00 14.01 ? 112 ASN A N   1 
ATOM   637 C CA  . ASN A 1 112 ? -4.677  -8.494  -5.982  1.00 13.74 ? 112 ASN A CA  1 
ATOM   638 C C   . ASN A 1 112 ? -3.889  -7.832  -7.091  1.00 13.56 ? 112 ASN A C   1 
ATOM   639 O O   . ASN A 1 112 ? -4.198  -7.996  -8.279  1.00 14.73 ? 112 ASN A O   1 
ATOM   640 C CB  . ASN A 1 112 ? -4.023  -9.811  -5.606  1.00 13.77 ? 112 ASN A CB  1 
ATOM   641 C CG  . ASN A 1 112 ? -3.800  -10.743 -6.778  1.00 15.86 ? 112 ASN A CG  1 
ATOM   642 O OD1 . ASN A 1 112 ? -4.717  -11.450 -7.207  1.00 20.24 ? 112 ASN A OD1 1 
ATOM   643 N ND2 . ASN A 1 112 ? -2.596  -10.768 -7.276  1.00 16.48 ? 112 ASN A ND2 1 
ATOM   644 N N   . GLY A 1 113 ? -2.803  -7.166  -6.715  1.00 12.66 ? 113 GLY A N   1 
ATOM   645 C CA  . GLY A 1 113 ? -1.893  -6.565  -7.667  1.00 13.38 ? 113 GLY A CA  1 
ATOM   646 C C   . GLY A 1 113 ? -0.576  -6.190  -7.044  1.00 14.18 ? 113 GLY A C   1 
ATOM   647 O O   . GLY A 1 113 ? -0.286  -6.616  -5.932  1.00 12.70 ? 113 GLY A O   1 
ATOM   648 N N   . GLU A 1 114 ? 0.189   -5.350  -7.744  1.00 14.19 ? 114 GLU A N   1 
ATOM   649 C CA  . GLU A 1 114 ? 1.456   -4.934  -7.263  1.00 15.89 ? 114 GLU A CA  1 
ATOM   650 C C   . GLU A 1 114 ? 1.901   -3.698  -8.024  1.00 17.17 ? 114 GLU A C   1 
ATOM   651 O O   . GLU A 1 114 ? 1.447   -3.441  -9.119  1.00 17.61 ? 114 GLU A O   1 
ATOM   652 C CB  . GLU A 1 114 ? 2.497   -6.050  -7.394  1.00 18.47 ? 114 GLU A CB  1 
ATOM   653 C CG  . GLU A 1 114 ? 2.934   -6.353  -8.795  1.00 21.40 ? 114 GLU A CG  1 
ATOM   654 C CD  . GLU A 1 114 ? 4.053   -7.385  -8.864  1.00 25.72 ? 114 GLU A CD  1 
ATOM   655 O OE1 . GLU A 1 114 ? 3.896   -8.486  -8.270  1.00 25.19 ? 114 GLU A OE1 1 
ATOM   656 O OE2 . GLU A 1 114 ? 5.093   -7.049  -9.449  1.00 32.88 ? 114 GLU A OE2 1 
ATOM   657 N N   . TYR A 1 115 ? 2.837   -2.984  -7.424  1.00 15.17 ? 115 TYR A N   1 
ATOM   658 C CA  . TYR A 1 115 ? 3.525   -1.884  -8.063  1.00 15.56 ? 115 TYR A CA  1 
ATOM   659 C C   . TYR A 1 115 ? 4.832   -1.632  -7.298  1.00 16.11 ? 115 TYR A C   1 
ATOM   660 O O   . TYR A 1 115 ? 5.049   -2.200  -6.208  1.00 16.21 ? 115 TYR A O   1 
ATOM   661 C CB  . TYR A 1 115 ? 2.624   -0.652  -8.123  1.00 15.18 ? 115 TYR A CB  1 
ATOM   662 C CG  . TYR A 1 115 ? 2.380   0.030   -6.806  1.00 15.53 ? 115 TYR A CG  1 
ATOM   663 C CD1 . TYR A 1 115 ? 1.415   -0.460  -5.953  1.00 15.37 ? 115 TYR A CD1 1 
ATOM   664 C CD2 . TYR A 1 115 ? 3.155   1.089   -6.371  1.00 16.49 ? 115 TYR A CD2 1 
ATOM   665 C CE1 . TYR A 1 115 ? 1.183   0.090   -4.725  1.00 15.11 ? 115 TYR A CE1 1 
ATOM   666 C CE2 . TYR A 1 115 ? 2.969   1.618   -5.097  1.00 16.00 ? 115 TYR A CE2 1 
ATOM   667 C CZ  . TYR A 1 115 ? 1.950   1.136   -4.294  1.00 14.63 ? 115 TYR A CZ  1 
ATOM   668 O OH  . TYR A 1 115 ? 1.709   1.632   -3.053  1.00 16.33 ? 115 TYR A OH  1 
ATOM   669 N N   . SER A 1 116 ? 5.690   -0.776  -7.845  1.00 16.01 ? 116 SER A N   1 
ATOM   670 C CA  . SER A 1 116 ? 6.982   -0.501  -7.281  1.00 17.08 ? 116 SER A CA  1 
ATOM   671 C C   . SER A 1 116 ? 7.231   1.006   -7.251  1.00 15.88 ? 116 SER A C   1 
ATOM   672 O O   . SER A 1 116 ? 6.593   1.783   -7.984  1.00 15.39 ? 116 SER A O   1 
ATOM   673 C CB  . SER A 1 116 ? 8.063   -1.167  -8.043  1.00 21.25 ? 116 SER A CB  1 
ATOM   674 O OG  . SER A 1 116 ? 7.928   -2.575  -7.988  1.00 25.22 ? 116 SER A OG  1 
ATOM   675 N N   . PHE A 1 117 ? 8.129   1.397   -6.341  1.00 14.04 ? 117 PHE A N   1 
ATOM   676 C CA  . PHE A 1 117 ? 8.626   2.756   -6.253  1.00 14.21 ? 117 PHE A CA  1 
ATOM   677 C C   . PHE A 1 117 ? 10.008  2.733   -5.599  1.00 14.18 ? 117 PHE A C   1 
ATOM   678 O O   . PHE A 1 117 ? 10.477  1.687   -5.083  1.00 14.55 ? 117 PHE A O   1 
ATOM   679 C CB  . PHE A 1 117 ? 7.652   3.677   -5.519  1.00 14.75 ? 117 PHE A CB  1 
ATOM   680 C CG  . PHE A 1 117 ? 7.563   3.376   -4.057  1.00 14.66 ? 117 PHE A CG  1 
ATOM   681 C CD1 . PHE A 1 117 ? 6.691   2.393   -3.605  1.00 13.41 ? 117 PHE A CD1 1 
ATOM   682 C CD2 . PHE A 1 117 ? 8.357   4.045   -3.122  1.00 15.27 ? 117 PHE A CD2 1 
ATOM   683 C CE1 . PHE A 1 117 ? 6.639   2.064   -2.257  1.00 13.13 ? 117 PHE A CE1 1 
ATOM   684 C CE2 . PHE A 1 117 ? 8.268   3.722   -1.778  1.00 13.84 ? 117 PHE A CE2 1 
ATOM   685 C CZ  . PHE A 1 117 ? 7.392   2.749   -1.356  1.00 14.10 ? 117 PHE A CZ  1 
ATOM   686 N N   . LYS A 1 118 ? 10.695  3.882   -5.635  1.00 14.27 ? 118 LYS A N   1 
ATOM   687 C CA  . LYS A 1 118 ? 12.056  3.993   -5.080  1.00 15.72 ? 118 LYS A CA  1 
ATOM   688 C C   . LYS A 1 118 ? 12.053  5.108   -4.056  1.00 14.34 ? 118 LYS A C   1 
ATOM   689 O O   . LYS A 1 118 ? 11.408  6.143   -4.283  1.00 15.52 ? 118 LYS A O   1 
ATOM   690 C CB  . LYS A 1 118 ? 13.069  4.297   -6.191  1.00 19.15 ? 118 LYS A CB  1 
ATOM   691 C CG  . LYS A 1 118 ? 13.318  3.097   -7.080  1.00 28.19 ? 118 LYS A CG  1 
ATOM   692 C CD  . LYS A 1 118 ? 14.466  3.192   -8.092  1.00 34.84 ? 118 LYS A CD  1 
ATOM   693 C CE  . LYS A 1 118 ? 14.612  1.901   -8.889  1.00 39.07 ? 118 LYS A CE  1 
ATOM   694 N NZ  . LYS A 1 118 ? 14.627  2.123   -10.358 1.00 41.49 ? 118 LYS A NZ  1 
ATOM   695 N N   . VAL A 1 119 ? 12.749  4.875   -2.954  1.00 13.03 ? 119 VAL A N   1 
ATOM   696 C CA  . VAL A 1 119 ? 13.089  5.915   -2.003  1.00 12.64 ? 119 VAL A CA  1 
ATOM   697 C C   . VAL A 1 119 ? 14.550  6.305   -2.220  1.00 14.12 ? 119 VAL A C   1 
ATOM   698 O O   . VAL A 1 119 ? 15.421  5.432   -2.229  1.00 13.88 ? 119 VAL A O   1 
ATOM   699 C CB  . VAL A 1 119 ? 12.854  5.462   -0.557  1.00 12.51 ? 119 VAL A CB  1 
ATOM   700 C CG1 . VAL A 1 119 ? 13.312  6.482   0.441   1.00 14.62 ? 119 VAL A CG1 1 
ATOM   701 C CG2 . VAL A 1 119 ? 11.398  5.117   -0.329  1.00 14.33 ? 119 VAL A CG2 1 
ATOM   702 N N   . LYS A 1 120 ? 14.774  7.605   -2.438  1.00 14.92 ? 120 LYS A N   1 
ATOM   703 C CA  . LYS A 1 120 ? 16.125  8.155   -2.615  1.00 16.15 ? 120 LYS A CA  1 
ATOM   704 C C   . LYS A 1 120 ? 16.606  8.720   -1.292  1.00 17.48 ? 120 LYS A C   1 
ATOM   705 O O   . LYS A 1 120 ? 15.809  9.119   -0.411  1.00 19.48 ? 120 LYS A O   1 
ATOM   706 C CB  . LYS A 1 120 ? 16.191  9.244   -3.691  1.00 18.98 ? 120 LYS A CB  1 
ATOM   707 C CG  . LYS A 1 120 ? 15.242  10.411  -3.509  1.00 21.48 ? 120 LYS A CG  1 
ATOM   708 C CD  . LYS A 1 120 ? 15.512  11.471  -4.557  1.00 25.08 ? 120 LYS A CD  1 
ATOM   709 C CE  . LYS A 1 120 ? 14.432  12.528  -4.647  1.00 29.29 ? 120 LYS A CE  1 
ATOM   710 N NZ  . LYS A 1 120 ? 14.749  13.498  -5.730  1.00 30.63 ? 120 LYS A NZ  1 
ATOM   711 N N   . LYS A 1 121 ? 17.930  8.825   -1.187  1.00 19.50 ? 121 LYS A N   1 
ATOM   712 C CA  . LYS A 1 121 ? 18.567  9.381   0.012   1.00 22.23 ? 121 LYS A CA  1 
ATOM   713 C C   . LYS A 1 121 ? 18.398  10.906  -0.008  1.00 26.52 ? 121 LYS A C   1 
ATOM   714 O O   . LYS A 1 121 ? 18.238  11.591  1.010   1.00 30.61 ? 121 LYS A O   1 
ATOM   715 C CB  . LYS A 1 121 ? 20.042  8.954   0.064   1.00 23.43 ? 121 LYS A CB  1 
ATOM   716 C CG  . LYS A 1 121 ? 20.262  7.455   0.112   1.00 26.85 ? 121 LYS A CG  1 
ATOM   717 C CD  . LYS A 1 121 ? 21.720  7.005   0.102   1.00 28.63 ? 121 LYS A CD  1 
ATOM   718 C CE  . LYS A 1 121 ? 21.851  5.550   -0.307  1.00 34.07 ? 121 LYS A CE  1 
ATOM   719 N NZ  . LYS A 1 121 ? 23.263  5.092   -0.366  1.00 36.53 ? 121 LYS A NZ  1 
HETATM 720 O O   . HOH B 2 .   ? 17.578  -0.059  2.613   1.00 19.60 ? 201 HOH A O   1 
HETATM 721 O O   . HOH B 2 .   ? -0.423  9.727   -5.558  1.00 15.56 ? 202 HOH A O   1 
HETATM 722 O O   . HOH B 2 .   ? 2.978   3.709   -2.622  1.00 26.29 ? 203 HOH A O   1 
HETATM 723 O O   . HOH B 2 .   ? -16.461 -5.297  -4.925  1.00 20.38 ? 204 HOH A O   1 
HETATM 724 O O   . HOH B 2 .   ? -5.902  -5.077  9.258   1.00 31.21 ? 205 HOH A O   1 
HETATM 725 O O   . HOH B 2 .   ? -10.632 8.495   10.089  1.00 31.74 ? 206 HOH A O   1 
HETATM 726 O O   . HOH B 2 .   ? -2.518  4.865   9.611   1.00 19.49 ? 207 HOH A O   1 
HETATM 727 O O   . HOH B 2 .   ? -17.224 2.955   -0.413  1.00 36.15 ? 208 HOH A O   1 
HETATM 728 O O   . HOH B 2 .   ? -18.029 3.979   6.314   1.00 34.92 ? 209 HOH A O   1 
HETATM 729 O O   . HOH B 2 .   ? 1.794   -2.095  -11.295 1.00 23.41 ? 210 HOH A O   1 
HETATM 730 O O   . HOH B 2 .   ? -7.104  8.923   10.684  1.00 29.15 ? 211 HOH A O   1 
HETATM 731 O O   . HOH B 2 .   ? 7.968   11.401  0.015   1.00 20.91 ? 212 HOH A O   1 
HETATM 732 O O   . HOH B 2 .   ? -4.926  -6.702  7.552   1.00 27.97 ? 213 HOH A O   1 
HETATM 733 O O   . HOH B 2 .   ? -11.031 8.019   0.383   1.00 30.45 ? 214 HOH A O   1 
HETATM 734 O O   . HOH B 2 .   ? 9.591   12.523  4.732   1.00 39.32 ? 215 HOH A O   1 
HETATM 735 O O   . HOH B 2 .   ? -22.373 -3.128  -4.284  1.00 46.02 ? 216 HOH A O   1 
HETATM 736 O O   . HOH B 2 .   ? 5.478   -6.702  4.426   1.00 21.54 ? 217 HOH A O   1 
HETATM 737 O O   . HOH B 2 .   ? -0.123  -9.127  0.344   1.00 29.31 ? 218 HOH A O   1 
HETATM 738 O O   . HOH B 2 .   ? -12.375 -3.749  7.817   1.00 20.98 ? 219 HOH A O   1 
HETATM 739 O O   . HOH B 2 .   ? 2.028   10.154  7.277   1.00 19.48 ? 220 HOH A O   1 
HETATM 740 O O   . HOH B 2 .   ? 14.261  7.086   6.271   1.00 22.58 ? 221 HOH A O   1 
HETATM 741 O O   . HOH B 2 .   ? 8.991   5.853   6.957   1.00 19.80 ? 222 HOH A O   1 
HETATM 742 O O   . HOH B 2 .   ? 6.915   5.604   9.183   1.00 24.81 ? 223 HOH A O   1 
HETATM 743 O O   . HOH B 2 .   ? 1.589   -9.751  -7.755  1.00 31.91 ? 224 HOH A O   1 
HETATM 744 O O   . HOH B 2 .   ? -9.517  5.835   10.911  1.00 25.74 ? 225 HOH A O   1 
HETATM 745 O O   . HOH B 2 .   ? 4.522   -7.174  8.723   1.00 35.17 ? 226 HOH A O   1 
HETATM 746 O O   . HOH B 2 .   ? -11.261 6.100   -5.867  1.00 25.27 ? 227 HOH A O   1 
HETATM 747 O O   . HOH B 2 .   ? -9.852  8.322   -1.755  1.00 34.53 ? 228 HOH A O   1 
HETATM 748 O O   . HOH B 2 .   ? 15.129  -12.185 1.442   1.00 25.01 ? 229 HOH A O   1 
HETATM 749 O O   . HOH B 2 .   ? -6.672  -7.362  10.562  1.00 25.28 ? 230 HOH A O   1 
HETATM 750 O O   . HOH B 2 .   ? 14.372  -11.463 -3.228  1.00 35.95 ? 231 HOH A O   1 
HETATM 751 O O   . HOH B 2 .   ? -10.254 5.609   3.340   1.00 14.90 ? 232 HOH A O   1 
HETATM 752 O O   . HOH B 2 .   ? -11.966 -0.567  5.867   1.00 18.82 ? 233 HOH A O   1 
HETATM 753 O O   . HOH B 2 .   ? 5.190   0.154   -10.597 1.00 21.17 ? 234 HOH A O   1 
HETATM 754 O O   . HOH B 2 .   ? -11.398 -6.318  -4.463  1.00 17.36 ? 235 HOH A O   1 
HETATM 755 O O   . HOH B 2 .   ? -1.637  2.516   8.790   1.00 16.39 ? 236 HOH A O   1 
HETATM 756 O O   . HOH B 2 .   ? -7.017  8.085   -7.589  1.00 33.00 ? 237 HOH A O   1 
HETATM 757 O O   . HOH B 2 .   ? 6.248   7.750   -11.547 1.00 19.42 ? 238 HOH A O   1 
HETATM 758 O O   . HOH B 2 .   ? 14.669  9.657   2.031   1.00 18.20 ? 239 HOH A O   1 
HETATM 759 O O   . HOH B 2 .   ? -18.717 -10.018 -4.086  1.00 15.10 ? 240 HOH A O   1 
HETATM 760 O O   . HOH B 2 .   ? 9.326   -1.942  8.621   1.00 19.58 ? 241 HOH A O   1 
HETATM 761 O O   . HOH B 2 .   ? 12.837  0.145   5.057   1.00 16.80 ? 242 HOH A O   1 
HETATM 762 O O   . HOH B 2 .   ? 11.024  -0.271  7.146   1.00 20.81 ? 243 HOH A O   1 
HETATM 763 O O   . HOH B 2 .   ? 2.835   -7.631  5.614   1.00 29.07 ? 244 HOH A O   1 
HETATM 764 O O   . HOH B 2 .   ? 0.295   -10.110 2.373   1.00 36.12 ? 245 HOH A O   1 
HETATM 765 O O   . HOH B 2 .   ? -8.466  11.308  5.034   1.00 42.64 ? 246 HOH A O   1 
HETATM 766 O O   . HOH B 2 .   ? -7.098  -10.198 -2.083  1.00 33.16 ? 247 HOH A O   1 
HETATM 767 O O   . HOH B 2 .   ? -17.579 -6.384  -8.414  1.00 28.69 ? 248 HOH A O   1 
HETATM 768 O O   . HOH B 2 .   ? -13.681 4.136   7.491   1.00 28.70 ? 249 HOH A O   1 
HETATM 769 O O   . HOH B 2 .   ? -0.455  -9.461  -6.030  1.00 17.47 ? 250 HOH A O   1 
HETATM 770 O O   . HOH B 2 .   ? -21.881 -6.552  0.121   1.00 21.94 ? 251 HOH A O   1 
HETATM 771 O O   . HOH B 2 .   ? -9.113  -11.970 -7.751  1.00 25.35 ? 252 HOH A O   1 
HETATM 772 O O   . HOH B 2 .   ? 11.938  11.762  4.395   1.00 29.85 ? 253 HOH A O   1 
HETATM 773 O O   . HOH B 2 .   ? -3.380  7.506   -2.462  1.00 17.75 ? 254 HOH A O   1 
HETATM 774 O O   . HOH B 2 .   ? 2.278   8.619   1.477   1.00 25.27 ? 255 HOH A O   1 
HETATM 775 O O   . HOH B 2 .   ? 10.610  13.387  -2.750  1.00 26.27 ? 256 HOH A O   1 
HETATM 776 O O   . HOH B 2 .   ? 11.349  7.545   -11.029 1.00 30.21 ? 257 HOH A O   1 
HETATM 777 O O   . HOH B 2 .   ? 13.212  12.279  -7.783  1.00 34.50 ? 258 HOH A O   1 
HETATM 778 O O   . HOH B 2 .   ? 9.656   10.349  -9.356  1.00 18.46 ? 259 HOH A O   1 
HETATM 779 O O   . HOH B 2 .   ? 3.145   1.565   17.197  1.00 48.04 ? 260 HOH A O   1 
HETATM 780 O O   . HOH B 2 .   ? -14.854 10.351  5.870   1.00 28.41 ? 261 HOH A O   1 
HETATM 781 O O   . HOH B 2 .   ? -3.995  -3.352  10.599  1.00 27.39 ? 262 HOH A O   1 
HETATM 782 O O   . HOH B 2 .   ? 20.891  12.587  1.479   1.00 35.01 ? 263 HOH A O   1 
HETATM 783 O O   . HOH B 2 .   ? 10.836  3.996   -9.262  1.00 30.91 ? 264 HOH A O   1 
HETATM 784 O O   . HOH B 2 .   ? -16.278 -6.998  2.992   1.00 36.04 ? 265 HOH A O   1 
HETATM 785 O O   . HOH B 2 .   ? -6.518  -10.222 1.608   1.00 24.30 ? 266 HOH A O   1 
HETATM 786 O O   . HOH B 2 .   ? -2.670  8.952   -4.841  1.00 22.11 ? 267 HOH A O   1 
HETATM 787 O O   . HOH B 2 .   ? -9.349  1.564   9.434   1.00 20.11 ? 268 HOH A O   1 
HETATM 788 O O   . HOH B 2 .   ? 4.399   10.399  -5.475  1.00 18.72 ? 269 HOH A O   1 
HETATM 789 O O   . HOH B 2 .   ? -1.054  -6.123  5.747   1.00 26.50 ? 270 HOH A O   1 
HETATM 790 O O   . HOH B 2 .   ? 5.128   10.951  4.009   1.00 32.72 ? 271 HOH A O   1 
HETATM 791 O O   . HOH B 2 .   ? 19.196  -7.176  -2.799  1.00 37.34 ? 272 HOH A O   1 
HETATM 792 O O   . HOH B 2 .   ? 11.943  -11.651 2.788   1.00 34.52 ? 273 HOH A O   1 
HETATM 793 O O   . HOH B 2 .   ? -18.848 -0.954  -3.306  1.00 37.55 ? 274 HOH A O   1 
HETATM 794 O O   . HOH B 2 .   ? 6.518   -7.033  -1.679  1.00 19.68 ? 275 HOH A O   1 
HETATM 795 O O   . HOH B 2 .   ? -4.444  10.864  1.943   1.00 25.63 ? 276 HOH A O   1 
HETATM 796 O O   . HOH B 2 .   ? -2.277  6.929   -10.897 1.00 23.10 ? 277 HOH A O   1 
HETATM 797 O O   . HOH B 2 .   ? -15.401 9.343   2.505   1.00 26.04 ? 278 HOH A O   1 
HETATM 798 O O   . HOH B 2 .   ? 25.097  7.316   -1.429  1.00 39.56 ? 279 HOH A O   1 
HETATM 799 O O   . HOH B 2 .   ? -7.180  -11.996 -5.381  1.00 20.40 ? 280 HOH A O   1 
HETATM 800 O O   . HOH B 2 .   ? -0.215  6.730   -8.795  1.00 13.00 ? 281 HOH A O   1 
HETATM 801 O O   . HOH B 2 .   ? -10.724 3.553   10.470  1.00 25.77 ? 282 HOH A O   1 
HETATM 802 O O   . HOH B 2 .   ? -0.387  9.321   -7.958  1.00 22.78 ? 283 HOH A O   1 
HETATM 803 O O   . HOH B 2 .   ? -4.701  -13.424 -9.783  1.00 40.76 ? 284 HOH A O   1 
HETATM 804 O O   . HOH B 2 .   ? 0.260   6.084   -8.973  1.00 13.22 ? 285 HOH A O   1 
HETATM 805 O O   . HOH B 2 .   ? -0.479  -11.594 -4.105  1.00 23.81 ? 286 HOH A O   1 
HETATM 806 O O   . HOH B 2 .   ? 7.545   4.771   -15.498 1.00 33.21 ? 287 HOH A O   1 
HETATM 807 O O   . HOH B 2 .   ? 22.382  1.888   -0.128  1.00 23.47 ? 288 HOH A O   1 
HETATM 808 O O   . HOH B 2 .   ? 15.224  4.760   7.663   1.00 23.94 ? 289 HOH A O   1 
HETATM 809 O O   . HOH B 2 .   ? 0.674   11.172  2.200   1.00 26.55 ? 290 HOH A O   1 
HETATM 810 O O   . HOH B 2 .   ? -5.805  9.927   3.956   1.00 31.52 ? 291 HOH A O   1 
HETATM 811 O O   . HOH B 2 .   ? 1.653   11.078  -5.828  1.00 24.67 ? 292 HOH A O   1 
HETATM 812 O O   . HOH B 2 .   ? 5.701   10.176  -0.904  1.00 22.36 ? 293 HOH A O   1 
HETATM 813 O O   . HOH B 2 .   ? 14.510  12.023  3.453   1.00 32.85 ? 294 HOH A O   1 
HETATM 814 O O   . HOH B 2 .   ? -3.816  9.620   -0.800  1.00 27.53 ? 295 HOH A O   1 
HETATM 815 O O   . HOH B 2 .   ? -15.642 -6.289  9.105   1.00 43.97 ? 296 HOH A O   1 
HETATM 816 O O   . HOH B 2 .   ? 12.699  15.179  -1.929  1.00 37.94 ? 297 HOH A O   1 
HETATM 817 O O   . HOH B 2 .   ? 6.032   11.717  -7.266  1.00 22.91 ? 298 HOH A O   1 
HETATM 818 O O   . HOH B 2 .   ? -0.958  -5.536  8.324   1.00 41.62 ? 299 HOH A O   1 
HETATM 819 O O   . HOH B 2 .   ? 3.965   10.777  1.146   1.00 22.79 ? 300 HOH A O   1 
HETATM 820 O O   . HOH B 2 .   ? -11.136 8.122   -4.088  1.00 29.43 ? 301 HOH A O   1 
HETATM 821 O O   . HOH B 2 .   ? 5.123   11.599  -3.130  1.00 24.32 ? 302 HOH A O   1 
HETATM 822 O O   . HOH B 2 .   ? 14.974  15.156  -0.301  1.00 39.51 ? 303 HOH A O   1 
HETATM 823 O O   . HOH B 2 .   ? 7.118   13.251  -3.412  1.00 35.13 ? 304 HOH A O   1 
# 
loop_
_pdbx_poly_seq_scheme.asym_id 
_pdbx_poly_seq_scheme.entity_id 
_pdbx_poly_seq_scheme.seq_id 
_pdbx_poly_seq_scheme.mon_id 
_pdbx_poly_seq_scheme.ndb_seq_num 
_pdbx_poly_seq_scheme.pdb_seq_num 
_pdbx_poly_seq_scheme.auth_seq_num 
_pdbx_poly_seq_scheme.pdb_mon_id 
_pdbx_poly_seq_scheme.auth_mon_id 
_pdbx_poly_seq_scheme.pdb_strand_id 
_pdbx_poly_seq_scheme.pdb_ins_code 
_pdbx_poly_seq_scheme.hetero 
A 1 1   MET 1   1   ?   ?   ?   A . n 
A 1 2   LEU 2   2   ?   ?   ?   A . n 
A 1 3   ILE 3   3   ?   ?   ?   A . n 
A 1 4   LYS 4   4   ?   ?   ?   A . n 
A 1 5   LYS 5   5   ?   ?   ?   A . n 
A 1 6   ALA 6   6   ?   ?   ?   A . n 
A 1 7   LEU 7   7   ?   ?   ?   A . n 
A 1 8   THR 8   8   ?   ?   ?   A . n 
A 1 9   ALA 9   9   ?   ?   ?   A . n 
A 1 10  VAL 10  10  ?   ?   ?   A . n 
A 1 11  ALA 11  11  ?   ?   ?   A . n 
A 1 12  LEU 12  12  ?   ?   ?   A . n 
A 1 13  LEU 13  13  ?   ?   ?   A . n 
A 1 14  ALA 14  14  ?   ?   ?   A . n 
A 1 15  SER 15  15  ?   ?   ?   A . n 
A 1 16  LEU 16  16  ?   ?   ?   A . n 
A 1 17  LEU 17  17  ?   ?   ?   A . n 
A 1 18  GLY 18  18  ?   ?   ?   A . n 
A 1 19  ALA 19  19  ?   ?   ?   A . n 
A 1 20  SER 20  20  ?   ?   ?   A . n 
A 1 21  ALA 21  21  ?   ?   ?   A . n 
A 1 22  ALA 22  22  ?   ?   ?   A . n 
A 1 23  PHE 23  23  ?   ?   ?   A . n 
A 1 24  ALA 24  24  ?   ?   ?   A . n 
A 1 25  PHE 25  25  25  PHE PHE A . n 
A 1 26  ALA 26  26  26  ALA ALA A . n 
A 1 27  HIS 27  27  27  HIS HIS A . n 
A 1 28  LEU 28  28  28  LEU LEU A . n 
A 1 29  LYS 29  29  29  LYS LYS A . n 
A 1 30  SER 30  30  30  SER SER A . n 
A 1 31  ALA 31  31  31  ALA ALA A . n 
A 1 32  THR 32  32  32  THR THR A . n 
A 1 33  PRO 33  33  33  PRO PRO A . n 
A 1 34  ALA 34  34  34  ALA ALA A . n 
A 1 35  ALA 35  35  35  ALA ALA A . n 
A 1 36  ASP 36  36  36  ASP ASP A . n 
A 1 37  SER 37  37  37  SER SER A . n 
A 1 38  THR 38  38  38  THR THR A . n 
A 1 39  VAL 39  39  39  VAL VAL A . n 
A 1 40  ALA 40  40  40  ALA ALA A . n 
A 1 41  ALA 41  41  41  ALA ALA A . n 
A 1 42  PRO 42  42  42  PRO PRO A . n 
A 1 43  ALA 43  43  43  ALA ALA A . n 
A 1 44  ASP 44  44  44  ASP ASP A . n 
A 1 45  LEU 45  45  45  LEU LEU A . n 
A 1 46  ARG 46  46  46  ARG ARG A . n 
A 1 47  LEU 47  47  47  LEU LEU A . n 
A 1 48  THR 48  48  48  THR THR A . n 
A 1 49  PHE 49  49  49  PHE PHE A . n 
A 1 50  SER 50  50  50  SER SER A . n 
A 1 51  GLU 51  51  51  GLU GLU A . n 
A 1 52  GLY 52  52  52  GLY GLY A . n 
A 1 53  VAL 53  53  53  VAL VAL A . n 
A 1 54  GLU 54  54  54  GLU GLU A . n 
A 1 55  ALA 55  55  55  ALA ALA A . n 
A 1 56  THR 56  56  56  THR THR A . n 
A 1 57  PHE 57  57  57  PHE PHE A . n 
A 1 58  THR 58  58  58  THR THR A . n 
A 1 59  LYS 59  59  59  LYS LYS A . n 
A 1 60  VAL 60  60  60  VAL VAL A . n 
A 1 61  SER 61  61  61  SER SER A . n 
A 1 62  LEU 62  62  62  LEU LEU A . n 
A 1 63  SER 63  63  63  SER SER A . n 
A 1 64  LYS 64  64  64  LYS LYS A . n 
A 1 65  ASP 65  65  65  ASP ASP A . n 
A 1 66  GLY 66  66  66  GLY GLY A . n 
A 1 67  THR 67  67  67  THR THR A . n 
A 1 68  GLU 68  68  68  GLU GLU A . n 
A 1 69  VAL 69  69  69  VAL VAL A . n 
A 1 70  ALA 70  70  70  ALA ALA A . n 
A 1 71  ILE 71  71  71  ILE ILE A . n 
A 1 72  LYS 72  72  72  LYS LYS A . n 
A 1 73  GLY 73  73  73  GLY GLY A . n 
A 1 74  LEU 74  74  74  LEU LEU A . n 
A 1 75  GLU 75  75  75  GLU GLU A . n 
A 1 76  THR 76  76  76  THR THR A . n 
A 1 77  PRO 77  77  77  PRO PRO A . n 
A 1 78  ASP 78  78  78  ASP ASP A . n 
A 1 79  ALA 79  79  79  ALA ALA A . n 
A 1 80  ASP 80  80  80  ASP ASP A . n 
A 1 81  LYS 81  81  81  LYS LYS A . n 
A 1 82  LYS 82  82  82  LYS LYS A . n 
A 1 83  THR 83  83  83  THR THR A . n 
A 1 84  LEU 84  84  84  LEU LEU A . n 
A 1 85  VAL 85  85  85  VAL VAL A . n 
A 1 86  VAL 86  86  86  VAL VAL A . n 
A 1 87  THR 87  87  87  THR THR A . n 
A 1 88  PRO 88  88  88  PRO PRO A . n 
A 1 89  ALA 89  89  89  ALA ALA A . n 
A 1 90  ALA 90  90  90  ALA ALA A . n 
A 1 91  PRO 91  91  91  PRO PRO A . n 
A 1 92  LEU 92  92  92  LEU LEU A . n 
A 1 93  ALA 93  93  93  ALA ALA A . n 
A 1 94  ALA 94  94  94  ALA ALA A . n 
A 1 95  GLY 95  95  95  GLY GLY A . n 
A 1 96  ASN 96  96  96  ASN ASN A . n 
A 1 97  TYR 97  97  97  TYR TYR A . n 
A 1 98  LYS 98  98  98  LYS LYS A . n 
A 1 99  VAL 99  99  99  VAL VAL A . n 
A 1 100 VAL 100 100 100 VAL VAL A . n 
A 1 101 TRP 101 101 101 TRP TRP A . n 
A 1 102 ASN 102 102 102 ASN ASN A . n 
A 1 103 ALA 103 103 103 ALA ALA A . n 
A 1 104 VAL 104 104 104 VAL VAL A . n 
A 1 105 SER 105 105 105 SER SER A . n 
A 1 106 VAL 106 106 106 VAL VAL A . n 
A 1 107 ASP 107 107 107 ASP ASP A . n 
A 1 108 THR 108 108 108 THR THR A . n 
A 1 109 PHE 109 109 109 PHE PHE A . n 
A 1 110 LYS 110 110 110 LYS LYS A . n 
A 1 111 SER 111 111 111 SER SER A . n 
A 1 112 ASN 112 112 112 ASN ASN A . n 
A 1 113 GLY 113 113 113 GLY GLY A . n 
A 1 114 GLU 114 114 114 GLU GLU A . n 
A 1 115 TYR 115 115 115 TYR TYR A . n 
A 1 116 SER 116 116 116 SER SER A . n 
A 1 117 PHE 117 117 117 PHE PHE A . n 
A 1 118 LYS 118 118 118 LYS LYS A . n 
A 1 119 VAL 119 119 119 VAL VAL A . n 
A 1 120 LYS 120 120 120 LYS LYS A . n 
A 1 121 LYS 121 121 121 LYS LYS A . n 
A 1 122 LYS 122 122 ?   ?   ?   A . n 
# 
loop_
_pdbx_nonpoly_scheme.asym_id 
_pdbx_nonpoly_scheme.entity_id 
_pdbx_nonpoly_scheme.mon_id 
_pdbx_nonpoly_scheme.ndb_seq_num 
_pdbx_nonpoly_scheme.pdb_seq_num 
_pdbx_nonpoly_scheme.auth_seq_num 
_pdbx_nonpoly_scheme.pdb_mon_id 
_pdbx_nonpoly_scheme.auth_mon_id 
_pdbx_nonpoly_scheme.pdb_strand_id 
_pdbx_nonpoly_scheme.pdb_ins_code 
B 2 HOH 1   201 47  HOH HOH A . 
B 2 HOH 2   202 85  HOH HOH A . 
B 2 HOH 3   203 2   HOH HOH A . 
B 2 HOH 4   204 26  HOH HOH A . 
B 2 HOH 5   205 56  HOH HOH A . 
B 2 HOH 6   206 81  HOH HOH A . 
B 2 HOH 7   207 29  HOH HOH A . 
B 2 HOH 8   208 107 HOH HOH A . 
B 2 HOH 9   209 79  HOH HOH A . 
B 2 HOH 10  210 57  HOH HOH A . 
B 2 HOH 11  211 58  HOH HOH A . 
B 2 HOH 12  212 38  HOH HOH A . 
B 2 HOH 13  213 88  HOH HOH A . 
B 2 HOH 14  214 75  HOH HOH A . 
B 2 HOH 15  215 101 HOH HOH A . 
B 2 HOH 16  216 97  HOH HOH A . 
B 2 HOH 17  217 9   HOH HOH A . 
B 2 HOH 18  218 70  HOH HOH A . 
B 2 HOH 19  219 15  HOH HOH A . 
B 2 HOH 20  220 27  HOH HOH A . 
B 2 HOH 21  221 37  HOH HOH A . 
B 2 HOH 22  222 36  HOH HOH A . 
B 2 HOH 23  223 48  HOH HOH A . 
B 2 HOH 24  224 91  HOH HOH A . 
B 2 HOH 25  225 52  HOH HOH A . 
B 2 HOH 26  226 90  HOH HOH A . 
B 2 HOH 27  227 43  HOH HOH A . 
B 2 HOH 28  228 73  HOH HOH A . 
B 2 HOH 29  229 50  HOH HOH A . 
B 2 HOH 30  230 41  HOH HOH A . 
B 2 HOH 31  231 118 HOH HOH A . 
B 2 HOH 32  232 12  HOH HOH A . 
B 2 HOH 33  233 11  HOH HOH A . 
B 2 HOH 34  234 40  HOH HOH A . 
B 2 HOH 35  235 1   HOH HOH A . 
B 2 HOH 36  236 3   HOH HOH A . 
B 2 HOH 37  237 114 HOH HOH A . 
B 2 HOH 38  238 14  HOH HOH A . 
B 2 HOH 39  239 17  HOH HOH A . 
B 2 HOH 40  240 5   HOH HOH A . 
B 2 HOH 41  241 4   HOH HOH A . 
B 2 HOH 42  242 23  HOH HOH A . 
B 2 HOH 43  243 18  HOH HOH A . 
B 2 HOH 44  244 74  HOH HOH A . 
B 2 HOH 45  245 104 HOH HOH A . 
B 2 HOH 46  246 115 HOH HOH A . 
B 2 HOH 47  247 16  HOH HOH A . 
B 2 HOH 48  248 204 HOH HOH A . 
B 2 HOH 49  249 72  HOH HOH A . 
B 2 HOH 50  250 7   HOH HOH A . 
B 2 HOH 51  251 21  HOH HOH A . 
B 2 HOH 52  252 33  HOH HOH A . 
B 2 HOH 53  253 77  HOH HOH A . 
B 2 HOH 54  254 8   HOH HOH A . 
B 2 HOH 55  255 51  HOH HOH A . 
B 2 HOH 56  256 13  HOH HOH A . 
B 2 HOH 57  257 89  HOH HOH A . 
B 2 HOH 58  258 96  HOH HOH A . 
B 2 HOH 59  259 22  HOH HOH A . 
B 2 HOH 60  260 86  HOH HOH A . 
B 2 HOH 61  261 31  HOH HOH A . 
B 2 HOH 62  262 49  HOH HOH A . 
B 2 HOH 63  263 68  HOH HOH A . 
B 2 HOH 64  264 44  HOH HOH A . 
B 2 HOH 65  265 99  HOH HOH A . 
B 2 HOH 66  266 42  HOH HOH A . 
B 2 HOH 67  267 24  HOH HOH A . 
B 2 HOH 68  268 30  HOH HOH A . 
B 2 HOH 69  269 10  HOH HOH A . 
B 2 HOH 70  270 53  HOH HOH A . 
B 2 HOH 71  271 92  HOH HOH A . 
B 2 HOH 72  272 69  HOH HOH A . 
B 2 HOH 73  273 93  HOH HOH A . 
B 2 HOH 74  274 76  HOH HOH A . 
B 2 HOH 75  275 19  HOH HOH A . 
B 2 HOH 76  276 20  HOH HOH A . 
B 2 HOH 77  277 28  HOH HOH A . 
B 2 HOH 78  278 25  HOH HOH A . 
B 2 HOH 79  279 206 HOH HOH A . 
B 2 HOH 80  280 6   HOH HOH A . 
B 2 HOH 81  281 84  HOH HOH A . 
B 2 HOH 82  282 34  HOH HOH A . 
B 2 HOH 83  283 35  HOH HOH A . 
B 2 HOH 84  284 98  HOH HOH A . 
B 2 HOH 85  285 83  HOH HOH A . 
B 2 HOH 86  286 46  HOH HOH A . 
B 2 HOH 87  287 60  HOH HOH A . 
B 2 HOH 88  288 61  HOH HOH A . 
B 2 HOH 89  289 67  HOH HOH A . 
B 2 HOH 90  290 65  HOH HOH A . 
B 2 HOH 91  291 59  HOH HOH A . 
B 2 HOH 92  292 32  HOH HOH A . 
B 2 HOH 93  293 66  HOH HOH A . 
B 2 HOH 94  294 82  HOH HOH A . 
B 2 HOH 95  295 54  HOH HOH A . 
B 2 HOH 96  296 203 HOH HOH A . 
B 2 HOH 97  297 110 HOH HOH A . 
B 2 HOH 98  298 63  HOH HOH A . 
B 2 HOH 99  299 201 HOH HOH A . 
B 2 HOH 100 300 64  HOH HOH A . 
B 2 HOH 101 301 78  HOH HOH A . 
B 2 HOH 102 302 45  HOH HOH A . 
B 2 HOH 103 303 200 HOH HOH A . 
B 2 HOH 104 304 55  HOH HOH A . 
# 
_pdbx_struct_assembly.id                   1 
_pdbx_struct_assembly.details              author_and_software_defined_assembly 
_pdbx_struct_assembly.method_details       PISA 
_pdbx_struct_assembly.oligomeric_details   monomeric 
_pdbx_struct_assembly.oligomeric_count     1 
# 
_pdbx_struct_assembly_gen.assembly_id       1 
_pdbx_struct_assembly_gen.oper_expression   1 
_pdbx_struct_assembly_gen.asym_id_list      A,B 
# 
loop_
_pdbx_struct_assembly_prop.biol_id 
_pdbx_struct_assembly_prop.type 
_pdbx_struct_assembly_prop.value 
_pdbx_struct_assembly_prop.details 
1 'ABSA (A^2)' 0    ? 
1 MORE         0    ? 
1 'SSA (A^2)'  5500 ? 
# 
_pdbx_struct_oper_list.id                   1 
_pdbx_struct_oper_list.type                 'identity operation' 
_pdbx_struct_oper_list.name                 1_555 
_pdbx_struct_oper_list.symmetry_operation   x,y,z 
_pdbx_struct_oper_list.matrix[1][1]         1.0000000000 
_pdbx_struct_oper_list.matrix[1][2]         0.0000000000 
_pdbx_struct_oper_list.matrix[1][3]         0.0000000000 
_pdbx_struct_oper_list.vector[1]            0.0000000000 
_pdbx_struct_oper_list.matrix[2][1]         0.0000000000 
_pdbx_struct_oper_list.matrix[2][2]         1.0000000000 
_pdbx_struct_oper_list.matrix[2][3]         0.0000000000 
_pdbx_struct_oper_list.vector[2]            0.0000000000 
_pdbx_struct_oper_list.matrix[3][1]         0.0000000000 
_pdbx_struct_oper_list.matrix[3][2]         0.0000000000 
_pdbx_struct_oper_list.matrix[3][3]         1.0000000000 
_pdbx_struct_oper_list.vector[3]            0.0000000000 
# 
loop_
_pdbx_audit_revision_history.ordinal 
_pdbx_audit_revision_history.data_content_type 
_pdbx_audit_revision_history.major_revision 
_pdbx_audit_revision_history.minor_revision 
_pdbx_audit_revision_history.revision_date 
1 'Structure model' 1 0 2019-04-24 
2 'Structure model' 1 1 2020-01-01 
3 'Structure model' 1 2 2023-10-11 
# 
_pdbx_audit_revision_details.ordinal             1 
_pdbx_audit_revision_details.revision_ordinal    1 
_pdbx_audit_revision_details.data_content_type   'Structure model' 
_pdbx_audit_revision_details.provider            repository 
_pdbx_audit_revision_details.type                'Initial release' 
_pdbx_audit_revision_details.description         ? 
_pdbx_audit_revision_details.details             ? 
# 
loop_
_pdbx_audit_revision_group.ordinal 
_pdbx_audit_revision_group.revision_ordinal 
_pdbx_audit_revision_group.data_content_type 
_pdbx_audit_revision_group.group 
1 2 'Structure model' 'Author supporting evidence' 
2 3 'Structure model' 'Data collection'            
3 3 'Structure model' 'Database references'        
4 3 'Structure model' 'Refinement description'     
# 
loop_
_pdbx_audit_revision_category.ordinal 
_pdbx_audit_revision_category.revision_ordinal 
_pdbx_audit_revision_category.data_content_type 
_pdbx_audit_revision_category.category 
1 2 'Structure model' pdbx_audit_support            
2 3 'Structure model' chem_comp_atom                
3 3 'Structure model' chem_comp_bond                
4 3 'Structure model' database_2                    
5 3 'Structure model' pdbx_initial_refinement_model 
# 
loop_
_pdbx_audit_revision_item.ordinal 
_pdbx_audit_revision_item.revision_ordinal 
_pdbx_audit_revision_item.data_content_type 
_pdbx_audit_revision_item.item 
1 2 'Structure model' '_pdbx_audit_support.funding_organization' 
2 3 'Structure model' '_database_2.pdbx_DOI'                     
3 3 'Structure model' '_database_2.pdbx_database_accession'      
# 
loop_
_software.citation_id 
_software.classification 
_software.compiler_name 
_software.compiler_version 
_software.contact_author 
_software.contact_author_email 
_software.date 
_software.description 
_software.dependencies 
_software.hardware 
_software.language 
_software.location 
_software.mods 
_software.name 
_software.os 
_software.os_version 
_software.type 
_software.version 
_software.pdbx_ordinal 
? 'data reduction' ? ? ? ? ? ? ? ? ? ? ? HKL-2000  ? ? ? 5.8.0230 1 
? 'data scaling'   ? ? ? ? ? ? ? ? ? ? ? SCALEPACK ? ? ? .        2 
? phasing          ? ? ? ? ? ? ? ? ? ? ? PHASER    ? ? ? .        3 
? refinement       ? ? ? ? ? ? ? ? ? ? ? REFMAC    ? ? ? .        4 
# 
loop_
_pdbx_validate_close_contact.id 
_pdbx_validate_close_contact.PDB_model_num 
_pdbx_validate_close_contact.auth_atom_id_1 
_pdbx_validate_close_contact.auth_asym_id_1 
_pdbx_validate_close_contact.auth_comp_id_1 
_pdbx_validate_close_contact.auth_seq_id_1 
_pdbx_validate_close_contact.PDB_ins_code_1 
_pdbx_validate_close_contact.label_alt_id_1 
_pdbx_validate_close_contact.auth_atom_id_2 
_pdbx_validate_close_contact.auth_asym_id_2 
_pdbx_validate_close_contact.auth_comp_id_2 
_pdbx_validate_close_contact.auth_seq_id_2 
_pdbx_validate_close_contact.PDB_ins_code_2 
_pdbx_validate_close_contact.label_alt_id_2 
_pdbx_validate_close_contact.dist 
1 1 O  A HOH 281 ? ? O A HOH 285 ? ? 0.82 
2 1 NZ A LYS 64  ? ? O A HOH 201 ? ? 1.59 
3 1 CE A LYS 64  ? ? O A HOH 201 ? ? 2.02 
# 
loop_
_pdbx_unobs_or_zero_occ_residues.id 
_pdbx_unobs_or_zero_occ_residues.PDB_model_num 
_pdbx_unobs_or_zero_occ_residues.polymer_flag 
_pdbx_unobs_or_zero_occ_residues.occupancy_flag 
_pdbx_unobs_or_zero_occ_residues.auth_asym_id 
_pdbx_unobs_or_zero_occ_residues.auth_comp_id 
_pdbx_unobs_or_zero_occ_residues.auth_seq_id 
_pdbx_unobs_or_zero_occ_residues.PDB_ins_code 
_pdbx_unobs_or_zero_occ_residues.label_asym_id 
_pdbx_unobs_or_zero_occ_residues.label_comp_id 
_pdbx_unobs_or_zero_occ_residues.label_seq_id 
1  1 Y 1 A MET 1   ? A MET 1   
2  1 Y 1 A LEU 2   ? A LEU 2   
3  1 Y 1 A ILE 3   ? A ILE 3   
4  1 Y 1 A LYS 4   ? A LYS 4   
5  1 Y 1 A LYS 5   ? A LYS 5   
6  1 Y 1 A ALA 6   ? A ALA 6   
7  1 Y 1 A LEU 7   ? A LEU 7   
8  1 Y 1 A THR 8   ? A THR 8   
9  1 Y 1 A ALA 9   ? A ALA 9   
10 1 Y 1 A VAL 10  ? A VAL 10  
11 1 Y 1 A ALA 11  ? A ALA 11  
12 1 Y 1 A LEU 12  ? A LEU 12  
13 1 Y 1 A LEU 13  ? A LEU 13  
14 1 Y 1 A ALA 14  ? A ALA 14  
15 1 Y 1 A SER 15  ? A SER 15  
16 1 Y 1 A LEU 16  ? A LEU 16  
17 1 Y 1 A LEU 17  ? A LEU 17  
18 1 Y 1 A GLY 18  ? A GLY 18  
19 1 Y 1 A ALA 19  ? A ALA 19  
20 1 Y 1 A SER 20  ? A SER 20  
21 1 Y 1 A ALA 21  ? A ALA 21  
22 1 Y 1 A ALA 22  ? A ALA 22  
23 1 Y 1 A PHE 23  ? A PHE 23  
24 1 Y 1 A ALA 24  ? A ALA 24  
25 1 Y 1 A LYS 122 ? A LYS 122 
# 
loop_
_chem_comp_atom.comp_id 
_chem_comp_atom.atom_id 
_chem_comp_atom.type_symbol 
_chem_comp_atom.pdbx_aromatic_flag 
_chem_comp_atom.pdbx_stereo_config 
_chem_comp_atom.pdbx_ordinal 
ALA N    N N N 1   
ALA CA   C N S 2   
ALA C    C N N 3   
ALA O    O N N 4   
ALA CB   C N N 5   
ALA OXT  O N N 6   
ALA H    H N N 7   
ALA H2   H N N 8   
ALA HA   H N N 9   
ALA HB1  H N N 10  
ALA HB2  H N N 11  
ALA HB3  H N N 12  
ALA HXT  H N N 13  
ARG N    N N N 14  
ARG CA   C N S 15  
ARG C    C N N 16  
ARG O    O N N 17  
ARG CB   C N N 18  
ARG CG   C N N 19  
ARG CD   C N N 20  
ARG NE   N N N 21  
ARG CZ   C N N 22  
ARG NH1  N N N 23  
ARG NH2  N N N 24  
ARG OXT  O N N 25  
ARG H    H N N 26  
ARG H2   H N N 27  
ARG HA   H N N 28  
ARG HB2  H N N 29  
ARG HB3  H N N 30  
ARG HG2  H N N 31  
ARG HG3  H N N 32  
ARG HD2  H N N 33  
ARG HD3  H N N 34  
ARG HE   H N N 35  
ARG HH11 H N N 36  
ARG HH12 H N N 37  
ARG HH21 H N N 38  
ARG HH22 H N N 39  
ARG HXT  H N N 40  
ASN N    N N N 41  
ASN CA   C N S 42  
ASN C    C N N 43  
ASN O    O N N 44  
ASN CB   C N N 45  
ASN CG   C N N 46  
ASN OD1  O N N 47  
ASN ND2  N N N 48  
ASN OXT  O N N 49  
ASN H    H N N 50  
ASN H2   H N N 51  
ASN HA   H N N 52  
ASN HB2  H N N 53  
ASN HB3  H N N 54  
ASN HD21 H N N 55  
ASN HD22 H N N 56  
ASN HXT  H N N 57  
ASP N    N N N 58  
ASP CA   C N S 59  
ASP C    C N N 60  
ASP O    O N N 61  
ASP CB   C N N 62  
ASP CG   C N N 63  
ASP OD1  O N N 64  
ASP OD2  O N N 65  
ASP OXT  O N N 66  
ASP H    H N N 67  
ASP H2   H N N 68  
ASP HA   H N N 69  
ASP HB2  H N N 70  
ASP HB3  H N N 71  
ASP HD2  H N N 72  
ASP HXT  H N N 73  
GLU N    N N N 74  
GLU CA   C N S 75  
GLU C    C N N 76  
GLU O    O N N 77  
GLU CB   C N N 78  
GLU CG   C N N 79  
GLU CD   C N N 80  
GLU OE1  O N N 81  
GLU OE2  O N N 82  
GLU OXT  O N N 83  
GLU H    H N N 84  
GLU H2   H N N 85  
GLU HA   H N N 86  
GLU HB2  H N N 87  
GLU HB3  H N N 88  
GLU HG2  H N N 89  
GLU HG3  H N N 90  
GLU HE2  H N N 91  
GLU HXT  H N N 92  
GLY N    N N N 93  
GLY CA   C N N 94  
GLY C    C N N 95  
GLY O    O N N 96  
GLY OXT  O N N 97  
GLY H    H N N 98  
GLY H2   H N N 99  
GLY HA2  H N N 100 
GLY HA3  H N N 101 
GLY HXT  H N N 102 
HIS N    N N N 103 
HIS CA   C N S 104 
HIS C    C N N 105 
HIS O    O N N 106 
HIS CB   C N N 107 
HIS CG   C Y N 108 
HIS ND1  N Y N 109 
HIS CD2  C Y N 110 
HIS CE1  C Y N 111 
HIS NE2  N Y N 112 
HIS OXT  O N N 113 
HIS H    H N N 114 
HIS H2   H N N 115 
HIS HA   H N N 116 
HIS HB2  H N N 117 
HIS HB3  H N N 118 
HIS HD1  H N N 119 
HIS HD2  H N N 120 
HIS HE1  H N N 121 
HIS HE2  H N N 122 
HIS HXT  H N N 123 
HOH O    O N N 124 
HOH H1   H N N 125 
HOH H2   H N N 126 
ILE N    N N N 127 
ILE CA   C N S 128 
ILE C    C N N 129 
ILE O    O N N 130 
ILE CB   C N S 131 
ILE CG1  C N N 132 
ILE CG2  C N N 133 
ILE CD1  C N N 134 
ILE OXT  O N N 135 
ILE H    H N N 136 
ILE H2   H N N 137 
ILE HA   H N N 138 
ILE HB   H N N 139 
ILE HG12 H N N 140 
ILE HG13 H N N 141 
ILE HG21 H N N 142 
ILE HG22 H N N 143 
ILE HG23 H N N 144 
ILE HD11 H N N 145 
ILE HD12 H N N 146 
ILE HD13 H N N 147 
ILE HXT  H N N 148 
LEU N    N N N 149 
LEU CA   C N S 150 
LEU C    C N N 151 
LEU O    O N N 152 
LEU CB   C N N 153 
LEU CG   C N N 154 
LEU CD1  C N N 155 
LEU CD2  C N N 156 
LEU OXT  O N N 157 
LEU H    H N N 158 
LEU H2   H N N 159 
LEU HA   H N N 160 
LEU HB2  H N N 161 
LEU HB3  H N N 162 
LEU HG   H N N 163 
LEU HD11 H N N 164 
LEU HD12 H N N 165 
LEU HD13 H N N 166 
LEU HD21 H N N 167 
LEU HD22 H N N 168 
LEU HD23 H N N 169 
LEU HXT  H N N 170 
LYS N    N N N 171 
LYS CA   C N S 172 
LYS C    C N N 173 
LYS O    O N N 174 
LYS CB   C N N 175 
LYS CG   C N N 176 
LYS CD   C N N 177 
LYS CE   C N N 178 
LYS NZ   N N N 179 
LYS OXT  O N N 180 
LYS H    H N N 181 
LYS H2   H N N 182 
LYS HA   H N N 183 
LYS HB2  H N N 184 
LYS HB3  H N N 185 
LYS HG2  H N N 186 
LYS HG3  H N N 187 
LYS HD2  H N N 188 
LYS HD3  H N N 189 
LYS HE2  H N N 190 
LYS HE3  H N N 191 
LYS HZ1  H N N 192 
LYS HZ2  H N N 193 
LYS HZ3  H N N 194 
LYS HXT  H N N 195 
MET N    N N N 196 
MET CA   C N S 197 
MET C    C N N 198 
MET O    O N N 199 
MET CB   C N N 200 
MET CG   C N N 201 
MET SD   S N N 202 
MET CE   C N N 203 
MET OXT  O N N 204 
MET H    H N N 205 
MET H2   H N N 206 
MET HA   H N N 207 
MET HB2  H N N 208 
MET HB3  H N N 209 
MET HG2  H N N 210 
MET HG3  H N N 211 
MET HE1  H N N 212 
MET HE2  H N N 213 
MET HE3  H N N 214 
MET HXT  H N N 215 
PHE N    N N N 216 
PHE CA   C N S 217 
PHE C    C N N 218 
PHE O    O N N 219 
PHE CB   C N N 220 
PHE CG   C Y N 221 
PHE CD1  C Y N 222 
PHE CD2  C Y N 223 
PHE CE1  C Y N 224 
PHE CE2  C Y N 225 
PHE CZ   C Y N 226 
PHE OXT  O N N 227 
PHE H    H N N 228 
PHE H2   H N N 229 
PHE HA   H N N 230 
PHE HB2  H N N 231 
PHE HB3  H N N 232 
PHE HD1  H N N 233 
PHE HD2  H N N 234 
PHE HE1  H N N 235 
PHE HE2  H N N 236 
PHE HZ   H N N 237 
PHE HXT  H N N 238 
PRO N    N N N 239 
PRO CA   C N S 240 
PRO C    C N N 241 
PRO O    O N N 242 
PRO CB   C N N 243 
PRO CG   C N N 244 
PRO CD   C N N 245 
PRO OXT  O N N 246 
PRO H    H N N 247 
PRO HA   H N N 248 
PRO HB2  H N N 249 
PRO HB3  H N N 250 
PRO HG2  H N N 251 
PRO HG3  H N N 252 
PRO HD2  H N N 253 
PRO HD3  H N N 254 
PRO HXT  H N N 255 
SER N    N N N 256 
SER CA   C N S 257 
SER C    C N N 258 
SER O    O N N 259 
SER CB   C N N 260 
SER OG   O N N 261 
SER OXT  O N N 262 
SER H    H N N 263 
SER H2   H N N 264 
SER HA   H N N 265 
SER HB2  H N N 266 
SER HB3  H N N 267 
SER HG   H N N 268 
SER HXT  H N N 269 
THR N    N N N 270 
THR CA   C N S 271 
THR C    C N N 272 
THR O    O N N 273 
THR CB   C N R 274 
THR OG1  O N N 275 
THR CG2  C N N 276 
THR OXT  O N N 277 
THR H    H N N 278 
THR H2   H N N 279 
THR HA   H N N 280 
THR HB   H N N 281 
THR HG1  H N N 282 
THR HG21 H N N 283 
THR HG22 H N N 284 
THR HG23 H N N 285 
THR HXT  H N N 286 
TRP N    N N N 287 
TRP CA   C N S 288 
TRP C    C N N 289 
TRP O    O N N 290 
TRP CB   C N N 291 
TRP CG   C Y N 292 
TRP CD1  C Y N 293 
TRP CD2  C Y N 294 
TRP NE1  N Y N 295 
TRP CE2  C Y N 296 
TRP CE3  C Y N 297 
TRP CZ2  C Y N 298 
TRP CZ3  C Y N 299 
TRP CH2  C Y N 300 
TRP OXT  O N N 301 
TRP H    H N N 302 
TRP H2   H N N 303 
TRP HA   H N N 304 
TRP HB2  H N N 305 
TRP HB3  H N N 306 
TRP HD1  H N N 307 
TRP HE1  H N N 308 
TRP HE3  H N N 309 
TRP HZ2  H N N 310 
TRP HZ3  H N N 311 
TRP HH2  H N N 312 
TRP HXT  H N N 313 
TYR N    N N N 314 
TYR CA   C N S 315 
TYR C    C N N 316 
TYR O    O N N 317 
TYR CB   C N N 318 
TYR CG   C Y N 319 
TYR CD1  C Y N 320 
TYR CD2  C Y N 321 
TYR CE1  C Y N 322 
TYR CE2  C Y N 323 
TYR CZ   C Y N 324 
TYR OH   O N N 325 
TYR OXT  O N N 326 
TYR H    H N N 327 
TYR H2   H N N 328 
TYR HA   H N N 329 
TYR HB2  H N N 330 
TYR HB3  H N N 331 
TYR HD1  H N N 332 
TYR HD2  H N N 333 
TYR HE1  H N N 334 
TYR HE2  H N N 335 
TYR HH   H N N 336 
TYR HXT  H N N 337 
VAL N    N N N 338 
VAL CA   C N S 339 
VAL C    C N N 340 
VAL O    O N N 341 
VAL CB   C N N 342 
VAL CG1  C N N 343 
VAL CG2  C N N 344 
VAL OXT  O N N 345 
VAL H    H N N 346 
VAL H2   H N N 347 
VAL HA   H N N 348 
VAL HB   H N N 349 
VAL HG11 H N N 350 
VAL HG12 H N N 351 
VAL HG13 H N N 352 
VAL HG21 H N N 353 
VAL HG22 H N N 354 
VAL HG23 H N N 355 
VAL HXT  H N N 356 
# 
loop_
_chem_comp_bond.comp_id 
_chem_comp_bond.atom_id_1 
_chem_comp_bond.atom_id_2 
_chem_comp_bond.value_order 
_chem_comp_bond.pdbx_aromatic_flag 
_chem_comp_bond.pdbx_stereo_config 
_chem_comp_bond.pdbx_ordinal 
ALA N   CA   sing N N 1   
ALA N   H    sing N N 2   
ALA N   H2   sing N N 3   
ALA CA  C    sing N N 4   
ALA CA  CB   sing N N 5   
ALA CA  HA   sing N N 6   
ALA C   O    doub N N 7   
ALA C   OXT  sing N N 8   
ALA CB  HB1  sing N N 9   
ALA CB  HB2  sing N N 10  
ALA CB  HB3  sing N N 11  
ALA OXT HXT  sing N N 12  
ARG N   CA   sing N N 13  
ARG N   H    sing N N 14  
ARG N   H2   sing N N 15  
ARG CA  C    sing N N 16  
ARG CA  CB   sing N N 17  
ARG CA  HA   sing N N 18  
ARG C   O    doub N N 19  
ARG C   OXT  sing N N 20  
ARG CB  CG   sing N N 21  
ARG CB  HB2  sing N N 22  
ARG CB  HB3  sing N N 23  
ARG CG  CD   sing N N 24  
ARG CG  HG2  sing N N 25  
ARG CG  HG3  sing N N 26  
ARG CD  NE   sing N N 27  
ARG CD  HD2  sing N N 28  
ARG CD  HD3  sing N N 29  
ARG NE  CZ   sing N N 30  
ARG NE  HE   sing N N 31  
ARG CZ  NH1  sing N N 32  
ARG CZ  NH2  doub N N 33  
ARG NH1 HH11 sing N N 34  
ARG NH1 HH12 sing N N 35  
ARG NH2 HH21 sing N N 36  
ARG NH2 HH22 sing N N 37  
ARG OXT HXT  sing N N 38  
ASN N   CA   sing N N 39  
ASN N   H    sing N N 40  
ASN N   H2   sing N N 41  
ASN CA  C    sing N N 42  
ASN CA  CB   sing N N 43  
ASN CA  HA   sing N N 44  
ASN C   O    doub N N 45  
ASN C   OXT  sing N N 46  
ASN CB  CG   sing N N 47  
ASN CB  HB2  sing N N 48  
ASN CB  HB3  sing N N 49  
ASN CG  OD1  doub N N 50  
ASN CG  ND2  sing N N 51  
ASN ND2 HD21 sing N N 52  
ASN ND2 HD22 sing N N 53  
ASN OXT HXT  sing N N 54  
ASP N   CA   sing N N 55  
ASP N   H    sing N N 56  
ASP N   H2   sing N N 57  
ASP CA  C    sing N N 58  
ASP CA  CB   sing N N 59  
ASP CA  HA   sing N N 60  
ASP C   O    doub N N 61  
ASP C   OXT  sing N N 62  
ASP CB  CG   sing N N 63  
ASP CB  HB2  sing N N 64  
ASP CB  HB3  sing N N 65  
ASP CG  OD1  doub N N 66  
ASP CG  OD2  sing N N 67  
ASP OD2 HD2  sing N N 68  
ASP OXT HXT  sing N N 69  
GLU N   CA   sing N N 70  
GLU N   H    sing N N 71  
GLU N   H2   sing N N 72  
GLU CA  C    sing N N 73  
GLU CA  CB   sing N N 74  
GLU CA  HA   sing N N 75  
GLU C   O    doub N N 76  
GLU C   OXT  sing N N 77  
GLU CB  CG   sing N N 78  
GLU CB  HB2  sing N N 79  
GLU CB  HB3  sing N N 80  
GLU CG  CD   sing N N 81  
GLU CG  HG2  sing N N 82  
GLU CG  HG3  sing N N 83  
GLU CD  OE1  doub N N 84  
GLU CD  OE2  sing N N 85  
GLU OE2 HE2  sing N N 86  
GLU OXT HXT  sing N N 87  
GLY N   CA   sing N N 88  
GLY N   H    sing N N 89  
GLY N   H2   sing N N 90  
GLY CA  C    sing N N 91  
GLY CA  HA2  sing N N 92  
GLY CA  HA3  sing N N 93  
GLY C   O    doub N N 94  
GLY C   OXT  sing N N 95  
GLY OXT HXT  sing N N 96  
HIS N   CA   sing N N 97  
HIS N   H    sing N N 98  
HIS N   H2   sing N N 99  
HIS CA  C    sing N N 100 
HIS CA  CB   sing N N 101 
HIS CA  HA   sing N N 102 
HIS C   O    doub N N 103 
HIS C   OXT  sing N N 104 
HIS CB  CG   sing N N 105 
HIS CB  HB2  sing N N 106 
HIS CB  HB3  sing N N 107 
HIS CG  ND1  sing Y N 108 
HIS CG  CD2  doub Y N 109 
HIS ND1 CE1  doub Y N 110 
HIS ND1 HD1  sing N N 111 
HIS CD2 NE2  sing Y N 112 
HIS CD2 HD2  sing N N 113 
HIS CE1 NE2  sing Y N 114 
HIS CE1 HE1  sing N N 115 
HIS NE2 HE2  sing N N 116 
HIS OXT HXT  sing N N 117 
HOH O   H1   sing N N 118 
HOH O   H2   sing N N 119 
ILE N   CA   sing N N 120 
ILE N   H    sing N N 121 
ILE N   H2   sing N N 122 
ILE CA  C    sing N N 123 
ILE CA  CB   sing N N 124 
ILE CA  HA   sing N N 125 
ILE C   O    doub N N 126 
ILE C   OXT  sing N N 127 
ILE CB  CG1  sing N N 128 
ILE CB  CG2  sing N N 129 
ILE CB  HB   sing N N 130 
ILE CG1 CD1  sing N N 131 
ILE CG1 HG12 sing N N 132 
ILE CG1 HG13 sing N N 133 
ILE CG2 HG21 sing N N 134 
ILE CG2 HG22 sing N N 135 
ILE CG2 HG23 sing N N 136 
ILE CD1 HD11 sing N N 137 
ILE CD1 HD12 sing N N 138 
ILE CD1 HD13 sing N N 139 
ILE OXT HXT  sing N N 140 
LEU N   CA   sing N N 141 
LEU N   H    sing N N 142 
LEU N   H2   sing N N 143 
LEU CA  C    sing N N 144 
LEU CA  CB   sing N N 145 
LEU CA  HA   sing N N 146 
LEU C   O    doub N N 147 
LEU C   OXT  sing N N 148 
LEU CB  CG   sing N N 149 
LEU CB  HB2  sing N N 150 
LEU CB  HB3  sing N N 151 
LEU CG  CD1  sing N N 152 
LEU CG  CD2  sing N N 153 
LEU CG  HG   sing N N 154 
LEU CD1 HD11 sing N N 155 
LEU CD1 HD12 sing N N 156 
LEU CD1 HD13 sing N N 157 
LEU CD2 HD21 sing N N 158 
LEU CD2 HD22 sing N N 159 
LEU CD2 HD23 sing N N 160 
LEU OXT HXT  sing N N 161 
LYS N   CA   sing N N 162 
LYS N   H    sing N N 163 
LYS N   H2   sing N N 164 
LYS CA  C    sing N N 165 
LYS CA  CB   sing N N 166 
LYS CA  HA   sing N N 167 
LYS C   O    doub N N 168 
LYS C   OXT  sing N N 169 
LYS CB  CG   sing N N 170 
LYS CB  HB2  sing N N 171 
LYS CB  HB3  sing N N 172 
LYS CG  CD   sing N N 173 
LYS CG  HG2  sing N N 174 
LYS CG  HG3  sing N N 175 
LYS CD  CE   sing N N 176 
LYS CD  HD2  sing N N 177 
LYS CD  HD3  sing N N 178 
LYS CE  NZ   sing N N 179 
LYS CE  HE2  sing N N 180 
LYS CE  HE3  sing N N 181 
LYS NZ  HZ1  sing N N 182 
LYS NZ  HZ2  sing N N 183 
LYS NZ  HZ3  sing N N 184 
LYS OXT HXT  sing N N 185 
MET N   CA   sing N N 186 
MET N   H    sing N N 187 
MET N   H2   sing N N 188 
MET CA  C    sing N N 189 
MET CA  CB   sing N N 190 
MET CA  HA   sing N N 191 
MET C   O    doub N N 192 
MET C   OXT  sing N N 193 
MET CB  CG   sing N N 194 
MET CB  HB2  sing N N 195 
MET CB  HB3  sing N N 196 
MET CG  SD   sing N N 197 
MET CG  HG2  sing N N 198 
MET CG  HG3  sing N N 199 
MET SD  CE   sing N N 200 
MET CE  HE1  sing N N 201 
MET CE  HE2  sing N N 202 
MET CE  HE3  sing N N 203 
MET OXT HXT  sing N N 204 
PHE N   CA   sing N N 205 
PHE N   H    sing N N 206 
PHE N   H2   sing N N 207 
PHE CA  C    sing N N 208 
PHE CA  CB   sing N N 209 
PHE CA  HA   sing N N 210 
PHE C   O    doub N N 211 
PHE C   OXT  sing N N 212 
PHE CB  CG   sing N N 213 
PHE CB  HB2  sing N N 214 
PHE CB  HB3  sing N N 215 
PHE CG  CD1  doub Y N 216 
PHE CG  CD2  sing Y N 217 
PHE CD1 CE1  sing Y N 218 
PHE CD1 HD1  sing N N 219 
PHE CD2 CE2  doub Y N 220 
PHE CD2 HD2  sing N N 221 
PHE CE1 CZ   doub Y N 222 
PHE CE1 HE1  sing N N 223 
PHE CE2 CZ   sing Y N 224 
PHE CE2 HE2  sing N N 225 
PHE CZ  HZ   sing N N 226 
PHE OXT HXT  sing N N 227 
PRO N   CA   sing N N 228 
PRO N   CD   sing N N 229 
PRO N   H    sing N N 230 
PRO CA  C    sing N N 231 
PRO CA  CB   sing N N 232 
PRO CA  HA   sing N N 233 
PRO C   O    doub N N 234 
PRO C   OXT  sing N N 235 
PRO CB  CG   sing N N 236 
PRO CB  HB2  sing N N 237 
PRO CB  HB3  sing N N 238 
PRO CG  CD   sing N N 239 
PRO CG  HG2  sing N N 240 
PRO CG  HG3  sing N N 241 
PRO CD  HD2  sing N N 242 
PRO CD  HD3  sing N N 243 
PRO OXT HXT  sing N N 244 
SER N   CA   sing N N 245 
SER N   H    sing N N 246 
SER N   H2   sing N N 247 
SER CA  C    sing N N 248 
SER CA  CB   sing N N 249 
SER CA  HA   sing N N 250 
SER C   O    doub N N 251 
SER C   OXT  sing N N 252 
SER CB  OG   sing N N 253 
SER CB  HB2  sing N N 254 
SER CB  HB3  sing N N 255 
SER OG  HG   sing N N 256 
SER OXT HXT  sing N N 257 
THR N   CA   sing N N 258 
THR N   H    sing N N 259 
THR N   H2   sing N N 260 
THR CA  C    sing N N 261 
THR CA  CB   sing N N 262 
THR CA  HA   sing N N 263 
THR C   O    doub N N 264 
THR C   OXT  sing N N 265 
THR CB  OG1  sing N N 266 
THR CB  CG2  sing N N 267 
THR CB  HB   sing N N 268 
THR OG1 HG1  sing N N 269 
THR CG2 HG21 sing N N 270 
THR CG2 HG22 sing N N 271 
THR CG2 HG23 sing N N 272 
THR OXT HXT  sing N N 273 
TRP N   CA   sing N N 274 
TRP N   H    sing N N 275 
TRP N   H2   sing N N 276 
TRP CA  C    sing N N 277 
TRP CA  CB   sing N N 278 
TRP CA  HA   sing N N 279 
TRP C   O    doub N N 280 
TRP C   OXT  sing N N 281 
TRP CB  CG   sing N N 282 
TRP CB  HB2  sing N N 283 
TRP CB  HB3  sing N N 284 
TRP CG  CD1  doub Y N 285 
TRP CG  CD2  sing Y N 286 
TRP CD1 NE1  sing Y N 287 
TRP CD1 HD1  sing N N 288 
TRP CD2 CE2  doub Y N 289 
TRP CD2 CE3  sing Y N 290 
TRP NE1 CE2  sing Y N 291 
TRP NE1 HE1  sing N N 292 
TRP CE2 CZ2  sing Y N 293 
TRP CE3 CZ3  doub Y N 294 
TRP CE3 HE3  sing N N 295 
TRP CZ2 CH2  doub Y N 296 
TRP CZ2 HZ2  sing N N 297 
TRP CZ3 CH2  sing Y N 298 
TRP CZ3 HZ3  sing N N 299 
TRP CH2 HH2  sing N N 300 
TRP OXT HXT  sing N N 301 
TYR N   CA   sing N N 302 
TYR N   H    sing N N 303 
TYR N   H2   sing N N 304 
TYR CA  C    sing N N 305 
TYR CA  CB   sing N N 306 
TYR CA  HA   sing N N 307 
TYR C   O    doub N N 308 
TYR C   OXT  sing N N 309 
TYR CB  CG   sing N N 310 
TYR CB  HB2  sing N N 311 
TYR CB  HB3  sing N N 312 
TYR CG  CD1  doub Y N 313 
TYR CG  CD2  sing Y N 314 
TYR CD1 CE1  sing Y N 315 
TYR CD1 HD1  sing N N 316 
TYR CD2 CE2  doub Y N 317 
TYR CD2 HD2  sing N N 318 
TYR CE1 CZ   doub Y N 319 
TYR CE1 HE1  sing N N 320 
TYR CE2 CZ   sing Y N 321 
TYR CE2 HE2  sing N N 322 
TYR CZ  OH   sing N N 323 
TYR OH  HH   sing N N 324 
TYR OXT HXT  sing N N 325 
VAL N   CA   sing N N 326 
VAL N   H    sing N N 327 
VAL N   H2   sing N N 328 
VAL CA  C    sing N N 329 
VAL CA  CB   sing N N 330 
VAL CA  HA   sing N N 331 
VAL C   O    doub N N 332 
VAL C   OXT  sing N N 333 
VAL CB  CG1  sing N N 334 
VAL CB  CG2  sing N N 335 
VAL CB  HB   sing N N 336 
VAL CG1 HG11 sing N N 337 
VAL CG1 HG12 sing N N 338 
VAL CG1 HG13 sing N N 339 
VAL CG2 HG21 sing N N 340 
VAL CG2 HG22 sing N N 341 
VAL CG2 HG23 sing N N 342 
VAL OXT HXT  sing N N 343 
# 
loop_
_pdbx_audit_support.funding_organization 
_pdbx_audit_support.country 
_pdbx_audit_support.grant_number 
_pdbx_audit_support.ordinal 
'Australian Research Council (ARC)' Australia DP140102746 1 
'Australian Research Council (ARC)' Australia DP130100728 2 
# 
_pdbx_entity_nonpoly.entity_id   2 
_pdbx_entity_nonpoly.name        water 
_pdbx_entity_nonpoly.comp_id     HOH 
# 
_pdbx_initial_refinement_model.id               1 
_pdbx_initial_refinement_model.entity_id_list   ? 
_pdbx_initial_refinement_model.type             'experimental model' 
_pdbx_initial_refinement_model.source_name      PDB 
_pdbx_initial_refinement_model.accession_code   6NFR 
_pdbx_initial_refinement_model.details          'PDB entry 6NFR' 
# 
_pdbx_struct_assembly_auth_evidence.id                     1 
_pdbx_struct_assembly_auth_evidence.assembly_id            1 
_pdbx_struct_assembly_auth_evidence.experimental_support   none 
_pdbx_struct_assembly_auth_evidence.details                ? 
# 
